data_1ZMB
#
_entry.id   1ZMB
#
_cell.length_a   70.999
_cell.length_b   87.936
_cell.length_c   103.510
_cell.angle_alpha   106.50
_cell.angle_beta   100.22
_cell.angle_gamma   113.80
#
_symmetry.space_group_name_H-M   'P 1'
#
loop_
_entity.id
_entity.type
_entity.pdbx_description
1 polymer 'Acetylxylan esterase related enzyme'
2 water water
#
_entity_poly.entity_id   1
_entity_poly.type   'polypeptide(L)'
_entity_poly.pdbx_seq_one_letter_code
;(MSE)VKSFL(MSE)LGQSN(MSE)AGRGFINEVP(MSE)IYNERIQ(MSE)LRNGRWQ(MSE)(MSE)TEPINYDRPVS
GISLAGSFADAWSQKNQEDIIGLIPCAEGGSSIDEWALDGVLFRHALTEAKFA(MSE)ESSELTGILWHQGESDSLNGNY
KVYYKKLLLIIEALRKELNVPDIPIIIGGLGDFLGKERFGKGCTEYNFINKELQKFAFEQDNCYFVTASGLTCNPDGIHI
DAISQRKFGLRYFEAFFNRKHVLEPLINENELLNLNYARTHTKAEKIYIKS(MSE)DFALGKISYDEFTSEL(MSE)KIN
NDLEHHHHHH
;
_entity_poly.pdbx_strand_id   A,B,C,D,E,F
#
# COMPACT_ATOMS: atom_id res chain seq x y z
N MSE A 1 -50.53 10.12 -8.65
CA MSE A 1 -49.39 9.32 -8.12
C MSE A 1 -48.95 8.28 -9.15
O MSE A 1 -49.31 8.36 -10.35
CB MSE A 1 -49.78 8.60 -6.81
CG MSE A 1 -50.84 7.50 -6.95
SE MSE A 1 -51.16 6.33 -5.36
CE MSE A 1 -52.77 7.19 -4.59
N VAL A 2 -48.16 7.32 -8.70
CA VAL A 2 -47.65 6.25 -9.56
C VAL A 2 -48.28 4.93 -9.09
N LYS A 3 -48.98 4.26 -10.01
CA LYS A 3 -49.61 2.99 -9.70
C LYS A 3 -48.68 1.90 -10.17
N SER A 4 -48.10 1.17 -9.24
CA SER A 4 -47.16 0.10 -9.59
C SER A 4 -47.82 -1.27 -9.71
N PHE A 5 -47.26 -2.10 -10.59
CA PHE A 5 -47.75 -3.44 -10.82
C PHE A 5 -46.58 -4.43 -10.80
N LEU A 6 -46.62 -5.37 -9.86
CA LEU A 6 -45.57 -6.38 -9.73
C LEU A 6 -45.77 -7.51 -10.72
N MSE A 7 -44.71 -7.82 -11.46
CA MSE A 7 -44.72 -8.89 -12.46
C MSE A 7 -44.01 -10.16 -11.94
O MSE A 7 -42.82 -10.14 -11.63
CB MSE A 7 -44.00 -8.43 -13.73
CG MSE A 7 -44.56 -7.18 -14.38
SE MSE A 7 -43.55 -6.67 -15.97
CE MSE A 7 -42.34 -5.40 -15.17
N LEU A 8 -44.75 -11.26 -11.86
CA LEU A 8 -44.19 -12.50 -11.37
C LEU A 8 -44.47 -13.64 -12.33
N GLY A 9 -43.62 -14.66 -12.31
CA GLY A 9 -43.84 -15.79 -13.19
C GLY A 9 -42.61 -16.31 -13.90
N GLN A 10 -42.89 -17.04 -14.97
CA GLN A 10 -41.86 -17.65 -15.81
C GLN A 10 -41.50 -16.73 -16.97
N SER A 11 -40.86 -17.30 -17.99
CA SER A 11 -40.43 -16.53 -19.14
C SER A 11 -41.57 -15.93 -19.95
N ASN A 12 -42.73 -16.56 -19.92
CA ASN A 12 -43.85 -16.05 -20.67
C ASN A 12 -44.47 -14.80 -20.04
N MSE A 13 -44.02 -14.44 -18.84
CA MSE A 13 -44.48 -13.23 -18.17
C MSE A 13 -43.40 -12.17 -18.42
O MSE A 13 -43.72 -11.02 -18.65
CB MSE A 13 -44.63 -13.41 -16.65
CG MSE A 13 -44.74 -12.08 -15.86
SE MSE A 13 -46.19 -10.81 -16.41
CE MSE A 13 -47.76 -11.78 -15.85
N ALA A 14 -42.14 -12.58 -18.36
CA ALA A 14 -41.04 -11.67 -18.60
C ALA A 14 -41.06 -11.23 -20.06
N GLY A 15 -41.66 -12.06 -20.90
CA GLY A 15 -41.76 -11.75 -22.31
C GLY A 15 -40.61 -12.22 -23.16
N ARG A 16 -40.94 -12.96 -24.20
CA ARG A 16 -39.92 -13.50 -25.11
C ARG A 16 -40.29 -13.22 -26.57
N GLY A 17 -41.30 -12.36 -26.77
CA GLY A 17 -41.73 -12.02 -28.11
C GLY A 17 -40.66 -11.21 -28.82
N PHE A 18 -40.48 -11.43 -30.11
CA PHE A 18 -39.46 -10.69 -30.86
C PHE A 18 -39.86 -9.22 -30.98
N ILE A 19 -39.07 -8.31 -30.44
CA ILE A 19 -39.43 -6.90 -30.48
C ILE A 19 -39.55 -6.27 -31.89
N ASN A 20 -39.04 -6.95 -32.92
CA ASN A 20 -39.11 -6.41 -34.27
C ASN A 20 -40.38 -6.84 -35.02
N GLU A 21 -41.27 -7.55 -34.35
CA GLU A 21 -42.47 -8.04 -34.99
C GLU A 21 -43.72 -7.29 -34.55
N VAL A 22 -43.54 -6.37 -33.62
CA VAL A 22 -44.65 -5.61 -33.08
C VAL A 22 -44.20 -4.15 -32.92
N PRO A 23 -45.11 -3.20 -33.13
CA PRO A 23 -44.77 -1.78 -33.00
C PRO A 23 -44.34 -1.39 -31.60
N MSE A 24 -43.34 -0.50 -31.54
CA MSE A 24 -42.80 -0.02 -30.27
C MSE A 24 -43.82 0.84 -29.52
O MSE A 24 -44.58 1.61 -30.11
CB MSE A 24 -41.53 0.81 -30.53
CG MSE A 24 -40.77 1.21 -29.27
SE MSE A 24 -39.39 2.61 -29.49
CE MSE A 24 -39.35 3.30 -27.66
N ILE A 25 -43.83 0.69 -28.20
CA ILE A 25 -44.74 1.44 -27.34
C ILE A 25 -43.91 2.45 -26.56
N TYR A 26 -44.08 3.73 -26.90
CA TYR A 26 -43.35 4.81 -26.24
C TYR A 26 -44.38 5.68 -25.52
N ASN A 27 -44.55 5.42 -24.23
CA ASN A 27 -45.52 6.16 -23.44
C ASN A 27 -44.82 6.74 -22.24
N GLU A 28 -44.65 8.05 -22.20
CA GLU A 28 -43.96 8.70 -21.09
C GLU A 28 -44.71 8.54 -19.76
N ARG A 29 -45.91 8.00 -19.82
CA ARG A 29 -46.73 7.80 -18.65
C ARG A 29 -46.66 6.34 -18.17
N ILE A 30 -45.86 5.55 -18.88
CA ILE A 30 -45.63 4.16 -18.52
C ILE A 30 -44.16 4.06 -18.11
N GLN A 31 -43.91 3.57 -16.90
CA GLN A 31 -42.54 3.42 -16.40
C GLN A 31 -42.16 2.03 -15.88
N MSE A 32 -40.86 1.79 -15.78
CA MSE A 32 -40.34 0.51 -15.29
C MSE A 32 -39.38 0.75 -14.16
O MSE A 32 -38.77 1.81 -14.08
CB MSE A 32 -39.64 -0.26 -16.42
CG MSE A 32 -38.59 0.54 -17.12
SE MSE A 32 -37.82 -0.34 -18.63
CE MSE A 32 -39.29 -1.32 -19.28
N LEU A 33 -39.20 -0.23 -13.29
CA LEU A 33 -38.29 -0.08 -12.16
C LEU A 33 -36.86 -0.50 -12.49
N ARG A 34 -35.91 0.44 -12.47
CA ARG A 34 -34.49 0.17 -12.74
C ARG A 34 -33.71 0.41 -11.45
N ASN A 35 -33.12 -0.66 -10.94
CA ASN A 35 -32.37 -0.64 -9.70
C ASN A 35 -32.97 0.29 -8.65
N GLY A 36 -34.19 -0.05 -8.24
CA GLY A 36 -34.90 0.67 -7.21
C GLY A 36 -35.79 1.87 -7.55
N ARG A 37 -35.53 2.54 -8.67
CA ARG A 37 -36.35 3.70 -9.01
C ARG A 37 -37.01 3.65 -10.37
N TRP A 38 -37.90 4.61 -10.63
CA TRP A 38 -38.63 4.63 -11.90
C TRP A 38 -37.89 5.26 -13.07
N GLN A 39 -38.05 4.64 -14.22
CA GLN A 39 -37.42 5.09 -15.44
C GLN A 39 -38.46 4.86 -16.52
N MSE A 40 -38.38 5.60 -17.61
CA MSE A 40 -39.36 5.45 -18.68
C MSE A 40 -39.30 4.05 -19.28
O MSE A 40 -38.24 3.59 -19.70
CB MSE A 40 -39.13 6.46 -19.79
CG MSE A 40 -40.38 7.25 -20.13
SE MSE A 40 -40.48 7.77 -21.98
CE MSE A 40 -41.52 6.30 -22.63
N MSE A 41 -40.45 3.40 -19.35
CA MSE A 41 -40.55 2.06 -19.88
C MSE A 41 -40.11 1.93 -21.34
O MSE A 41 -40.52 2.71 -22.19
CB MSE A 41 -41.97 1.54 -19.71
CG MSE A 41 -42.20 0.11 -20.14
SE MSE A 41 -42.20 -0.12 -22.06
CE MSE A 41 -44.09 -0.49 -22.30
N THR A 42 -39.27 0.93 -21.59
CA THR A 42 -38.75 0.61 -22.92
C THR A 42 -38.47 -0.89 -22.91
N GLU A 43 -39.17 -1.64 -23.75
CA GLU A 43 -38.99 -3.09 -23.83
C GLU A 43 -37.59 -3.38 -24.36
N PRO A 44 -36.93 -4.44 -23.85
CA PRO A 44 -37.34 -5.41 -22.82
C PRO A 44 -37.57 -4.84 -21.43
N ILE A 45 -38.76 -5.07 -20.89
CA ILE A 45 -39.09 -4.58 -19.57
C ILE A 45 -38.46 -5.47 -18.49
N ASN A 46 -38.64 -6.78 -18.63
CA ASN A 46 -38.14 -7.77 -17.69
C ASN A 46 -36.89 -8.43 -18.27
N TYR A 47 -35.76 -7.75 -18.19
CA TYR A 47 -34.52 -8.26 -18.76
C TYR A 47 -33.80 -9.33 -17.89
N ASP A 48 -34.41 -10.51 -17.74
CA ASP A 48 -33.82 -11.57 -16.92
C ASP A 48 -32.84 -12.40 -17.71
N ARG A 49 -32.91 -12.29 -19.02
CA ARG A 49 -32.04 -13.01 -19.91
C ARG A 49 -31.73 -12.13 -21.09
N PRO A 50 -30.57 -12.34 -21.73
CA PRO A 50 -30.21 -11.52 -22.87
C PRO A 50 -31.21 -11.71 -24.00
N VAL A 51 -32.12 -12.66 -23.86
CA VAL A 51 -33.11 -12.91 -24.90
C VAL A 51 -34.48 -12.33 -24.58
N SER A 52 -34.60 -11.62 -23.48
CA SER A 52 -35.90 -11.02 -23.13
C SER A 52 -36.41 -10.08 -24.24
N GLY A 53 -37.70 -10.18 -24.54
CA GLY A 53 -38.29 -9.33 -25.55
C GLY A 53 -39.64 -8.74 -25.18
N ILE A 54 -40.62 -8.89 -26.07
CA ILE A 54 -41.94 -8.34 -25.84
C ILE A 54 -42.69 -9.03 -24.72
N SER A 55 -43.16 -8.24 -23.78
CA SER A 55 -43.92 -8.75 -22.65
C SER A 55 -45.41 -8.36 -22.77
N LEU A 56 -46.27 -9.03 -22.01
CA LEU A 56 -47.71 -8.73 -22.04
C LEU A 56 -47.98 -7.50 -21.20
N ALA A 57 -47.00 -7.12 -20.39
CA ALA A 57 -47.16 -5.95 -19.52
C ALA A 57 -47.07 -4.67 -20.34
N GLY A 58 -46.56 -4.77 -21.56
CA GLY A 58 -46.47 -3.59 -22.40
C GLY A 58 -47.85 -3.08 -22.81
N SER A 59 -48.63 -3.94 -23.46
CA SER A 59 -49.94 -3.51 -23.89
C SER A 59 -50.82 -3.30 -22.67
N PHE A 60 -50.56 -4.04 -21.58
CA PHE A 60 -51.37 -3.88 -20.37
C PHE A 60 -51.28 -2.45 -19.87
N ALA A 61 -50.07 -1.91 -19.85
CA ALA A 61 -49.80 -0.56 -19.39
C ALA A 61 -50.34 0.47 -20.38
N ASP A 62 -50.17 0.22 -21.67
CA ASP A 62 -50.62 1.13 -22.69
C ASP A 62 -52.15 1.30 -22.57
N ALA A 63 -52.85 0.18 -22.36
CA ALA A 63 -54.30 0.20 -22.24
C ALA A 63 -54.71 0.84 -20.92
N TRP A 64 -53.85 0.71 -19.93
CA TRP A 64 -54.13 1.26 -18.63
C TRP A 64 -54.01 2.78 -18.68
N SER A 65 -53.01 3.26 -19.42
CA SER A 65 -52.79 4.69 -19.51
C SER A 65 -53.92 5.41 -20.26
N GLN A 66 -54.65 4.68 -21.08
CA GLN A 66 -55.74 5.25 -21.84
C GLN A 66 -57.01 5.40 -21.03
N LYS A 67 -57.12 4.63 -19.95
CA LYS A 67 -58.27 4.70 -19.07
C LYS A 67 -57.94 5.55 -17.85
N ASN A 68 -56.71 6.06 -17.80
CA ASN A 68 -56.27 6.89 -16.69
C ASN A 68 -55.28 7.90 -17.24
N GLN A 69 -55.79 8.92 -17.94
CA GLN A 69 -54.95 9.95 -18.52
C GLN A 69 -54.20 10.77 -17.47
N GLU A 70 -54.57 10.62 -16.21
CA GLU A 70 -53.94 11.41 -15.16
C GLU A 70 -52.69 10.82 -14.52
N ASP A 71 -52.77 9.56 -14.08
CA ASP A 71 -51.64 8.94 -13.41
C ASP A 71 -50.64 8.22 -14.31
N ILE A 72 -49.59 7.71 -13.68
CA ILE A 72 -48.56 6.98 -14.42
C ILE A 72 -48.48 5.56 -13.87
N ILE A 73 -48.33 4.59 -14.76
CA ILE A 73 -48.25 3.19 -14.33
C ILE A 73 -46.80 2.70 -14.27
N GLY A 74 -46.44 2.16 -13.11
CA GLY A 74 -45.09 1.66 -12.93
C GLY A 74 -45.04 0.14 -12.94
N LEU A 75 -44.14 -0.41 -13.74
CA LEU A 75 -43.97 -1.86 -13.84
C LEU A 75 -42.77 -2.32 -13.02
N ILE A 76 -42.95 -3.41 -12.28
CA ILE A 76 -41.89 -4.00 -11.44
C ILE A 76 -41.58 -5.39 -12.00
N PRO A 77 -40.51 -5.52 -12.82
CA PRO A 77 -40.08 -6.77 -13.45
C PRO A 77 -39.40 -7.75 -12.49
N CYS A 78 -40.08 -8.84 -12.18
CA CYS A 78 -39.52 -9.83 -11.26
C CYS A 78 -39.77 -11.25 -11.73
N ALA A 79 -39.90 -11.45 -13.03
CA ALA A 79 -40.15 -12.77 -13.61
C ALA A 79 -38.84 -13.47 -13.93
N GLU A 80 -38.74 -14.77 -13.64
CA GLU A 80 -37.52 -15.54 -13.93
C GLU A 80 -37.81 -16.65 -14.91
N GLY A 81 -37.06 -16.69 -16.00
CA GLY A 81 -37.27 -17.75 -16.98
C GLY A 81 -36.93 -19.12 -16.42
N GLY A 82 -37.69 -20.13 -16.82
CA GLY A 82 -37.44 -21.48 -16.36
C GLY A 82 -37.78 -21.75 -14.90
N SER A 83 -38.19 -20.73 -14.16
CA SER A 83 -38.52 -20.93 -12.76
C SER A 83 -39.79 -21.76 -12.64
N SER A 84 -39.85 -22.60 -11.61
CA SER A 84 -41.01 -23.44 -11.38
C SER A 84 -41.67 -22.97 -10.10
N ILE A 85 -42.88 -23.44 -9.86
CA ILE A 85 -43.59 -23.05 -8.67
C ILE A 85 -42.74 -23.28 -7.42
N ASP A 86 -41.93 -24.33 -7.41
CA ASP A 86 -41.06 -24.62 -6.25
C ASP A 86 -39.97 -23.58 -6.08
N GLU A 87 -39.46 -23.08 -7.18
CA GLU A 87 -38.43 -22.07 -7.12
C GLU A 87 -39.03 -20.77 -6.59
N TRP A 88 -40.36 -20.66 -6.64
CA TRP A 88 -41.02 -19.45 -6.13
C TRP A 88 -41.46 -19.54 -4.67
N ALA A 89 -40.95 -20.53 -3.96
CA ALA A 89 -41.29 -20.72 -2.54
C ALA A 89 -40.95 -19.49 -1.72
N LEU A 90 -41.71 -19.25 -0.66
CA LEU A 90 -41.46 -18.09 0.20
C LEU A 90 -40.01 -17.90 0.60
N ASP A 91 -39.34 -18.99 0.97
CA ASP A 91 -37.95 -18.91 1.38
C ASP A 91 -37.02 -18.72 0.20
N GLY A 92 -37.54 -18.99 -0.99
CA GLY A 92 -36.77 -18.85 -2.22
C GLY A 92 -36.08 -17.51 -2.39
N VAL A 93 -35.11 -17.46 -3.31
CA VAL A 93 -34.38 -16.22 -3.53
C VAL A 93 -35.12 -15.33 -4.51
N LEU A 94 -35.74 -15.91 -5.53
CA LEU A 94 -36.43 -15.08 -6.48
C LEU A 94 -37.78 -14.60 -5.97
N PHE A 95 -38.17 -15.07 -4.79
CA PHE A 95 -39.43 -14.62 -4.20
C PHE A 95 -39.06 -13.51 -3.23
N ARG A 96 -37.97 -13.70 -2.49
CA ARG A 96 -37.52 -12.69 -1.54
C ARG A 96 -36.96 -11.49 -2.30
N HIS A 97 -36.51 -11.73 -3.52
CA HIS A 97 -35.97 -10.66 -4.35
C HIS A 97 -37.15 -9.85 -4.90
N ALA A 98 -38.26 -10.53 -5.19
CA ALA A 98 -39.44 -9.85 -5.70
C ALA A 98 -39.99 -8.95 -4.60
N LEU A 99 -39.99 -9.45 -3.36
CA LEU A 99 -40.46 -8.64 -2.25
C LEU A 99 -39.66 -7.38 -2.12
N THR A 100 -38.33 -7.51 -2.09
CA THR A 100 -37.49 -6.32 -1.95
C THR A 100 -37.72 -5.34 -3.10
N GLU A 101 -37.92 -5.85 -4.31
CA GLU A 101 -38.16 -5.00 -5.46
C GLU A 101 -39.50 -4.27 -5.27
N ALA A 102 -40.53 -5.01 -4.87
CA ALA A 102 -41.83 -4.40 -4.65
C ALA A 102 -41.73 -3.31 -3.59
N LYS A 103 -41.09 -3.62 -2.46
CA LYS A 103 -40.96 -2.63 -1.41
C LYS A 103 -40.23 -1.37 -1.87
N PHE A 104 -39.18 -1.54 -2.66
CA PHE A 104 -38.45 -0.39 -3.16
C PHE A 104 -39.35 0.46 -4.03
N ALA A 105 -40.22 -0.22 -4.77
CA ALA A 105 -41.16 0.44 -5.67
C ALA A 105 -42.24 1.18 -4.93
N MSE A 106 -42.77 0.58 -3.86
CA MSE A 106 -43.85 1.22 -3.13
C MSE A 106 -43.46 2.32 -2.19
O MSE A 106 -44.32 2.92 -1.54
CB MSE A 106 -44.71 0.17 -2.41
CG MSE A 106 -43.98 -0.98 -1.78
SE MSE A 106 -45.28 -2.40 -1.48
CE MSE A 106 -45.38 -3.03 -3.31
N GLU A 107 -42.17 2.62 -2.11
CA GLU A 107 -41.78 3.73 -1.25
C GLU A 107 -41.73 4.96 -2.16
N SER A 108 -42.35 4.82 -3.34
CA SER A 108 -42.42 5.90 -4.33
C SER A 108 -43.59 5.62 -5.29
N SER A 109 -44.49 4.73 -4.87
CA SER A 109 -45.65 4.37 -5.67
C SER A 109 -46.63 3.54 -4.84
N GLU A 110 -47.79 3.27 -5.40
CA GLU A 110 -48.80 2.50 -4.69
C GLU A 110 -49.08 1.20 -5.43
N LEU A 111 -48.74 0.07 -4.82
CA LEU A 111 -48.97 -1.24 -5.45
C LEU A 111 -50.47 -1.41 -5.68
N THR A 112 -50.85 -1.44 -6.95
CA THR A 112 -52.25 -1.55 -7.35
C THR A 112 -52.67 -2.94 -7.82
N GLY A 113 -51.72 -3.68 -8.36
CA GLY A 113 -52.02 -5.02 -8.84
C GLY A 113 -50.82 -5.91 -9.00
N ILE A 114 -51.08 -7.21 -9.10
CA ILE A 114 -50.01 -8.18 -9.29
C ILE A 114 -50.32 -9.04 -10.51
N LEU A 115 -49.36 -9.09 -11.44
CA LEU A 115 -49.52 -9.88 -12.65
C LEU A 115 -48.70 -11.18 -12.54
N TRP A 116 -49.39 -12.30 -12.65
CA TRP A 116 -48.74 -13.59 -12.55
C TRP A 116 -48.97 -14.49 -13.77
N HIS A 117 -47.89 -15.12 -14.24
CA HIS A 117 -48.00 -16.06 -15.33
C HIS A 117 -46.84 -17.04 -15.23
N GLN A 118 -47.16 -18.29 -14.92
CA GLN A 118 -46.13 -19.33 -14.74
C GLN A 118 -46.82 -20.67 -14.80
N GLY A 119 -46.08 -21.71 -15.19
CA GLY A 119 -46.67 -23.03 -15.23
C GLY A 119 -46.15 -23.97 -16.28
N GLU A 120 -45.32 -23.46 -17.19
CA GLU A 120 -44.76 -24.32 -18.21
C GLU A 120 -43.82 -25.34 -17.54
N SER A 121 -43.04 -24.88 -16.57
CA SER A 121 -42.12 -25.73 -15.85
C SER A 121 -42.82 -26.63 -14.84
N ASP A 122 -44.15 -26.69 -14.87
CA ASP A 122 -44.89 -27.54 -13.95
C ASP A 122 -45.88 -28.35 -14.77
N SER A 123 -45.75 -28.28 -16.10
CA SER A 123 -46.66 -29.00 -16.98
C SER A 123 -46.15 -30.38 -17.37
N LEU A 124 -45.49 -31.04 -16.42
CA LEU A 124 -44.94 -32.37 -16.65
C LEU A 124 -44.97 -33.23 -15.39
N ASN A 125 -44.86 -34.54 -15.61
CA ASN A 125 -44.88 -35.57 -14.57
C ASN A 125 -45.58 -35.21 -13.27
N GLY A 126 -46.87 -34.94 -13.37
CA GLY A 126 -47.65 -34.59 -12.19
C GLY A 126 -47.35 -33.22 -11.63
N ASN A 127 -47.07 -33.17 -10.34
CA ASN A 127 -46.75 -31.94 -9.63
C ASN A 127 -47.73 -30.80 -9.91
N TYR A 128 -48.83 -31.14 -10.57
CA TYR A 128 -49.88 -30.19 -10.86
C TYR A 128 -50.89 -30.49 -9.79
N LYS A 129 -50.65 -31.61 -9.11
CA LYS A 129 -51.52 -32.07 -8.02
C LYS A 129 -51.17 -31.33 -6.76
N VAL A 130 -50.09 -30.55 -6.82
CA VAL A 130 -49.64 -29.80 -5.67
C VAL A 130 -49.43 -28.32 -6.03
N TYR A 131 -49.71 -27.96 -7.28
CA TYR A 131 -49.57 -26.60 -7.77
C TYR A 131 -50.44 -25.61 -7.01
N TYR A 132 -51.71 -25.93 -6.88
CA TYR A 132 -52.66 -25.06 -6.19
C TYR A 132 -52.15 -24.70 -4.79
N LYS A 133 -52.08 -25.70 -3.91
CA LYS A 133 -51.61 -25.50 -2.54
C LYS A 133 -50.29 -24.77 -2.49
N LYS A 134 -49.48 -24.97 -3.52
CA LYS A 134 -48.19 -24.32 -3.59
C LYS A 134 -48.40 -22.83 -3.85
N LEU A 135 -49.28 -22.53 -4.81
CA LEU A 135 -49.58 -21.14 -5.19
C LEU A 135 -50.23 -20.38 -4.05
N LEU A 136 -51.11 -21.07 -3.33
CA LEU A 136 -51.80 -20.44 -2.23
C LEU A 136 -50.84 -19.83 -1.21
N LEU A 137 -49.79 -20.56 -0.86
CA LEU A 137 -48.80 -20.09 0.10
C LEU A 137 -48.03 -18.89 -0.42
N ILE A 138 -47.79 -18.88 -1.74
CA ILE A 138 -47.07 -17.80 -2.39
C ILE A 138 -47.91 -16.54 -2.40
N ILE A 139 -49.18 -16.66 -2.81
CA ILE A 139 -50.09 -15.53 -2.85
C ILE A 139 -50.38 -15.02 -1.45
N GLU A 140 -50.60 -15.95 -0.52
CA GLU A 140 -50.87 -15.58 0.87
C GLU A 140 -49.75 -14.72 1.43
N ALA A 141 -48.51 -15.18 1.24
CA ALA A 141 -47.33 -14.47 1.72
C ALA A 141 -47.15 -13.11 1.05
N LEU A 142 -47.54 -13.01 -0.21
CA LEU A 142 -47.43 -11.76 -0.97
C LEU A 142 -48.35 -10.68 -0.39
N ARG A 143 -49.62 -11.01 -0.25
CA ARG A 143 -50.57 -10.06 0.29
C ARG A 143 -50.16 -9.62 1.71
N LYS A 144 -49.77 -10.58 2.54
CA LYS A 144 -49.38 -10.28 3.91
C LYS A 144 -48.11 -9.46 3.96
N GLU A 145 -47.05 -9.96 3.34
CA GLU A 145 -45.76 -9.27 3.32
C GLU A 145 -45.83 -7.87 2.75
N LEU A 146 -46.53 -7.71 1.63
CA LEU A 146 -46.65 -6.43 0.95
C LEU A 146 -47.88 -5.63 1.39
N ASN A 147 -48.61 -6.13 2.39
CA ASN A 147 -49.79 -5.46 2.92
C ASN A 147 -50.79 -5.03 1.85
N VAL A 148 -51.19 -5.97 1.00
CA VAL A 148 -52.16 -5.72 -0.07
C VAL A 148 -53.14 -6.88 -0.11
N PRO A 149 -54.01 -7.00 0.91
CA PRO A 149 -55.03 -8.04 1.07
C PRO A 149 -56.16 -8.10 0.07
N ASP A 150 -56.34 -7.04 -0.71
CA ASP A 150 -57.44 -7.04 -1.68
C ASP A 150 -57.16 -6.49 -3.07
N ILE A 151 -55.90 -6.17 -3.35
CA ILE A 151 -55.54 -5.69 -4.69
C ILE A 151 -55.74 -6.86 -5.62
N PRO A 152 -56.25 -6.61 -6.82
CA PRO A 152 -56.47 -7.69 -7.78
C PRO A 152 -55.20 -8.31 -8.33
N ILE A 153 -55.11 -9.62 -8.20
CA ILE A 153 -53.98 -10.38 -8.71
C ILE A 153 -54.51 -11.12 -9.96
N ILE A 154 -53.97 -10.83 -11.13
CA ILE A 154 -54.44 -11.47 -12.36
C ILE A 154 -53.53 -12.62 -12.80
N ILE A 155 -54.13 -13.76 -13.15
CA ILE A 155 -53.33 -14.91 -13.57
C ILE A 155 -53.74 -15.45 -14.95
N GLY A 156 -52.77 -15.60 -15.84
CA GLY A 156 -53.06 -16.09 -17.18
C GLY A 156 -52.84 -17.57 -17.38
N GLY A 157 -53.51 -18.14 -18.37
CA GLY A 157 -53.37 -19.56 -18.67
C GLY A 157 -52.17 -19.84 -19.54
N LEU A 158 -51.95 -21.12 -19.85
CA LEU A 158 -50.83 -21.52 -20.67
C LEU A 158 -51.27 -21.74 -22.11
N GLY A 159 -50.39 -21.44 -23.06
CA GLY A 159 -50.71 -21.61 -24.46
C GLY A 159 -51.08 -23.03 -24.83
N ASP A 160 -52.01 -23.19 -25.76
CA ASP A 160 -52.43 -24.50 -26.21
C ASP A 160 -51.42 -25.12 -27.15
N PHE A 161 -50.35 -24.40 -27.47
CA PHE A 161 -49.33 -24.95 -28.36
C PHE A 161 -48.36 -25.83 -27.57
N LEU A 162 -48.40 -25.72 -26.25
CA LEU A 162 -47.53 -26.50 -25.39
C LEU A 162 -47.68 -28.01 -25.57
N GLY A 163 -46.65 -28.74 -25.16
CA GLY A 163 -46.66 -30.18 -25.24
C GLY A 163 -46.78 -30.73 -26.65
N LYS A 164 -46.16 -30.08 -27.62
CA LYS A 164 -46.26 -30.53 -29.01
C LYS A 164 -44.97 -30.37 -29.80
N GLU A 165 -44.37 -29.19 -29.73
CA GLU A 165 -43.16 -28.93 -30.50
C GLU A 165 -41.94 -28.62 -29.63
N ARG A 166 -40.77 -29.05 -30.13
CA ARG A 166 -39.48 -28.87 -29.49
C ARG A 166 -39.43 -28.48 -28.01
N PHE A 167 -38.95 -27.27 -27.72
CA PHE A 167 -38.82 -26.82 -26.35
C PHE A 167 -40.09 -26.88 -25.54
N GLY A 168 -41.22 -27.04 -26.19
CA GLY A 168 -42.47 -27.08 -25.46
C GLY A 168 -43.07 -28.47 -25.38
N LYS A 169 -42.49 -29.40 -26.13
CA LYS A 169 -42.97 -30.79 -26.18
C LYS A 169 -43.02 -31.51 -24.85
N GLY A 170 -42.20 -31.09 -23.90
CA GLY A 170 -42.22 -31.73 -22.60
C GLY A 170 -43.36 -31.30 -21.70
N CYS A 171 -44.10 -30.27 -22.11
CA CYS A 171 -45.23 -29.73 -21.32
C CYS A 171 -46.53 -30.35 -21.77
N THR A 172 -46.68 -31.64 -21.54
CA THR A 172 -47.89 -32.33 -21.96
C THR A 172 -49.01 -32.24 -20.93
N GLU A 173 -48.72 -31.68 -19.77
CA GLU A 173 -49.73 -31.57 -18.73
C GLU A 173 -50.14 -30.12 -18.53
N TYR A 174 -49.89 -29.29 -19.53
CA TYR A 174 -50.23 -27.89 -19.43
C TYR A 174 -51.70 -27.69 -19.11
N ASN A 175 -52.56 -28.44 -19.77
CA ASN A 175 -53.98 -28.31 -19.56
C ASN A 175 -54.42 -28.64 -18.15
N PHE A 176 -53.65 -29.49 -17.46
CA PHE A 176 -53.98 -29.83 -16.09
C PHE A 176 -53.62 -28.66 -15.18
N ILE A 177 -52.61 -27.90 -15.58
CA ILE A 177 -52.19 -26.73 -14.82
C ILE A 177 -53.23 -25.62 -15.02
N ASN A 178 -53.73 -25.49 -16.25
CA ASN A 178 -54.75 -24.50 -16.55
C ASN A 178 -55.95 -24.69 -15.64
N LYS A 179 -56.35 -25.94 -15.44
CA LYS A 179 -57.48 -26.22 -14.58
C LYS A 179 -57.20 -25.74 -13.16
N GLU A 180 -55.99 -25.96 -12.70
CA GLU A 180 -55.64 -25.53 -11.37
C GLU A 180 -55.58 -24.02 -11.28
N LEU A 181 -55.12 -23.37 -12.36
CA LEU A 181 -55.05 -21.91 -12.39
C LEU A 181 -56.47 -21.34 -12.35
N GLN A 182 -57.34 -21.88 -13.20
CA GLN A 182 -58.73 -21.47 -13.23
C GLN A 182 -59.36 -21.65 -11.87
N LYS A 183 -59.35 -22.88 -11.35
CA LYS A 183 -59.94 -23.17 -10.05
C LYS A 183 -59.47 -22.18 -9.00
N PHE A 184 -58.16 -21.99 -8.92
CA PHE A 184 -57.57 -21.07 -7.94
C PHE A 184 -58.19 -19.69 -8.04
N ALA A 185 -58.35 -19.20 -9.26
CA ALA A 185 -58.92 -17.89 -9.48
C ALA A 185 -60.35 -17.79 -8.96
N PHE A 186 -61.21 -18.73 -9.33
CA PHE A 186 -62.61 -18.70 -8.90
C PHE A 186 -62.77 -18.78 -7.40
N GLU A 187 -62.08 -19.75 -6.81
CA GLU A 187 -62.14 -19.97 -5.37
C GLU A 187 -61.49 -18.88 -4.54
N GLN A 188 -60.32 -18.42 -4.96
CA GLN A 188 -59.62 -17.39 -4.21
C GLN A 188 -60.14 -15.98 -4.45
N ASP A 189 -60.16 -15.20 -3.37
CA ASP A 189 -60.62 -13.83 -3.43
C ASP A 189 -59.69 -12.89 -4.17
N ASN A 190 -60.29 -12.03 -4.98
CA ASN A 190 -59.57 -11.04 -5.75
C ASN A 190 -58.53 -11.61 -6.70
N CYS A 191 -58.87 -12.73 -7.33
CA CYS A 191 -58.00 -13.37 -8.30
C CYS A 191 -58.81 -13.59 -9.54
N TYR A 192 -58.24 -13.26 -10.70
CA TYR A 192 -58.98 -13.42 -11.94
C TYR A 192 -58.15 -14.17 -12.98
N PHE A 193 -58.82 -15.07 -13.70
CA PHE A 193 -58.16 -15.88 -14.71
C PHE A 193 -58.25 -15.21 -16.07
N VAL A 194 -57.26 -15.44 -16.93
CA VAL A 194 -57.24 -14.86 -18.25
C VAL A 194 -56.88 -15.92 -19.27
N THR A 195 -57.84 -16.36 -20.08
CA THR A 195 -57.57 -17.40 -21.08
C THR A 195 -56.44 -17.04 -22.04
N ALA A 196 -55.78 -18.05 -22.58
CA ALA A 196 -54.69 -17.85 -23.53
C ALA A 196 -55.07 -18.44 -24.88
N SER A 197 -56.37 -18.65 -25.07
CA SER A 197 -56.84 -19.19 -26.34
C SER A 197 -56.40 -18.30 -27.48
N GLY A 198 -56.22 -18.91 -28.64
CA GLY A 198 -55.82 -18.21 -29.82
C GLY A 198 -54.38 -17.77 -29.83
N LEU A 199 -53.78 -17.58 -28.66
CA LEU A 199 -52.38 -17.16 -28.63
C LEU A 199 -51.45 -18.15 -29.29
N THR A 200 -50.53 -17.65 -30.10
CA THR A 200 -49.58 -18.49 -30.79
C THR A 200 -48.17 -18.33 -30.19
N CYS A 201 -47.24 -19.16 -30.63
CA CYS A 201 -45.89 -19.13 -30.09
C CYS A 201 -44.78 -18.97 -31.12
N ASN A 202 -43.60 -18.61 -30.63
CA ASN A 202 -42.44 -18.47 -31.48
C ASN A 202 -42.02 -19.87 -31.95
N PRO A 203 -40.97 -19.95 -32.79
CA PRO A 203 -40.50 -21.24 -33.29
C PRO A 203 -40.08 -22.25 -32.22
N ASP A 204 -39.60 -21.77 -31.07
CA ASP A 204 -39.20 -22.71 -30.05
C ASP A 204 -40.34 -23.58 -29.49
N GLY A 205 -41.57 -23.31 -29.90
CA GLY A 205 -42.70 -24.08 -29.43
C GLY A 205 -43.06 -23.95 -27.95
N ILE A 206 -42.49 -22.97 -27.26
CA ILE A 206 -42.82 -22.82 -25.85
C ILE A 206 -43.17 -21.39 -25.43
N HIS A 207 -42.62 -20.40 -26.14
CA HIS A 207 -42.84 -18.99 -25.83
C HIS A 207 -43.87 -18.28 -26.69
N ILE A 208 -44.82 -17.59 -26.04
CA ILE A 208 -45.86 -16.84 -26.74
C ILE A 208 -45.19 -15.73 -27.57
N ASP A 209 -45.63 -15.57 -28.81
CA ASP A 209 -45.02 -14.57 -29.70
C ASP A 209 -45.47 -13.13 -29.41
N ALA A 210 -44.75 -12.16 -29.99
CA ALA A 210 -45.04 -10.73 -29.79
C ALA A 210 -46.51 -10.34 -30.02
N ILE A 211 -47.02 -10.68 -31.20
CA ILE A 211 -48.41 -10.39 -31.51
C ILE A 211 -49.33 -10.90 -30.42
N SER A 212 -49.19 -12.18 -30.08
CA SER A 212 -50.04 -12.79 -29.07
C SER A 212 -49.81 -12.22 -27.68
N GLN A 213 -48.59 -11.81 -27.43
CA GLN A 213 -48.23 -11.25 -26.14
C GLN A 213 -48.91 -9.89 -26.00
N ARG A 214 -49.13 -9.21 -27.12
CA ARG A 214 -49.80 -7.91 -27.11
C ARG A 214 -51.31 -8.10 -26.82
N LYS A 215 -51.92 -9.09 -27.45
CA LYS A 215 -53.33 -9.36 -27.19
C LYS A 215 -53.51 -9.82 -25.75
N PHE A 216 -52.56 -10.64 -25.31
CA PHE A 216 -52.59 -11.19 -23.96
C PHE A 216 -52.60 -10.08 -22.90
N GLY A 217 -51.90 -9.00 -23.18
CA GLY A 217 -51.86 -7.89 -22.24
C GLY A 217 -53.22 -7.22 -22.09
N LEU A 218 -53.94 -7.10 -23.21
CA LEU A 218 -55.27 -6.47 -23.17
C LEU A 218 -56.23 -7.29 -22.29
N ARG A 219 -56.20 -8.61 -22.47
CA ARG A 219 -57.06 -9.48 -21.68
C ARG A 219 -56.73 -9.33 -20.20
N TYR A 220 -55.46 -9.13 -19.87
CA TYR A 220 -55.06 -8.96 -18.47
C TYR A 220 -55.71 -7.71 -17.91
N PHE A 221 -55.66 -6.61 -18.67
CA PHE A 221 -56.25 -5.35 -18.24
C PHE A 221 -57.76 -5.47 -18.21
N GLU A 222 -58.30 -6.20 -19.17
CA GLU A 222 -59.73 -6.42 -19.24
C GLU A 222 -60.19 -7.05 -17.94
N ALA A 223 -59.41 -7.99 -17.42
CA ALA A 223 -59.74 -8.67 -16.18
C ALA A 223 -59.52 -7.78 -14.97
N PHE A 224 -58.43 -7.03 -14.99
CA PHE A 224 -58.10 -6.15 -13.88
C PHE A 224 -59.08 -4.99 -13.73
N PHE A 225 -59.26 -4.26 -14.82
CA PHE A 225 -60.15 -3.11 -14.83
C PHE A 225 -61.59 -3.41 -14.44
N ASN A 226 -62.09 -4.54 -14.90
CA ASN A 226 -63.47 -4.94 -14.62
C ASN A 226 -63.60 -5.96 -13.52
N ARG A 227 -62.49 -6.37 -12.94
CA ARG A 227 -62.47 -7.40 -11.91
C ARG A 227 -63.30 -8.61 -12.30
N LYS A 228 -63.00 -9.19 -13.47
CA LYS A 228 -63.72 -10.37 -13.95
C LYS A 228 -62.79 -11.42 -14.59
N HIS A 229 -63.33 -12.59 -14.91
CA HIS A 229 -62.56 -13.64 -15.54
C HIS A 229 -62.72 -13.54 -17.06
N VAL A 230 -61.61 -13.52 -17.78
CA VAL A 230 -61.68 -13.42 -19.23
C VAL A 230 -61.54 -14.83 -19.79
N LEU A 231 -62.66 -15.51 -19.98
CA LEU A 231 -62.65 -16.87 -20.48
C LEU A 231 -62.60 -16.96 -21.99
N GLU A 232 -62.81 -15.83 -22.65
CA GLU A 232 -62.79 -15.79 -24.11
C GLU A 232 -61.99 -14.58 -24.56
N PRO A 233 -61.44 -14.63 -25.77
CA PRO A 233 -60.67 -13.49 -26.24
C PRO A 233 -61.60 -12.29 -26.53
N LEU A 234 -61.08 -11.08 -26.28
CA LEU A 234 -61.84 -9.86 -26.53
C LEU A 234 -62.11 -9.82 -28.02
N ILE A 235 -63.27 -9.33 -28.41
CA ILE A 235 -63.63 -9.28 -29.83
C ILE A 235 -62.83 -8.26 -30.66
N ASN A 236 -62.71 -7.04 -30.15
CA ASN A 236 -62.00 -5.99 -30.87
C ASN A 236 -60.50 -6.02 -30.55
N GLU A 237 -60.00 -7.21 -30.21
CA GLU A 237 -58.61 -7.39 -29.83
C GLU A 237 -57.63 -6.71 -30.78
N ASN A 238 -57.72 -7.01 -32.06
CA ASN A 238 -56.83 -6.40 -33.04
C ASN A 238 -56.99 -4.89 -33.15
N GLU A 239 -58.23 -4.44 -33.36
CA GLU A 239 -58.47 -3.01 -33.51
C GLU A 239 -58.20 -2.23 -32.25
N LEU A 240 -58.43 -2.86 -31.12
CA LEU A 240 -58.21 -2.23 -29.83
C LEU A 240 -56.73 -1.88 -29.72
N LEU A 241 -55.88 -2.77 -30.24
CA LEU A 241 -54.43 -2.53 -30.21
C LEU A 241 -54.04 -1.39 -31.16
N ASN A 242 -54.54 -1.45 -32.39
CA ASN A 242 -54.23 -0.43 -33.37
C ASN A 242 -54.65 0.95 -32.87
N LEU A 243 -55.71 0.98 -32.08
CA LEU A 243 -56.20 2.23 -31.54
C LEU A 243 -55.15 2.84 -30.63
N ASN A 244 -54.41 1.99 -29.90
CA ASN A 244 -53.37 2.48 -29.00
C ASN A 244 -52.12 2.80 -29.77
N TYR A 245 -51.91 2.13 -30.90
CA TYR A 245 -50.73 2.36 -31.73
C TYR A 245 -50.84 3.67 -32.49
N ALA A 246 -52.07 4.04 -32.84
CA ALA A 246 -52.33 5.25 -33.60
C ALA A 246 -52.18 6.52 -32.75
N ARG A 247 -52.33 6.38 -31.44
CA ARG A 247 -52.20 7.51 -30.53
C ARG A 247 -51.04 8.42 -30.93
N THR A 248 -51.26 9.72 -30.88
CA THR A 248 -50.23 10.69 -31.26
C THR A 248 -49.27 10.85 -30.08
N HIS A 249 -47.98 10.91 -30.36
CA HIS A 249 -46.99 11.04 -29.30
C HIS A 249 -46.75 12.46 -28.83
N THR A 250 -46.38 12.58 -27.56
CA THR A 250 -46.09 13.83 -26.94
C THR A 250 -44.76 14.34 -27.46
N LYS A 251 -44.47 15.62 -27.21
CA LYS A 251 -43.23 16.20 -27.64
C LYS A 251 -42.06 15.51 -26.92
N ALA A 252 -42.22 15.30 -25.62
CA ALA A 252 -41.21 14.64 -24.80
C ALA A 252 -40.95 13.20 -25.29
N GLU A 253 -42.01 12.53 -25.72
CA GLU A 253 -41.89 11.18 -26.22
C GLU A 253 -41.11 11.13 -27.52
N LYS A 254 -41.53 11.89 -28.52
CA LYS A 254 -40.80 11.85 -29.78
C LYS A 254 -39.36 12.38 -29.67
N ILE A 255 -39.07 13.12 -28.60
CA ILE A 255 -37.73 13.63 -28.37
C ILE A 255 -36.93 12.49 -27.76
N TYR A 256 -37.65 11.57 -27.10
CA TYR A 256 -37.01 10.44 -26.46
C TYR A 256 -36.56 9.42 -27.50
N ILE A 257 -37.41 9.12 -28.48
CA ILE A 257 -37.02 8.14 -29.47
C ILE A 257 -35.84 8.66 -30.26
N LYS A 258 -35.72 9.98 -30.34
CA LYS A 258 -34.62 10.60 -31.07
C LYS A 258 -33.35 10.60 -30.21
N SER A 259 -33.53 10.81 -28.91
CA SER A 259 -32.40 10.83 -28.00
C SER A 259 -31.78 9.46 -27.93
N MSE A 260 -32.61 8.44 -28.11
CA MSE A 260 -32.17 7.08 -28.07
C MSE A 260 -31.48 6.70 -29.38
O MSE A 260 -30.43 6.06 -29.37
CB MSE A 260 -33.36 6.18 -27.80
CG MSE A 260 -33.03 5.02 -26.92
SE MSE A 260 -34.63 4.09 -26.43
CE MSE A 260 -34.87 3.10 -28.11
N ASP A 261 -32.09 7.08 -30.50
CA ASP A 261 -31.49 6.80 -31.80
C ASP A 261 -30.05 7.28 -31.81
N PHE A 262 -29.83 8.47 -31.25
CA PHE A 262 -28.50 9.05 -31.21
C PHE A 262 -27.64 8.30 -30.20
N ALA A 263 -28.19 8.08 -29.01
CA ALA A 263 -27.46 7.37 -27.96
C ALA A 263 -26.96 6.00 -28.41
N LEU A 264 -27.69 5.34 -29.30
CA LEU A 264 -27.28 4.04 -29.78
C LEU A 264 -26.41 4.14 -31.02
N GLY A 265 -26.13 5.37 -31.47
CA GLY A 265 -25.31 5.54 -32.65
C GLY A 265 -26.03 5.32 -33.97
N LYS A 266 -27.37 5.31 -33.97
CA LYS A 266 -28.11 5.10 -35.21
C LYS A 266 -28.15 6.35 -36.10
N ILE A 267 -27.80 7.51 -35.55
CA ILE A 267 -27.80 8.75 -36.33
C ILE A 267 -26.68 9.66 -35.88
N SER A 268 -26.39 10.65 -36.72
CA SER A 268 -25.36 11.63 -36.47
C SER A 268 -25.78 12.64 -35.43
N TYR A 269 -24.84 13.39 -34.89
CA TYR A 269 -25.19 14.40 -33.91
C TYR A 269 -25.95 15.55 -34.57
N ASP A 270 -25.51 15.93 -35.77
CA ASP A 270 -26.16 17.00 -36.50
C ASP A 270 -27.54 16.55 -36.93
N GLU A 271 -27.65 15.27 -37.26
CA GLU A 271 -28.91 14.70 -37.69
C GLU A 271 -29.85 14.66 -36.48
N PHE A 272 -29.27 14.47 -35.30
CA PHE A 272 -30.00 14.42 -34.04
C PHE A 272 -30.48 15.82 -33.70
N THR A 273 -29.62 16.81 -33.92
CA THR A 273 -29.94 18.21 -33.66
C THR A 273 -31.08 18.66 -34.57
N SER A 274 -30.90 18.44 -35.86
CA SER A 274 -31.88 18.82 -36.85
C SER A 274 -33.25 18.21 -36.52
N GLU A 275 -33.23 16.96 -36.07
CA GLU A 275 -34.45 16.27 -35.71
C GLU A 275 -35.09 16.84 -34.46
N LEU A 276 -34.27 17.36 -33.56
CA LEU A 276 -34.79 17.92 -32.33
C LEU A 276 -35.47 19.26 -32.58
N MSE A 277 -34.90 20.03 -33.49
CA MSE A 277 -35.47 21.34 -33.82
C MSE A 277 -36.81 21.16 -34.51
O MSE A 277 -37.76 21.86 -34.18
CB MSE A 277 -34.50 22.11 -34.73
CG MSE A 277 -33.17 22.45 -34.08
SE MSE A 277 -33.35 23.36 -32.34
CE MSE A 277 -33.94 25.11 -33.00
N LYS A 278 -36.90 20.20 -35.43
CA LYS A 278 -38.15 19.94 -36.14
C LYS A 278 -39.27 19.70 -35.14
N ILE A 279 -38.93 19.02 -34.06
CA ILE A 279 -39.91 18.73 -33.01
C ILE A 279 -40.26 20.01 -32.26
N ASN A 280 -39.28 20.87 -32.09
CA ASN A 280 -39.48 22.12 -31.37
C ASN A 280 -40.27 23.14 -32.22
N ASN A 281 -39.92 23.23 -33.49
CA ASN A 281 -40.57 24.17 -34.39
C ASN A 281 -41.97 23.74 -34.79
N ASP A 282 -42.18 22.42 -34.83
CA ASP A 282 -43.48 21.87 -35.22
C ASP A 282 -44.65 22.57 -34.54
N LEU A 283 -45.73 22.76 -35.30
CA LEU A 283 -46.93 23.41 -34.81
C LEU A 283 -47.74 22.45 -33.93
N GLU A 284 -48.51 21.58 -34.59
CA GLU A 284 -49.34 20.59 -33.90
C GLU A 284 -49.74 19.47 -34.89
N MSE B 1 -15.43 -21.91 -5.70
CA MSE B 1 -16.66 -21.13 -5.38
C MSE B 1 -16.88 -20.04 -6.43
O MSE B 1 -16.26 -20.06 -7.50
CB MSE B 1 -16.57 -20.50 -3.98
CG MSE B 1 -15.50 -19.39 -3.80
SE MSE B 1 -15.54 -18.36 -2.08
CE MSE B 1 -14.14 -19.25 -1.07
N VAL B 2 -17.75 -19.09 -6.10
CA VAL B 2 -18.06 -17.97 -6.99
C VAL B 2 -17.55 -16.70 -6.33
N LYS B 3 -16.67 -15.98 -7.02
CA LYS B 3 -16.12 -14.72 -6.50
C LYS B 3 -16.94 -13.61 -7.11
N SER B 4 -17.71 -12.91 -6.30
CA SER B 4 -18.55 -11.83 -6.79
C SER B 4 -17.90 -10.45 -6.68
N PHE B 5 -18.24 -9.59 -7.62
CA PHE B 5 -17.73 -8.22 -7.66
C PHE B 5 -18.88 -7.23 -7.84
N LEU B 6 -19.06 -6.35 -6.86
CA LEU B 6 -20.12 -5.36 -6.89
C LEU B 6 -19.74 -4.16 -7.76
N MSE B 7 -20.62 -3.82 -8.71
CA MSE B 7 -20.38 -2.69 -9.61
C MSE B 7 -21.18 -1.43 -9.18
O MSE B 7 -22.40 -1.45 -9.14
CB MSE B 7 -20.80 -3.07 -11.04
CG MSE B 7 -20.10 -4.29 -11.59
SE MSE B 7 -20.69 -4.74 -13.37
CE MSE B 7 -22.08 -6.00 -12.94
N LEU B 8 -20.47 -0.35 -8.88
CA LEU B 8 -21.12 0.88 -8.46
C LEU B 8 -20.64 2.06 -9.28
N GLY B 9 -21.49 3.08 -9.39
CA GLY B 9 -21.10 4.25 -10.14
C GLY B 9 -22.12 4.81 -11.08
N GLN B 10 -21.63 5.61 -12.02
CA GLN B 10 -22.46 6.28 -13.02
C GLN B 10 -22.55 5.44 -14.28
N SER B 11 -22.95 6.07 -15.37
CA SER B 11 -23.11 5.36 -16.64
C SER B 11 -21.83 4.79 -17.21
N ASN B 12 -20.71 5.42 -16.89
CA ASN B 12 -19.44 4.94 -17.41
C ASN B 12 -18.97 3.63 -16.73
N MSE B 13 -19.65 3.23 -15.66
CA MSE B 13 -19.35 1.97 -14.98
C MSE B 13 -20.34 0.94 -15.53
O MSE B 13 -19.96 -0.20 -15.78
CB MSE B 13 -19.54 2.07 -13.46
CG MSE B 13 -19.62 0.68 -12.73
SE MSE B 13 -18.05 -0.60 -13.01
CE MSE B 13 -16.68 0.37 -12.08
N ALA B 14 -21.60 1.36 -15.72
CA ALA B 14 -22.63 0.47 -16.24
C ALA B 14 -22.30 0.11 -17.68
N GLY B 15 -21.53 0.98 -18.33
CA GLY B 15 -21.12 0.73 -19.70
C GLY B 15 -22.06 1.29 -20.76
N ARG B 16 -21.50 2.09 -21.66
CA ARG B 16 -22.29 2.68 -22.74
C ARG B 16 -21.62 2.46 -24.09
N GLY B 17 -20.59 1.60 -24.10
CA GLY B 17 -19.87 1.32 -25.34
C GLY B 17 -20.77 0.58 -26.31
N PHE B 18 -20.62 0.84 -27.60
CA PHE B 18 -21.45 0.17 -28.59
C PHE B 18 -21.03 -1.28 -28.72
N ILE B 19 -21.93 -2.21 -28.40
CA ILE B 19 -21.55 -3.63 -28.44
C ILE B 19 -21.13 -4.16 -29.81
N ASN B 20 -21.40 -3.42 -30.88
CA ASN B 20 -21.05 -3.89 -32.22
C ASN B 20 -19.65 -3.42 -32.66
N GLU B 21 -18.94 -2.77 -31.76
CA GLU B 21 -17.62 -2.26 -32.09
C GLU B 21 -16.49 -3.03 -31.44
N VAL B 22 -16.87 -4.00 -30.63
CA VAL B 22 -15.89 -4.80 -29.91
C VAL B 22 -16.36 -6.26 -29.93
N PRO B 23 -15.42 -7.20 -29.99
CA PRO B 23 -15.78 -8.63 -30.02
C PRO B 23 -16.51 -9.10 -28.76
N MSE B 24 -17.47 -10.00 -28.97
CA MSE B 24 -18.29 -10.54 -27.88
C MSE B 24 -17.45 -11.44 -26.97
O MSE B 24 -16.58 -12.17 -27.44
CB MSE B 24 -19.46 -11.35 -28.45
CG MSE B 24 -20.48 -11.79 -27.42
SE MSE B 24 -21.79 -13.12 -28.03
CE MSE B 24 -22.21 -13.97 -26.32
N ILE B 25 -17.73 -11.36 -25.68
CA ILE B 25 -17.04 -12.16 -24.69
C ILE B 25 -18.02 -13.20 -24.16
N TYR B 26 -17.77 -14.46 -24.52
CA TYR B 26 -18.61 -15.58 -24.10
C TYR B 26 -17.77 -16.50 -23.21
N ASN B 27 -17.88 -16.30 -21.91
CA ASN B 27 -17.12 -17.10 -20.97
C ASN B 27 -18.07 -17.74 -19.97
N GLU B 28 -18.23 -19.04 -20.06
CA GLU B 28 -19.13 -19.76 -19.17
C GLU B 28 -18.71 -19.66 -17.71
N ARG B 29 -17.50 -19.16 -17.48
CA ARG B 29 -16.97 -19.02 -16.13
C ARG B 29 -17.16 -17.59 -15.61
N ILE B 30 -17.78 -16.75 -16.44
CA ILE B 30 -18.09 -15.39 -16.06
C ILE B 30 -19.62 -15.30 -15.97
N GLN B 31 -20.14 -14.84 -14.84
CA GLN B 31 -21.58 -14.72 -14.63
C GLN B 31 -22.05 -13.38 -14.09
N MSE B 32 -23.34 -13.10 -14.29
CA MSE B 32 -23.95 -11.86 -13.85
C MSE B 32 -25.15 -12.17 -12.97
O MSE B 32 -25.76 -13.22 -13.11
CB MSE B 32 -24.41 -11.03 -15.04
CG MSE B 32 -25.29 -11.79 -16.00
SE MSE B 32 -25.72 -10.81 -17.62
CE MSE B 32 -24.11 -9.84 -17.84
N LEU B 33 -25.51 -11.25 -12.10
CA LEU B 33 -26.65 -11.46 -11.21
C LEU B 33 -27.99 -11.00 -11.84
N ARG B 34 -28.90 -11.94 -12.08
CA ARG B 34 -30.22 -11.65 -12.64
C ARG B 34 -31.28 -11.95 -11.58
N ASN B 35 -31.97 -10.91 -11.14
CA ASN B 35 -32.98 -10.99 -10.09
C ASN B 35 -32.60 -11.98 -8.97
N GLY B 36 -31.50 -11.65 -8.29
CA GLY B 36 -31.02 -12.44 -7.17
C GLY B 36 -30.08 -13.63 -7.37
N ARG B 37 -30.07 -14.26 -8.54
CA ARG B 37 -29.21 -15.40 -8.75
C ARG B 37 -28.26 -15.27 -9.92
N TRP B 38 -27.35 -16.22 -10.07
CA TRP B 38 -26.37 -16.16 -11.14
C TRP B 38 -26.82 -16.71 -12.47
N GLN B 39 -26.43 -16.01 -13.53
CA GLN B 39 -26.78 -16.41 -14.89
C GLN B 39 -25.53 -16.16 -15.70
N MSE B 40 -25.37 -16.82 -16.84
CA MSE B 40 -24.18 -16.61 -17.64
C MSE B 40 -24.11 -15.18 -18.15
O MSE B 40 -25.05 -14.69 -18.76
CB MSE B 40 -24.15 -17.57 -18.84
CG MSE B 40 -22.83 -18.32 -18.93
SE MSE B 40 -22.34 -18.80 -20.72
CE MSE B 40 -21.20 -17.26 -21.09
N MSE B 41 -22.97 -14.53 -17.92
CA MSE B 41 -22.77 -13.16 -18.35
C MSE B 41 -22.85 -12.95 -19.87
O MSE B 41 -22.24 -13.67 -20.67
CB MSE B 41 -21.42 -12.67 -17.81
CG MSE B 41 -21.10 -11.23 -18.14
SE MSE B 41 -20.68 -10.98 -19.99
CE MSE B 41 -18.80 -10.52 -19.79
N THR B 42 -23.63 -11.93 -20.25
CA THR B 42 -23.84 -11.54 -21.64
C THR B 42 -24.12 -10.04 -21.61
N GLU B 43 -23.26 -9.24 -22.24
CA GLU B 43 -23.44 -7.79 -22.26
C GLU B 43 -24.69 -7.45 -23.08
N PRO B 44 -25.44 -6.41 -22.66
CA PRO B 44 -25.28 -5.51 -21.51
C PRO B 44 -25.33 -6.17 -20.15
N ILE B 45 -24.31 -5.94 -19.34
CA ILE B 45 -24.28 -6.53 -18.01
C ILE B 45 -25.14 -5.70 -17.05
N ASN B 46 -24.94 -4.39 -17.08
CA ASN B 46 -25.63 -3.45 -16.19
C ASN B 46 -26.73 -2.74 -17.00
N TYR B 47 -27.85 -3.42 -17.21
CA TYR B 47 -28.94 -2.85 -18.02
C TYR B 47 -29.83 -1.85 -17.26
N ASP B 48 -29.27 -0.69 -16.92
CA ASP B 48 -30.02 0.32 -16.18
C ASP B 48 -30.83 1.22 -17.10
N ARG B 49 -30.48 1.17 -18.38
CA ARG B 49 -31.13 1.95 -19.41
C ARG B 49 -31.16 1.13 -20.67
N PRO B 50 -32.15 1.39 -21.54
CA PRO B 50 -32.23 0.62 -22.78
C PRO B 50 -31.02 0.87 -23.65
N VAL B 51 -30.15 1.80 -23.25
CA VAL B 51 -28.96 2.09 -24.05
C VAL B 51 -27.69 1.48 -23.49
N SER B 52 -27.81 0.74 -22.41
CA SER B 52 -26.64 0.10 -21.81
C SER B 52 -25.90 -0.77 -22.82
N GLY B 53 -24.57 -0.68 -22.82
CA GLY B 53 -23.77 -1.47 -23.73
C GLY B 53 -22.53 -2.09 -23.11
N ILE B 54 -21.39 -1.95 -23.78
CA ILE B 54 -20.14 -2.51 -23.28
C ILE B 54 -19.67 -1.86 -21.99
N SER B 55 -19.37 -2.71 -21.02
CA SER B 55 -18.90 -2.26 -19.72
C SER B 55 -17.43 -2.64 -19.53
N LEU B 56 -16.77 -2.04 -18.54
CA LEU B 56 -15.35 -2.33 -18.28
C LEU B 56 -15.26 -3.62 -17.47
N ALA B 57 -16.39 -4.04 -16.91
CA ALA B 57 -16.42 -5.25 -16.11
C ALA B 57 -16.33 -6.48 -16.99
N GLY B 58 -16.53 -6.31 -18.29
CA GLY B 58 -16.45 -7.44 -19.20
C GLY B 58 -15.02 -7.93 -19.34
N SER B 59 -14.12 -7.05 -19.76
CA SER B 59 -12.74 -7.46 -19.91
C SER B 59 -12.14 -7.74 -18.54
N PHE B 60 -12.63 -7.06 -17.49
CA PHE B 60 -12.11 -7.29 -16.15
C PHE B 60 -12.29 -8.75 -15.76
N ALA B 61 -13.49 -9.28 -16.02
CA ALA B 61 -13.83 -10.65 -15.71
C ALA B 61 -13.10 -11.63 -16.62
N ASP B 62 -12.97 -11.29 -17.89
CA ASP B 62 -12.30 -12.15 -18.85
C ASP B 62 -10.85 -12.34 -18.41
N ALA B 63 -10.22 -11.24 -17.98
CA ALA B 63 -8.84 -11.27 -17.55
C ALA B 63 -8.71 -11.99 -16.22
N TRP B 64 -9.76 -11.91 -15.42
CA TRP B 64 -9.76 -12.55 -14.12
C TRP B 64 -9.89 -14.06 -14.29
N SER B 65 -10.68 -14.50 -15.26
CA SER B 65 -10.87 -15.92 -15.48
C SER B 65 -9.61 -16.60 -16.02
N GLN B 66 -8.71 -15.81 -16.58
CA GLN B 66 -7.48 -16.36 -17.14
C GLN B 66 -6.42 -16.56 -16.07
N LYS B 67 -6.57 -15.86 -14.96
CA LYS B 67 -5.65 -15.96 -13.85
C LYS B 67 -6.22 -16.89 -12.78
N ASN B 68 -7.42 -17.40 -13.03
CA ASN B 68 -8.10 -18.29 -12.09
C ASN B 68 -8.94 -19.28 -12.90
N GLN B 69 -8.28 -20.24 -13.52
CA GLN B 69 -8.97 -21.25 -14.33
C GLN B 69 -9.91 -22.12 -13.52
N GLU B 70 -9.84 -22.02 -12.19
CA GLU B 70 -10.68 -22.87 -11.37
C GLU B 70 -12.05 -22.31 -10.99
N ASP B 71 -12.06 -21.09 -10.46
CA ASP B 71 -13.31 -20.49 -10.03
C ASP B 71 -14.09 -19.72 -11.08
N ILE B 72 -15.26 -19.23 -10.67
CA ILE B 72 -16.11 -18.46 -11.56
C ILE B 72 -16.31 -17.06 -10.95
N ILE B 73 -16.26 -16.04 -11.81
CA ILE B 73 -16.44 -14.66 -11.34
C ILE B 73 -17.87 -14.20 -11.55
N GLY B 74 -18.47 -13.67 -10.49
CA GLY B 74 -19.83 -13.19 -10.58
C GLY B 74 -19.89 -11.67 -10.51
N LEU B 75 -20.61 -11.08 -11.46
CA LEU B 75 -20.77 -9.62 -11.50
C LEU B 75 -22.13 -9.21 -10.96
N ILE B 76 -22.12 -8.17 -10.13
CA ILE B 76 -23.34 -7.61 -9.51
C ILE B 76 -23.53 -6.18 -10.05
N PRO B 77 -24.37 -6.00 -11.08
CA PRO B 77 -24.66 -4.71 -11.71
C PRO B 77 -25.53 -3.76 -10.87
N CYS B 78 -24.93 -2.71 -10.34
CA CYS B 78 -25.68 -1.76 -9.54
C CYS B 78 -25.36 -0.31 -9.85
N ALA B 79 -24.94 -0.06 -11.09
CA ALA B 79 -24.57 1.29 -11.52
C ALA B 79 -25.80 2.01 -12.08
N GLU B 80 -25.97 3.29 -11.76
CA GLU B 80 -27.11 4.09 -12.24
C GLU B 80 -26.63 5.28 -13.07
N GLY B 81 -27.09 5.37 -14.31
CA GLY B 81 -26.68 6.48 -15.14
C GLY B 81 -27.16 7.82 -14.60
N GLY B 82 -26.32 8.84 -14.76
CA GLY B 82 -26.68 10.17 -14.29
C GLY B 82 -26.66 10.36 -12.78
N SER B 83 -26.43 9.30 -12.04
CA SER B 83 -26.40 9.42 -10.58
C SER B 83 -25.18 10.23 -10.15
N SER B 84 -25.36 11.00 -9.09
CA SER B 84 -24.28 11.82 -8.57
C SER B 84 -23.91 11.27 -7.20
N ILE B 85 -22.78 11.72 -6.69
CA ILE B 85 -22.33 11.26 -5.39
C ILE B 85 -23.46 11.41 -4.34
N ASP B 86 -24.25 12.48 -4.43
CA ASP B 86 -25.34 12.71 -3.48
C ASP B 86 -26.46 11.67 -3.61
N GLU B 87 -26.70 11.22 -4.82
CA GLU B 87 -27.73 10.22 -5.04
C GLU B 87 -27.24 8.88 -4.47
N TRP B 88 -25.94 8.77 -4.23
CA TRP B 88 -25.40 7.54 -3.67
C TRP B 88 -25.29 7.54 -2.15
N ALA B 89 -25.94 8.51 -1.50
CA ALA B 89 -25.92 8.62 -0.05
C ALA B 89 -26.44 7.34 0.61
N LEU B 90 -25.93 7.04 1.81
CA LEU B 90 -26.35 5.83 2.51
C LEU B 90 -27.86 5.63 2.57
N ASP B 91 -28.59 6.71 2.87
CA ASP B 91 -30.05 6.61 2.96
C ASP B 91 -30.68 6.47 1.59
N GLY B 92 -29.91 6.79 0.57
CA GLY B 92 -30.38 6.72 -0.81
C GLY B 92 -31.04 5.40 -1.20
N VAL B 93 -31.77 5.42 -2.30
CA VAL B 93 -32.44 4.22 -2.76
C VAL B 93 -31.50 3.38 -3.61
N LEU B 94 -30.66 4.02 -4.42
CA LEU B 94 -29.79 3.23 -5.25
C LEU B 94 -28.57 2.70 -4.48
N PHE B 95 -28.43 3.11 -3.23
CA PHE B 95 -27.35 2.60 -2.40
C PHE B 95 -27.92 1.44 -1.59
N ARG B 96 -29.15 1.60 -1.11
CA ARG B 96 -29.80 0.55 -0.33
C ARG B 96 -30.17 -0.59 -1.26
N HIS B 97 -30.34 -0.29 -2.54
CA HIS B 97 -30.67 -1.32 -3.50
C HIS B 97 -29.41 -2.09 -3.84
N ALA B 98 -28.27 -1.40 -3.85
CA ALA B 98 -27.00 -2.04 -4.13
C ALA B 98 -26.70 -3.01 -2.98
N LEU B 99 -26.96 -2.59 -1.75
CA LEU B 99 -26.73 -3.46 -0.60
C LEU B 99 -27.55 -4.73 -0.72
N THR B 100 -28.86 -4.60 -0.97
CA THR B 100 -29.70 -5.78 -1.09
C THR B 100 -29.24 -6.68 -2.23
N GLU B 101 -28.76 -6.09 -3.32
CA GLU B 101 -28.27 -6.90 -4.43
C GLU B 101 -27.01 -7.64 -4.00
N ALA B 102 -26.10 -6.95 -3.32
CA ALA B 102 -24.87 -7.57 -2.87
C ALA B 102 -25.21 -8.72 -1.95
N LYS B 103 -26.05 -8.48 -0.95
CA LYS B 103 -26.41 -9.53 -0.01
C LYS B 103 -27.04 -10.74 -0.70
N PHE B 104 -27.88 -10.52 -1.71
CA PHE B 104 -28.48 -11.64 -2.42
C PHE B 104 -27.39 -12.44 -3.12
N ALA B 105 -26.38 -11.73 -3.58
CA ALA B 105 -25.27 -12.33 -4.29
C ALA B 105 -24.37 -13.12 -3.38
N MSE B 106 -24.09 -12.58 -2.20
CA MSE B 106 -23.19 -13.27 -1.28
C MSE B 106 -23.76 -14.44 -0.52
O MSE B 106 -23.06 -15.10 0.23
CB MSE B 106 -22.53 -12.27 -0.32
CG MSE B 106 -23.40 -11.16 0.19
SE MSE B 106 -22.22 -9.71 0.87
CE MSE B 106 -21.68 -9.05 -0.88
N GLU B 107 -25.04 -14.72 -0.72
CA GLU B 107 -25.62 -15.87 -0.05
C GLU B 107 -25.46 -17.04 -1.02
N SER B 108 -24.60 -16.85 -2.02
CA SER B 108 -24.31 -17.87 -3.03
C SER B 108 -22.97 -17.55 -3.69
N SER B 109 -22.20 -16.68 -3.04
CA SER B 109 -20.88 -16.29 -3.54
C SER B 109 -20.11 -15.52 -2.47
N GLU B 110 -18.85 -15.23 -2.73
CA GLU B 110 -18.03 -14.51 -1.77
C GLU B 110 -17.59 -13.17 -2.37
N LEU B 111 -18.07 -12.08 -1.78
CA LEU B 111 -17.72 -10.75 -2.27
C LEU B 111 -16.20 -10.55 -2.17
N THR B 112 -15.55 -10.49 -3.33
CA THR B 112 -14.10 -10.36 -3.42
C THR B 112 -13.60 -8.94 -3.68
N GLY B 113 -14.41 -8.15 -4.37
CA GLY B 113 -14.02 -6.80 -4.69
C GLY B 113 -15.16 -5.88 -5.07
N ILE B 114 -14.89 -4.59 -5.04
CA ILE B 114 -15.89 -3.59 -5.41
C ILE B 114 -15.33 -2.67 -6.49
N LEU B 115 -16.04 -2.58 -7.60
CA LEU B 115 -15.63 -1.72 -8.71
C LEU B 115 -16.46 -0.43 -8.70
N TRP B 116 -15.77 0.70 -8.61
CA TRP B 116 -16.45 1.99 -8.57
C TRP B 116 -15.96 2.95 -9.64
N HIS B 117 -16.91 3.62 -10.29
CA HIS B 117 -16.57 4.62 -11.28
C HIS B 117 -17.73 5.61 -11.40
N GLN B 118 -17.49 6.83 -10.94
CA GLN B 118 -18.51 7.86 -10.94
C GLN B 118 -17.85 9.19 -10.76
N GLY B 119 -18.48 10.25 -11.25
CA GLY B 119 -17.89 11.57 -11.09
C GLY B 119 -18.20 12.57 -12.18
N GLU B 120 -18.79 12.12 -13.28
CA GLU B 120 -19.13 13.04 -14.34
C GLU B 120 -20.20 14.03 -13.82
N SER B 121 -21.19 13.52 -13.10
CA SER B 121 -22.24 14.34 -12.55
C SER B 121 -21.77 15.16 -11.36
N ASP B 122 -20.47 15.23 -11.11
CA ASP B 122 -19.96 16.03 -10.00
C ASP B 122 -18.82 16.89 -10.53
N SER B 123 -18.63 16.87 -11.85
CA SER B 123 -17.56 17.63 -12.48
C SER B 123 -17.99 19.03 -12.89
N LEU B 124 -18.83 19.65 -12.06
CA LEU B 124 -19.32 21.00 -12.32
C LEU B 124 -19.59 21.80 -11.04
N ASN B 125 -19.63 23.11 -11.21
CA ASN B 125 -19.86 24.07 -10.13
C ASN B 125 -19.48 23.62 -8.74
N GLY B 126 -18.18 23.37 -8.56
CA GLY B 126 -17.67 22.95 -7.27
C GLY B 126 -18.08 21.54 -6.87
N ASN B 127 -18.64 21.44 -5.68
CA ASN B 127 -19.10 20.17 -5.12
C ASN B 127 -18.08 19.04 -5.25
N TYR B 128 -16.86 19.40 -5.64
CA TYR B 128 -15.78 18.46 -5.74
C TYR B 128 -15.02 18.70 -4.45
N LYS B 129 -15.40 19.78 -3.77
CA LYS B 129 -14.81 20.17 -2.51
C LYS B 129 -15.44 19.37 -1.39
N VAL B 130 -16.46 18.60 -1.74
CA VAL B 130 -17.14 17.78 -0.76
C VAL B 130 -17.26 16.33 -1.24
N TYR B 131 -16.70 16.05 -2.41
CA TYR B 131 -16.74 14.71 -2.99
C TYR B 131 -16.05 13.67 -2.12
N TYR B 132 -14.83 13.96 -1.69
CA TYR B 132 -14.06 13.05 -0.85
C TYR B 132 -14.87 12.62 0.37
N LYS B 133 -15.13 13.56 1.26
CA LYS B 133 -15.89 13.30 2.49
C LYS B 133 -17.19 12.58 2.21
N LYS B 134 -17.75 12.84 1.03
CA LYS B 134 -18.98 12.19 0.64
C LYS B 134 -18.71 10.72 0.36
N LEU B 135 -17.64 10.46 -0.40
CA LEU B 135 -17.26 9.11 -0.78
C LEU B 135 -16.87 8.29 0.44
N LEU B 136 -16.17 8.91 1.37
CA LEU B 136 -15.73 8.22 2.56
C LEU B 136 -16.89 7.56 3.31
N LEU B 137 -18.00 8.29 3.46
CA LEU B 137 -19.18 7.77 4.16
C LEU B 137 -19.81 6.61 3.41
N ILE B 138 -19.76 6.68 2.08
CA ILE B 138 -20.31 5.64 1.21
C ILE B 138 -19.47 4.37 1.32
N ILE B 139 -18.15 4.51 1.21
CA ILE B 139 -17.24 3.37 1.29
C ILE B 139 -17.28 2.79 2.70
N GLU B 140 -17.26 3.65 3.71
CA GLU B 140 -17.30 3.20 5.09
C GLU B 140 -18.52 2.33 5.32
N ALA B 141 -19.70 2.81 4.91
CA ALA B 141 -20.94 2.08 5.09
C ALA B 141 -20.97 0.77 4.33
N LEU B 142 -20.30 0.73 3.18
CA LEU B 142 -20.23 -0.47 2.35
C LEU B 142 -19.48 -1.59 3.04
N ARG B 143 -18.26 -1.27 3.47
CA ARG B 143 -17.45 -2.26 4.15
C ARG B 143 -18.15 -2.78 5.40
N LYS B 144 -18.71 -1.87 6.21
CA LYS B 144 -19.40 -2.25 7.44
C LYS B 144 -20.65 -3.08 7.15
N GLU B 145 -21.54 -2.51 6.35
CA GLU B 145 -22.79 -3.18 6.00
C GLU B 145 -22.59 -4.55 5.39
N LEU B 146 -21.66 -4.64 4.44
CA LEU B 146 -21.39 -5.89 3.75
C LEU B 146 -20.30 -6.74 4.40
N ASN B 147 -19.81 -6.30 5.56
CA ASN B 147 -18.76 -7.01 6.29
C ASN B 147 -17.55 -7.38 5.43
N VAL B 148 -16.98 -6.39 4.76
CA VAL B 148 -15.81 -6.58 3.92
C VAL B 148 -14.85 -5.42 4.15
N PRO B 149 -14.22 -5.37 5.34
CA PRO B 149 -13.27 -4.35 5.78
C PRO B 149 -11.94 -4.25 5.05
N ASP B 150 -11.59 -5.26 4.27
CA ASP B 150 -10.31 -5.22 3.58
C ASP B 150 -10.28 -5.70 2.13
N ILE B 151 -11.44 -5.98 1.55
CA ILE B 151 -11.49 -6.40 0.15
C ILE B 151 -11.09 -5.17 -0.66
N PRO B 152 -10.32 -5.37 -1.72
CA PRO B 152 -9.89 -4.24 -2.55
C PRO B 152 -11.01 -3.55 -3.32
N ILE B 153 -11.12 -2.25 -3.13
CA ILE B 153 -12.12 -1.45 -3.84
C ILE B 153 -11.34 -0.63 -4.89
N ILE B 154 -11.59 -0.89 -6.17
CA ILE B 154 -10.89 -0.17 -7.26
C ILE B 154 -11.70 1.00 -7.81
N ILE B 155 -11.06 2.16 -7.95
CA ILE B 155 -11.75 3.34 -8.46
C ILE B 155 -11.06 3.95 -9.69
N GLY B 156 -11.82 4.15 -10.76
CA GLY B 156 -11.24 4.70 -11.99
C GLY B 156 -11.41 6.21 -12.16
N GLY B 157 -10.54 6.82 -12.96
CA GLY B 157 -10.60 8.24 -13.18
C GLY B 157 -11.58 8.60 -14.27
N LEU B 158 -11.73 9.89 -14.54
CA LEU B 158 -12.66 10.34 -15.56
C LEU B 158 -11.93 10.65 -16.85
N GLY B 159 -12.57 10.37 -17.98
CA GLY B 159 -11.94 10.63 -19.26
C GLY B 159 -11.52 12.08 -19.47
N ASP B 160 -10.41 12.28 -20.18
CA ASP B 160 -9.89 13.60 -20.45
C ASP B 160 -10.68 14.30 -21.55
N PHE B 161 -11.63 13.59 -22.15
CA PHE B 161 -12.44 14.20 -23.19
C PHE B 161 -13.57 15.05 -22.59
N LEU B 162 -13.82 14.87 -21.30
CA LEU B 162 -14.87 15.60 -20.61
C LEU B 162 -14.70 17.12 -20.68
N GLY B 163 -15.79 17.83 -20.44
CA GLY B 163 -15.79 19.28 -20.46
C GLY B 163 -15.34 19.91 -21.76
N LYS B 164 -15.73 19.31 -22.89
CA LYS B 164 -15.33 19.84 -24.17
C LYS B 164 -16.41 19.73 -25.25
N GLU B 165 -17.00 18.55 -25.39
CA GLU B 165 -18.03 18.34 -26.41
C GLU B 165 -19.40 18.01 -25.85
N ARG B 166 -20.42 18.48 -26.55
CA ARG B 166 -21.83 18.27 -26.22
C ARG B 166 -22.21 17.78 -24.83
N PHE B 167 -22.75 16.57 -24.73
CA PHE B 167 -23.17 16.04 -23.44
C PHE B 167 -22.11 16.06 -22.35
N GLY B 168 -20.84 16.19 -22.74
CA GLY B 168 -19.80 16.22 -21.74
C GLY B 168 -19.24 17.60 -21.46
N LYS B 169 -19.64 18.57 -22.27
CA LYS B 169 -19.17 19.96 -22.14
C LYS B 169 -19.40 20.59 -20.79
N GLY B 170 -20.42 20.13 -20.06
CA GLY B 170 -20.69 20.71 -18.77
C GLY B 170 -19.77 20.23 -17.67
N CYS B 171 -18.96 19.20 -17.96
CA CYS B 171 -18.03 18.62 -16.99
C CYS B 171 -16.65 19.26 -17.11
N THR B 172 -16.57 20.52 -16.76
CA THR B 172 -15.30 21.23 -16.86
C THR B 172 -14.43 21.08 -15.62
N GLU B 173 -14.97 20.45 -14.58
CA GLU B 173 -14.22 20.27 -13.35
C GLU B 173 -13.83 18.81 -13.15
N TYR B 174 -13.86 18.04 -14.22
CA TYR B 174 -13.54 16.62 -14.14
C TYR B 174 -12.17 16.38 -13.52
N ASN B 175 -11.19 17.19 -13.92
CA ASN B 175 -9.85 17.02 -13.41
C ASN B 175 -9.74 17.30 -11.92
N PHE B 176 -10.65 18.09 -11.38
CA PHE B 176 -10.63 18.36 -9.95
C PHE B 176 -11.17 17.14 -9.20
N ILE B 177 -12.04 16.40 -9.85
CA ILE B 177 -12.62 15.19 -9.28
C ILE B 177 -11.57 14.09 -9.30
N ASN B 178 -10.81 14.02 -10.40
CA ASN B 178 -9.75 13.03 -10.54
C ASN B 178 -8.78 13.19 -9.38
N LYS B 179 -8.46 14.42 -9.01
CA LYS B 179 -7.53 14.65 -7.92
C LYS B 179 -8.10 14.09 -6.63
N GLU B 180 -9.39 14.30 -6.42
CA GLU B 180 -10.03 13.79 -5.21
C GLU B 180 -10.10 12.27 -5.24
N LEU B 181 -10.29 11.70 -6.42
CA LEU B 181 -10.35 10.25 -6.57
C LEU B 181 -8.98 9.67 -6.24
N GLN B 182 -7.94 10.25 -6.84
CA GLN B 182 -6.58 9.80 -6.59
C GLN B 182 -6.25 9.91 -5.11
N LYS B 183 -6.40 11.11 -4.55
CA LYS B 183 -6.11 11.33 -3.14
C LYS B 183 -6.79 10.28 -2.27
N PHE B 184 -8.09 10.10 -2.49
CA PHE B 184 -8.87 9.14 -1.73
C PHE B 184 -8.22 7.76 -1.77
N ALA B 185 -7.80 7.34 -2.95
CA ALA B 185 -7.19 6.03 -3.10
C ALA B 185 -5.90 5.87 -2.29
N PHE B 186 -5.00 6.85 -2.41
CA PHE B 186 -3.73 6.77 -1.69
C PHE B 186 -3.90 6.77 -0.18
N GLU B 187 -4.70 7.71 0.30
CA GLU B 187 -4.95 7.84 1.73
C GLU B 187 -5.77 6.71 2.33
N GLN B 188 -6.83 6.29 1.64
CA GLN B 188 -7.67 5.23 2.18
C GLN B 188 -7.10 3.83 1.97
N ASP B 189 -7.33 2.99 2.97
CA ASP B 189 -6.84 1.62 2.95
C ASP B 189 -7.58 0.73 1.97
N ASN B 190 -6.81 -0.08 1.25
CA ASN B 190 -7.35 -1.03 0.29
C ASN B 190 -8.15 -0.40 -0.84
N CYS B 191 -7.69 0.76 -1.29
CA CYS B 191 -8.34 1.47 -2.39
C CYS B 191 -7.27 1.75 -3.42
N TYR B 192 -7.57 1.47 -4.68
CA TYR B 192 -6.57 1.71 -5.72
C TYR B 192 -7.16 2.51 -6.89
N PHE B 193 -6.36 3.46 -7.39
CA PHE B 193 -6.78 4.33 -8.48
C PHE B 193 -6.39 3.74 -9.83
N VAL B 194 -7.19 4.02 -10.85
CA VAL B 194 -6.90 3.50 -12.19
C VAL B 194 -7.04 4.63 -13.19
N THR B 195 -5.92 5.08 -13.76
CA THR B 195 -5.96 6.17 -14.73
C THR B 195 -6.85 5.88 -15.94
N ALA B 196 -7.40 6.93 -16.53
CA ALA B 196 -8.25 6.79 -17.70
C ALA B 196 -7.58 7.43 -18.92
N SER B 197 -6.28 7.70 -18.81
CA SER B 197 -5.54 8.29 -19.91
C SER B 197 -5.72 7.47 -21.16
N GLY B 198 -5.65 8.17 -22.30
CA GLY B 198 -5.77 7.52 -23.58
C GLY B 198 -7.17 7.07 -23.92
N LEU B 199 -8.02 6.87 -22.92
CA LEU B 199 -9.37 6.42 -23.21
C LEU B 199 -10.15 7.47 -24.01
N THR B 200 -10.86 7.01 -25.04
CA THR B 200 -11.65 7.89 -25.88
C THR B 200 -13.15 7.72 -25.59
N CYS B 201 -13.96 8.59 -26.18
CA CYS B 201 -15.41 8.53 -25.95
C CYS B 201 -16.25 8.42 -27.20
N ASN B 202 -17.51 8.06 -27.00
CA ASN B 202 -18.46 7.96 -28.11
C ASN B 202 -18.79 9.40 -28.58
N PRO B 203 -19.61 9.53 -29.62
CA PRO B 203 -19.99 10.84 -30.15
C PRO B 203 -20.62 11.79 -29.11
N ASP B 204 -21.36 11.26 -28.14
CA ASP B 204 -21.96 12.15 -27.18
C ASP B 204 -20.98 12.95 -26.34
N GLY B 205 -19.68 12.70 -26.49
CA GLY B 205 -18.69 13.43 -25.72
C GLY B 205 -18.67 13.23 -24.22
N ILE B 206 -19.35 12.20 -23.72
CA ILE B 206 -19.34 11.98 -22.28
C ILE B 206 -19.10 10.51 -21.88
N HIS B 207 -19.46 9.59 -22.76
CA HIS B 207 -19.32 8.15 -22.46
C HIS B 207 -18.11 7.52 -23.14
N ILE B 208 -17.35 6.74 -22.36
CA ILE B 208 -16.16 6.05 -22.84
C ILE B 208 -16.62 5.01 -23.86
N ASP B 209 -15.93 4.91 -24.99
CA ASP B 209 -16.33 3.95 -26.02
C ASP B 209 -15.96 2.49 -25.73
N ALA B 210 -16.51 1.57 -26.51
CA ALA B 210 -16.27 0.14 -26.32
C ALA B 210 -14.78 -0.23 -26.23
N ILE B 211 -14.03 0.13 -27.25
CA ILE B 211 -12.60 -0.17 -27.28
C ILE B 211 -11.94 0.28 -25.99
N SER B 212 -12.17 1.54 -25.62
CA SER B 212 -11.55 2.10 -24.42
C SER B 212 -12.06 1.47 -23.13
N GLN B 213 -13.31 1.00 -23.18
CA GLN B 213 -13.94 0.40 -22.03
C GLN B 213 -13.32 -0.98 -21.81
N ARG B 214 -12.83 -1.59 -22.89
CA ARG B 214 -12.18 -2.90 -22.81
C ARG B 214 -10.78 -2.72 -22.20
N LYS B 215 -10.05 -1.70 -22.63
CA LYS B 215 -8.72 -1.48 -22.05
C LYS B 215 -8.87 -1.09 -20.60
N PHE B 216 -9.89 -0.27 -20.31
CA PHE B 216 -10.16 0.19 -18.96
C PHE B 216 -10.38 -0.97 -17.99
N GLY B 217 -11.01 -2.03 -18.46
CA GLY B 217 -11.25 -3.19 -17.61
C GLY B 217 -9.95 -3.88 -17.23
N LEU B 218 -8.99 -3.94 -18.15
CA LEU B 218 -7.71 -4.57 -17.87
C LEU B 218 -6.98 -3.83 -16.78
N ARG B 219 -6.96 -2.51 -16.85
CA ARG B 219 -6.29 -1.70 -15.85
C ARG B 219 -6.95 -1.90 -14.48
N TYR B 220 -8.27 -2.12 -14.46
CA TYR B 220 -8.96 -2.35 -13.20
C TYR B 220 -8.44 -3.63 -12.58
N PHE B 221 -8.31 -4.68 -13.39
CA PHE B 221 -7.82 -5.97 -12.93
C PHE B 221 -6.35 -5.88 -12.56
N GLU B 222 -5.62 -5.12 -13.35
CA GLU B 222 -4.22 -4.90 -13.09
C GLU B 222 -4.06 -4.33 -11.66
N ALA B 223 -4.96 -3.43 -11.28
CA ALA B 223 -4.90 -2.82 -9.97
C ALA B 223 -5.36 -3.78 -8.89
N PHE B 224 -6.42 -4.50 -9.18
CA PHE B 224 -6.98 -5.44 -8.23
C PHE B 224 -6.05 -6.62 -7.94
N PHE B 225 -5.63 -7.28 -9.00
CA PHE B 225 -4.76 -8.43 -8.87
C PHE B 225 -3.44 -8.16 -8.16
N ASN B 226 -2.85 -7.01 -8.43
CA ASN B 226 -1.57 -6.66 -7.84
C ASN B 226 -1.69 -5.69 -6.68
N ARG B 227 -2.91 -5.31 -6.35
CA ARG B 227 -3.14 -4.34 -5.28
C ARG B 227 -2.25 -3.11 -5.41
N LYS B 228 -2.30 -2.45 -6.57
CA LYS B 228 -1.50 -1.26 -6.81
C LYS B 228 -2.27 -0.17 -7.57
N HIS B 229 -1.67 1.00 -7.72
CA HIS B 229 -2.29 2.10 -8.44
C HIS B 229 -1.79 2.07 -9.89
N VAL B 230 -2.73 2.10 -10.84
CA VAL B 230 -2.37 2.09 -12.25
C VAL B 230 -2.39 3.53 -12.75
N LEU B 231 -1.25 4.21 -12.66
CA LEU B 231 -1.14 5.60 -13.07
C LEU B 231 -0.85 5.77 -14.55
N GLU B 232 -0.51 4.68 -15.21
CA GLU B 232 -0.19 4.69 -16.63
C GLU B 232 -0.86 3.53 -17.31
N PRO B 233 -1.15 3.65 -18.60
CA PRO B 233 -1.80 2.53 -19.30
C PRO B 233 -0.84 1.36 -19.44
N LEU B 234 -1.38 0.14 -19.38
CA LEU B 234 -0.58 -1.05 -19.53
C LEU B 234 0.01 -1.02 -20.92
N ILE B 235 1.23 -1.48 -21.08
CA ILE B 235 1.88 -1.47 -22.38
C ILE B 235 1.30 -2.43 -23.41
N ASN B 236 1.08 -3.68 -23.02
CA ASN B 236 0.55 -4.68 -23.93
C ASN B 236 -0.99 -4.66 -23.93
N GLU B 237 -1.56 -3.48 -23.65
CA GLU B 237 -3.01 -3.31 -23.58
C GLU B 237 -3.76 -3.93 -24.76
N ASN B 238 -3.37 -3.56 -25.97
CA ASN B 238 -4.02 -4.12 -27.15
C ASN B 238 -3.84 -5.63 -27.29
N GLU B 239 -2.58 -6.08 -27.27
CA GLU B 239 -2.29 -7.50 -27.43
C GLU B 239 -2.83 -8.35 -26.32
N LEU B 240 -2.86 -7.78 -25.13
CA LEU B 240 -3.35 -8.47 -23.95
C LEU B 240 -4.83 -8.81 -24.20
N LEU B 241 -5.56 -7.89 -24.84
CA LEU B 241 -6.97 -8.11 -25.14
C LEU B 241 -7.15 -9.20 -26.22
N ASN B 242 -6.39 -9.07 -27.30
CA ASN B 242 -6.47 -10.05 -28.39
C ASN B 242 -6.16 -11.45 -27.89
N LEU B 243 -5.30 -11.53 -26.88
CA LEU B 243 -4.94 -12.82 -26.31
C LEU B 243 -6.17 -13.46 -25.67
N ASN B 244 -7.04 -12.65 -25.08
CA ASN B 244 -8.25 -13.18 -24.46
C ASN B 244 -9.31 -13.46 -25.51
N TYR B 245 -9.27 -12.72 -26.61
CA TYR B 245 -10.24 -12.89 -27.69
C TYR B 245 -9.95 -14.16 -28.49
N ALA B 246 -8.67 -14.49 -28.59
CA ALA B 246 -8.24 -15.69 -29.33
C ALA B 246 -8.56 -16.99 -28.60
N ARG B 247 -8.71 -16.93 -27.29
CA ARG B 247 -9.03 -18.11 -26.50
C ARG B 247 -10.07 -18.98 -27.19
N THR B 248 -9.85 -20.29 -27.18
CA THR B 248 -10.77 -21.23 -27.82
C THR B 248 -11.96 -21.45 -26.90
N HIS B 249 -13.17 -21.48 -27.45
CA HIS B 249 -14.37 -21.66 -26.64
C HIS B 249 -14.71 -23.10 -26.32
N THR B 250 -15.31 -23.28 -25.15
CA THR B 250 -15.74 -24.57 -24.68
C THR B 250 -16.93 -25.03 -25.51
N LYS B 251 -17.26 -26.32 -25.40
CA LYS B 251 -18.37 -26.87 -26.14
C LYS B 251 -19.66 -26.21 -25.64
N ALA B 252 -19.77 -26.06 -24.32
CA ALA B 252 -20.96 -25.45 -23.71
C ALA B 252 -21.13 -24.00 -24.16
N GLU B 253 -20.00 -23.30 -24.31
CA GLU B 253 -20.02 -21.92 -24.75
C GLU B 253 -20.50 -21.79 -26.20
N LYS B 254 -19.87 -22.50 -27.12
CA LYS B 254 -20.30 -22.40 -28.51
C LYS B 254 -21.72 -22.92 -28.73
N ILE B 255 -22.23 -23.71 -27.80
CA ILE B 255 -23.58 -24.22 -27.90
C ILE B 255 -24.50 -23.11 -27.41
N TYR B 256 -23.95 -22.25 -26.58
CA TYR B 256 -24.70 -21.14 -26.02
C TYR B 256 -24.94 -20.06 -27.07
N ILE B 257 -23.89 -19.71 -27.81
CA ILE B 257 -24.05 -18.68 -28.83
C ILE B 257 -25.04 -19.16 -29.87
N LYS B 258 -25.12 -20.47 -30.05
CA LYS B 258 -26.04 -21.03 -31.04
C LYS B 258 -27.48 -21.07 -30.49
N SER B 259 -27.59 -21.33 -29.19
CA SER B 259 -28.89 -21.40 -28.54
C SER B 259 -29.52 -20.03 -28.54
N MSE B 260 -28.67 -19.03 -28.47
CA MSE B 260 -29.12 -17.66 -28.45
C MSE B 260 -29.50 -17.21 -29.85
O MSE B 260 -30.54 -16.59 -30.04
CB MSE B 260 -28.03 -16.78 -27.88
CG MSE B 260 -28.53 -15.67 -27.03
SE MSE B 260 -27.06 -14.80 -26.17
CE MSE B 260 -26.48 -13.70 -27.69
N ASP B 261 -28.66 -17.53 -30.83
CA ASP B 261 -28.95 -17.18 -32.22
C ASP B 261 -30.36 -17.64 -32.57
N PHE B 262 -30.69 -18.86 -32.16
CA PHE B 262 -32.00 -19.42 -32.43
C PHE B 262 -33.06 -18.74 -31.59
N ALA B 263 -32.77 -18.58 -30.31
CA ALA B 263 -33.70 -17.94 -29.38
C ALA B 263 -34.12 -16.53 -29.85
N LEU B 264 -33.22 -15.84 -30.54
CA LEU B 264 -33.53 -14.49 -31.02
C LEU B 264 -34.10 -14.52 -32.43
N GLY B 265 -34.26 -15.70 -33.00
CA GLY B 265 -34.81 -15.79 -34.33
C GLY B 265 -33.81 -15.53 -35.45
N LYS B 266 -32.51 -15.52 -35.14
CA LYS B 266 -31.51 -15.26 -36.18
C LYS B 266 -31.27 -16.47 -37.11
N ILE B 267 -31.74 -17.65 -36.70
CA ILE B 267 -31.58 -18.83 -37.53
C ILE B 267 -32.77 -19.76 -37.39
N SER B 268 -32.87 -20.68 -38.34
CA SER B 268 -33.93 -21.67 -38.38
C SER B 268 -33.72 -22.76 -37.33
N TYR B 269 -34.76 -23.52 -37.04
CA TYR B 269 -34.61 -24.59 -36.06
C TYR B 269 -33.74 -25.71 -36.62
N ASP B 270 -33.89 -26.02 -37.90
CA ASP B 270 -33.09 -27.06 -38.53
C ASP B 270 -31.64 -26.58 -38.63
N GLU B 271 -31.48 -25.29 -38.85
CA GLU B 271 -30.15 -24.72 -38.96
C GLU B 271 -29.51 -24.75 -37.58
N PHE B 272 -30.33 -24.62 -36.55
CA PHE B 272 -29.88 -24.66 -35.16
C PHE B 272 -29.47 -26.07 -34.79
N THR B 273 -30.27 -27.04 -35.25
CA THR B 273 -30.02 -28.45 -35.01
C THR B 273 -28.71 -28.86 -35.67
N SER B 274 -28.60 -28.57 -36.97
CA SER B 274 -27.41 -28.91 -37.73
C SER B 274 -26.17 -28.31 -37.06
N GLU B 275 -26.30 -27.08 -36.57
CA GLU B 275 -25.18 -26.41 -35.91
C GLU B 275 -24.81 -27.07 -34.59
N LEU B 276 -25.81 -27.63 -33.91
CA LEU B 276 -25.58 -28.28 -32.63
C LEU B 276 -24.86 -29.60 -32.81
N MSE B 277 -25.20 -30.32 -33.88
CA MSE B 277 -24.58 -31.59 -34.15
C MSE B 277 -23.10 -31.39 -34.51
O MSE B 277 -22.25 -32.12 -34.02
CB MSE B 277 -25.30 -32.30 -35.30
CG MSE B 277 -26.73 -32.67 -34.98
SE MSE B 277 -26.90 -33.63 -33.29
CE MSE B 277 -26.23 -35.38 -33.89
N LYS B 278 -22.83 -30.39 -35.33
CA LYS B 278 -21.45 -30.09 -35.73
C LYS B 278 -20.59 -29.93 -34.50
N ILE B 279 -21.13 -29.29 -33.47
CA ILE B 279 -20.42 -29.07 -32.23
C ILE B 279 -20.23 -30.39 -31.48
N ASN B 280 -21.22 -31.26 -31.57
CA ASN B 280 -21.17 -32.54 -30.90
C ASN B 280 -20.22 -33.52 -31.62
N ASN B 281 -20.29 -33.55 -32.95
CA ASN B 281 -19.46 -34.45 -33.73
C ASN B 281 -18.01 -33.99 -33.79
N ASP B 282 -17.79 -32.69 -33.71
CA ASP B 282 -16.45 -32.12 -33.78
C ASP B 282 -15.44 -32.85 -32.90
N LEU B 283 -14.23 -33.01 -33.43
CA LEU B 283 -13.15 -33.70 -32.73
C LEU B 283 -12.55 -32.83 -31.63
N GLU B 284 -11.52 -32.09 -32.01
CA GLU B 284 -10.86 -31.23 -31.04
C GLU B 284 -9.70 -30.48 -31.70
N MSE C 1 10.41 -2.28 -12.60
CA MSE C 1 10.42 -3.40 -11.62
C MSE C 1 11.77 -4.12 -11.65
O MSE C 1 12.75 -3.61 -12.20
CB MSE C 1 9.28 -4.40 -11.90
CG MSE C 1 9.39 -5.20 -13.22
SE MSE C 1 8.09 -6.71 -13.47
CE MSE C 1 6.77 -5.85 -14.64
N VAL C 2 11.80 -5.32 -11.07
CA VAL C 2 13.00 -6.13 -11.04
C VAL C 2 12.74 -7.39 -11.87
N LYS C 3 13.56 -7.58 -12.90
CA LYS C 3 13.44 -8.76 -13.75
C LYS C 3 14.42 -9.80 -13.21
N SER C 4 13.90 -10.90 -12.68
CA SER C 4 14.75 -11.94 -12.12
C SER C 4 15.03 -13.07 -13.10
N PHE C 5 16.22 -13.65 -12.97
CA PHE C 5 16.64 -14.76 -13.80
C PHE C 5 17.20 -15.91 -12.94
N LEU C 6 16.55 -17.08 -13.00
CA LEU C 6 16.95 -18.25 -12.25
C LEU C 6 18.12 -18.97 -12.92
N MSE C 7 19.18 -19.21 -12.14
CA MSE C 7 20.38 -19.90 -12.64
C MSE C 7 20.40 -21.35 -12.18
O MSE C 7 20.42 -21.63 -10.99
CB MSE C 7 21.63 -19.19 -12.10
CG MSE C 7 21.72 -17.72 -12.42
SE MSE C 7 23.30 -16.88 -11.63
CE MSE C 7 22.58 -16.23 -10.01
N LEU C 8 20.42 -22.27 -13.14
CA LEU C 8 20.44 -23.69 -12.81
C LEU C 8 21.55 -24.41 -13.56
N GLY C 9 22.00 -25.54 -13.01
CA GLY C 9 23.04 -26.31 -13.66
C GLY C 9 24.18 -26.76 -12.78
N GLN C 10 25.29 -27.06 -13.43
CA GLN C 10 26.51 -27.54 -12.80
C GLN C 10 27.45 -26.39 -12.45
N SER C 11 28.70 -26.73 -12.18
CA SER C 11 29.68 -25.73 -11.80
C SER C 11 29.99 -24.69 -12.89
N ASN C 12 29.82 -25.08 -14.15
CA ASN C 12 30.09 -24.16 -15.25
C ASN C 12 29.00 -23.08 -15.39
N MSE C 13 27.91 -23.21 -14.64
CA MSE C 13 26.85 -22.22 -14.63
C MSE C 13 27.09 -21.35 -13.41
O MSE C 13 26.92 -20.14 -13.47
CB MSE C 13 25.46 -22.83 -14.51
CG MSE C 13 24.34 -21.84 -14.06
SE MSE C 13 24.11 -20.20 -15.19
CE MSE C 13 23.49 -21.00 -16.85
N ALA C 14 27.48 -21.98 -12.30
CA ALA C 14 27.76 -21.25 -11.06
C ALA C 14 29.00 -20.40 -11.26
N GLY C 15 29.83 -20.81 -12.20
CA GLY C 15 31.05 -20.08 -12.50
C GLY C 15 32.26 -20.47 -11.70
N ARG C 16 33.34 -20.77 -12.41
CA ARG C 16 34.60 -21.16 -11.77
C ARG C 16 35.78 -20.36 -12.32
N GLY C 17 35.48 -19.31 -13.08
CA GLY C 17 36.52 -18.49 -13.65
C GLY C 17 37.25 -17.72 -12.58
N PHE C 18 38.55 -17.54 -12.74
CA PHE C 18 39.33 -16.82 -11.74
C PHE C 18 38.95 -15.34 -11.79
N ILE C 19 38.44 -14.81 -10.69
CA ILE C 19 38.01 -13.41 -10.70
C ILE C 19 39.11 -12.37 -10.93
N ASN C 20 40.38 -12.77 -10.82
CA ASN C 20 41.47 -11.82 -11.00
C ASN C 20 41.92 -11.74 -12.46
N GLU C 21 41.27 -12.49 -13.35
CA GLU C 21 41.66 -12.51 -14.75
C GLU C 21 40.75 -11.72 -15.66
N VAL C 22 39.68 -11.20 -15.08
CA VAL C 22 38.71 -10.45 -15.84
C VAL C 22 38.32 -9.22 -15.02
N PRO C 23 38.01 -8.10 -15.68
CA PRO C 23 37.61 -6.88 -14.98
C PRO C 23 36.33 -7.02 -14.19
N MSE C 24 36.31 -6.39 -13.01
CA MSE C 24 35.16 -6.44 -12.13
C MSE C 24 33.97 -5.70 -12.74
O MSE C 24 34.13 -4.69 -13.42
CB MSE C 24 35.51 -5.82 -10.76
CG MSE C 24 34.44 -6.00 -9.67
SE MSE C 24 34.62 -4.86 -8.06
CE MSE C 24 32.76 -4.73 -7.50
N ILE C 25 32.78 -6.24 -12.51
CA ILE C 25 31.55 -5.65 -13.00
C ILE C 25 30.78 -5.09 -11.80
N TYR C 26 30.72 -3.76 -11.71
CA TYR C 26 30.02 -3.08 -10.62
C TYR C 26 28.86 -2.32 -11.23
N ASN C 27 27.68 -2.92 -11.21
CA ASN C 27 26.49 -2.30 -11.77
C ASN C 27 25.41 -2.28 -10.73
N GLU C 28 25.08 -1.09 -10.22
CA GLU C 28 24.05 -0.95 -9.20
C GLU C 28 22.68 -1.39 -9.66
N ARG C 29 22.55 -1.62 -10.97
CA ARG C 29 21.30 -2.04 -11.56
C ARG C 29 21.25 -3.55 -11.75
N ILE C 30 22.33 -4.21 -11.34
CA ILE C 30 22.40 -5.67 -11.40
C ILE C 30 22.42 -6.17 -9.94
N GLN C 31 21.52 -7.07 -9.61
CA GLN C 31 21.43 -7.60 -8.25
C GLN C 31 21.39 -9.11 -8.13
N MSE C 32 21.73 -9.62 -6.95
CA MSE C 32 21.74 -11.05 -6.68
C MSE C 32 20.89 -11.32 -5.46
O MSE C 32 20.72 -10.45 -4.60
CB MSE C 32 23.17 -11.54 -6.43
CG MSE C 32 23.91 -10.77 -5.35
SE MSE C 32 25.81 -11.31 -5.12
CE MSE C 32 26.20 -11.75 -6.94
N LEU C 33 20.38 -12.55 -5.37
CA LEU C 33 19.52 -12.93 -4.24
C LEU C 33 20.33 -13.48 -3.06
N ARG C 34 20.31 -12.77 -1.93
CA ARG C 34 20.99 -13.21 -0.72
C ARG C 34 19.94 -13.53 0.35
N ASN C 35 19.88 -14.80 0.70
CA ASN C 35 18.93 -15.31 1.67
C ASN C 35 17.54 -14.64 1.56
N GLY C 36 16.92 -14.88 0.41
CA GLY C 36 15.60 -14.38 0.14
C GLY C 36 15.37 -13.01 -0.48
N ARG C 37 16.29 -12.08 -0.27
CA ARG C 37 16.09 -10.74 -0.83
C ARG C 37 17.21 -10.26 -1.76
N TRP C 38 17.00 -9.11 -2.38
CA TRP C 38 17.97 -8.58 -3.33
C TRP C 38 19.09 -7.78 -2.70
N GLN C 39 20.28 -7.96 -3.25
CA GLN C 39 21.46 -7.26 -2.79
C GLN C 39 22.25 -6.92 -4.04
N MSE C 40 23.09 -5.92 -3.99
CA MSE C 40 23.88 -5.56 -5.18
C MSE C 40 24.79 -6.69 -5.60
O MSE C 40 25.58 -7.19 -4.80
CB MSE C 40 24.71 -4.32 -4.91
CG MSE C 40 24.52 -3.24 -5.96
SE MSE C 40 26.10 -2.13 -6.25
CE MSE C 40 26.77 -3.14 -7.79
N MSE C 41 24.72 -7.07 -6.87
CA MSE C 41 25.53 -8.16 -7.38
C MSE C 41 27.04 -7.89 -7.30
O MSE C 41 27.52 -6.81 -7.65
CB MSE C 41 25.12 -8.45 -8.83
CG MSE C 41 25.82 -9.64 -9.47
SE MSE C 41 27.69 -9.35 -9.89
CE MSE C 41 27.53 -9.16 -11.83
N THR C 42 27.76 -8.90 -6.82
CA THR C 42 29.22 -8.87 -6.68
C THR C 42 29.66 -10.33 -6.78
N GLU C 43 30.46 -10.63 -7.80
CA GLU C 43 30.95 -11.99 -7.99
C GLU C 43 31.88 -12.36 -6.83
N PRO C 44 31.86 -13.64 -6.39
CA PRO C 44 31.05 -14.77 -6.82
C PRO C 44 29.54 -14.61 -6.63
N ILE C 45 28.79 -14.86 -7.69
CA ILE C 45 27.35 -14.73 -7.63
C ILE C 45 26.72 -16.00 -7.04
N ASN C 46 27.14 -17.14 -7.57
CA ASN C 46 26.66 -18.45 -7.16
C ASN C 46 27.72 -19.11 -6.25
N TYR C 47 27.76 -18.70 -4.99
CA TYR C 47 28.75 -19.24 -4.04
C TYR C 47 28.39 -20.60 -3.48
N ASP C 48 28.40 -21.64 -4.33
CA ASP C 48 28.06 -22.99 -3.87
C ASP C 48 29.27 -23.72 -3.28
N ARG C 49 30.45 -23.18 -3.59
CA ARG C 49 31.70 -23.75 -3.14
C ARG C 49 32.64 -22.62 -2.86
N PRO C 50 33.61 -22.84 -1.96
CA PRO C 50 34.55 -21.78 -1.65
C PRO C 50 35.41 -21.42 -2.85
N VAL C 51 35.27 -22.18 -3.93
CA VAL C 51 36.04 -21.90 -5.14
C VAL C 51 35.22 -21.20 -6.24
N SER C 52 33.97 -20.90 -5.96
CA SER C 52 33.13 -20.20 -6.95
C SER C 52 33.79 -18.90 -7.41
N GLY C 53 33.75 -18.63 -8.72
CA GLY C 53 34.34 -17.42 -9.24
C GLY C 53 33.50 -16.72 -10.30
N ILE C 54 34.10 -16.41 -11.44
CA ILE C 54 33.40 -15.73 -12.52
C ILE C 54 32.34 -16.59 -13.16
N SER C 55 31.13 -16.04 -13.25
CA SER C 55 30.01 -16.74 -13.86
C SER C 55 29.62 -16.07 -15.19
N LEU C 56 28.86 -16.77 -16.02
CA LEU C 56 28.43 -16.24 -17.31
C LEU C 56 27.26 -15.28 -17.10
N ALA C 57 26.64 -15.36 -15.93
CA ALA C 57 25.51 -14.51 -15.60
C ALA C 57 25.96 -13.08 -15.36
N GLY C 58 27.25 -12.88 -15.18
CA GLY C 58 27.75 -11.53 -14.94
C GLY C 58 27.67 -10.70 -16.21
N SER C 59 28.29 -11.17 -17.27
CA SER C 59 28.24 -10.41 -18.49
C SER C 59 26.81 -10.41 -19.03
N PHE C 60 26.07 -11.47 -18.77
CA PHE C 60 24.68 -11.55 -19.24
C PHE C 60 23.85 -10.39 -18.68
N ALA C 61 24.03 -10.12 -17.39
CA ALA C 61 23.31 -9.05 -16.72
C ALA C 61 23.83 -7.68 -17.17
N ASP C 62 25.14 -7.56 -17.33
CA ASP C 62 25.74 -6.30 -17.74
C ASP C 62 25.19 -5.90 -19.11
N ALA C 63 25.09 -6.89 -20.00
CA ALA C 63 24.59 -6.65 -21.35
C ALA C 63 23.10 -6.35 -21.32
N TRP C 64 22.42 -6.97 -20.35
CA TRP C 64 21.00 -6.78 -20.20
C TRP C 64 20.68 -5.37 -19.70
N SER C 65 21.52 -4.86 -18.81
CA SER C 65 21.31 -3.55 -18.25
C SER C 65 21.53 -2.45 -19.27
N GLN C 66 22.27 -2.75 -20.33
CA GLN C 66 22.55 -1.78 -21.37
C GLN C 66 21.42 -1.65 -22.38
N LYS C 67 20.59 -2.68 -22.46
CA LYS C 67 19.45 -2.70 -23.36
C LYS C 67 18.18 -2.34 -22.57
N ASN C 68 18.32 -2.09 -21.28
CA ASN C 68 17.20 -1.74 -20.43
C ASN C 68 17.70 -0.80 -19.34
N GLN C 69 17.95 0.45 -19.71
CA GLN C 69 18.45 1.44 -18.76
C GLN C 69 17.47 1.75 -17.66
N GLU C 70 16.24 1.28 -17.79
CA GLU C 70 15.23 1.57 -16.78
C GLU C 70 15.13 0.59 -15.61
N ASP C 71 14.99 -0.69 -15.93
CA ASP C 71 14.84 -1.71 -14.89
C ASP C 71 16.12 -2.29 -14.31
N ILE C 72 15.95 -3.13 -13.29
CA ILE C 72 17.08 -3.76 -12.65
C ILE C 72 16.96 -5.27 -12.82
N ILE C 73 18.08 -5.94 -13.11
CA ILE C 73 18.07 -7.39 -13.31
C ILE C 73 18.50 -8.13 -12.04
N GLY C 74 17.68 -9.07 -11.61
CA GLY C 74 18.00 -9.84 -10.43
C GLY C 74 18.41 -11.26 -10.74
N LEU C 75 19.54 -11.68 -10.18
CA LEU C 75 20.05 -13.05 -10.41
C LEU C 75 19.74 -13.95 -9.21
N ILE C 76 19.28 -15.16 -9.53
CA ILE C 76 18.93 -16.16 -8.51
C ILE C 76 19.89 -17.35 -8.68
N PRO C 77 20.97 -17.40 -7.87
CA PRO C 77 21.99 -18.46 -7.90
C PRO C 77 21.52 -19.80 -7.30
N CYS C 78 21.35 -20.79 -8.16
CA CYS C 78 20.89 -22.09 -7.69
C CYS C 78 21.61 -23.23 -8.37
N ALA C 79 22.84 -22.97 -8.83
CA ALA C 79 23.62 -24.00 -9.50
C ALA C 79 24.45 -24.78 -8.48
N GLU C 80 24.57 -26.09 -8.67
CA GLU C 80 25.35 -26.94 -7.76
C GLU C 80 26.45 -27.64 -8.50
N GLY C 81 27.68 -27.48 -8.03
CA GLY C 81 28.81 -28.13 -8.69
C GLY C 81 28.74 -29.65 -8.61
N GLY C 82 29.17 -30.31 -9.69
CA GLY C 82 29.16 -31.75 -9.71
C GLY C 82 27.80 -32.42 -9.79
N SER C 83 26.73 -31.62 -9.75
CA SER C 83 25.39 -32.16 -9.83
C SER C 83 25.15 -32.73 -11.23
N SER C 84 24.41 -33.82 -11.29
CA SER C 84 24.11 -34.47 -12.56
C SER C 84 22.63 -34.30 -12.82
N ILE C 85 22.20 -34.60 -14.04
CA ILE C 85 20.80 -34.47 -14.39
C ILE C 85 19.90 -35.22 -13.38
N ASP C 86 20.36 -36.38 -12.90
CA ASP C 86 19.60 -37.17 -11.92
C ASP C 86 19.45 -36.44 -10.58
N GLU C 87 20.50 -35.72 -10.20
CA GLU C 87 20.46 -34.98 -8.95
C GLU C 87 19.49 -33.82 -9.07
N TRP C 88 19.12 -33.48 -10.30
CA TRP C 88 18.18 -32.38 -10.52
C TRP C 88 16.73 -32.83 -10.68
N ALA C 89 16.45 -34.09 -10.35
CA ALA C 89 15.10 -34.64 -10.42
C ALA C 89 14.11 -33.81 -9.61
N LEU C 90 12.86 -33.77 -10.05
CA LEU C 90 11.84 -32.99 -9.36
C LEU C 90 11.80 -33.21 -7.85
N ASP C 91 11.90 -34.47 -7.42
CA ASP C 91 11.86 -34.77 -5.99
C ASP C 91 13.15 -34.37 -5.29
N GLY C 92 14.20 -34.17 -6.09
CA GLY C 92 15.49 -33.80 -5.57
C GLY C 92 15.49 -32.63 -4.59
N VAL C 93 16.58 -32.46 -3.86
CA VAL C 93 16.68 -31.38 -2.90
C VAL C 93 17.17 -30.10 -3.58
N LEU C 94 18.10 -30.23 -4.52
CA LEU C 94 18.59 -29.02 -5.13
C LEU C 94 17.63 -28.48 -6.18
N PHE C 95 16.57 -29.23 -6.47
CA PHE C 95 15.55 -28.76 -7.40
C PHE C 95 14.45 -28.09 -6.57
N ARG C 96 14.12 -28.69 -5.44
CA ARG C 96 13.09 -28.14 -4.58
C ARG C 96 13.63 -26.90 -3.91
N HIS C 97 14.95 -26.81 -3.80
CA HIS C 97 15.57 -25.64 -3.18
C HIS C 97 15.59 -24.50 -4.18
N ALA C 98 15.73 -24.85 -5.47
CA ALA C 98 15.72 -23.86 -6.52
C ALA C 98 14.33 -23.26 -6.58
N LEU C 99 13.31 -24.11 -6.50
CA LEU C 99 11.93 -23.62 -6.51
C LEU C 99 11.70 -22.63 -5.39
N THR C 100 12.06 -22.98 -4.17
CA THR C 100 11.84 -22.08 -3.04
C THR C 100 12.60 -20.77 -3.23
N GLU C 101 13.78 -20.84 -3.84
CA GLU C 101 14.58 -19.63 -4.06
C GLU C 101 13.86 -18.78 -5.09
N ALA C 102 13.39 -19.40 -6.17
CA ALA C 102 12.70 -18.66 -7.21
C ALA C 102 11.48 -17.97 -6.61
N LYS C 103 10.66 -18.73 -5.89
CA LYS C 103 9.47 -18.16 -5.28
C LYS C 103 9.78 -16.99 -4.35
N PHE C 104 10.85 -17.08 -3.58
CA PHE C 104 11.19 -15.98 -2.70
C PHE C 104 11.56 -14.74 -3.51
N ALA C 105 12.16 -15.00 -4.66
CA ALA C 105 12.59 -13.95 -5.56
C ALA C 105 11.43 -13.26 -6.25
N MSE C 106 10.47 -14.07 -6.71
CA MSE C 106 9.32 -13.52 -7.42
C MSE C 106 8.27 -12.84 -6.59
O MSE C 106 7.29 -12.29 -7.12
CB MSE C 106 8.68 -14.58 -8.33
CG MSE C 106 8.62 -15.98 -7.79
SE MSE C 106 8.38 -17.23 -9.25
CE MSE C 106 10.17 -17.17 -9.97
N GLU C 107 8.44 -12.84 -5.27
CA GLU C 107 7.48 -12.14 -4.44
C GLU C 107 8.02 -10.73 -4.26
N SER C 108 8.97 -10.37 -5.12
CA SER C 108 9.61 -9.04 -5.11
C SER C 108 10.27 -8.79 -6.47
N SER C 109 9.86 -9.57 -7.48
CA SER C 109 10.40 -9.44 -8.82
C SER C 109 9.58 -10.30 -9.79
N GLU C 110 9.89 -10.18 -11.07
CA GLU C 110 9.15 -10.95 -12.07
C GLU C 110 10.09 -11.88 -12.83
N LEU C 111 9.90 -13.18 -12.67
CA LEU C 111 10.74 -14.15 -13.34
C LEU C 111 10.61 -13.99 -14.84
N THR C 112 11.68 -13.52 -15.46
CA THR C 112 11.73 -13.25 -16.90
C THR C 112 12.41 -14.34 -17.73
N GLY C 113 13.37 -15.03 -17.13
CA GLY C 113 14.08 -16.07 -17.85
C GLY C 113 14.77 -17.09 -16.96
N ILE C 114 15.15 -18.21 -17.55
CA ILE C 114 15.84 -19.25 -16.81
C ILE C 114 17.11 -19.64 -17.56
N LEU C 115 18.25 -19.54 -16.87
CA LEU C 115 19.54 -19.89 -17.45
C LEU C 115 19.99 -21.27 -16.97
N TRP C 116 20.20 -22.15 -17.93
CA TRP C 116 20.61 -23.50 -17.61
C TRP C 116 21.90 -23.92 -18.31
N HIS C 117 22.78 -24.56 -17.54
CA HIS C 117 24.02 -25.10 -18.11
C HIS C 117 24.49 -26.24 -17.24
N GLN C 118 24.43 -27.45 -17.79
CA GLN C 118 24.81 -28.65 -17.05
C GLN C 118 25.03 -29.76 -18.04
N GLY C 119 25.85 -30.75 -17.69
CA GLY C 119 26.07 -31.85 -18.60
C GLY C 119 27.43 -32.50 -18.54
N GLU C 120 28.37 -31.90 -17.81
CA GLU C 120 29.69 -32.49 -17.69
C GLU C 120 29.56 -33.83 -16.93
N SER C 121 28.78 -33.81 -15.85
CA SER C 121 28.54 -35.01 -15.06
C SER C 121 27.63 -36.03 -15.75
N ASP C 122 27.35 -35.86 -17.04
CA ASP C 122 26.52 -36.82 -17.77
C ASP C 122 27.24 -37.16 -19.08
N SER C 123 28.47 -36.66 -19.22
CA SER C 123 29.23 -36.89 -20.45
C SER C 123 30.07 -38.15 -20.40
N LEU C 124 29.54 -39.18 -19.74
CA LEU C 124 30.24 -40.45 -19.61
C LEU C 124 29.29 -41.66 -19.61
N ASN C 125 29.87 -42.83 -19.86
CA ASN C 125 29.17 -44.11 -19.93
C ASN C 125 27.67 -44.03 -20.23
N GLY C 126 27.36 -43.51 -21.41
CA GLY C 126 25.97 -43.39 -21.84
C GLY C 126 25.18 -42.34 -21.08
N ASN C 127 24.04 -42.76 -20.55
CA ASN C 127 23.13 -41.90 -19.79
C ASN C 127 22.85 -40.56 -20.49
N TYR C 128 23.28 -40.47 -21.74
CA TYR C 128 23.02 -39.30 -22.56
C TYR C 128 21.82 -39.75 -23.39
N LYS C 129 21.54 -41.05 -23.32
CA LYS C 129 20.42 -41.66 -24.04
C LYS C 129 19.15 -41.42 -23.25
N VAL C 130 19.31 -40.86 -22.05
CA VAL C 130 18.16 -40.59 -21.21
C VAL C 130 18.18 -39.15 -20.71
N TYR C 131 19.16 -38.38 -21.17
CA TYR C 131 19.30 -36.97 -20.76
C TYR C 131 18.10 -36.13 -21.17
N TYR C 132 17.74 -36.22 -22.44
CA TYR C 132 16.62 -35.47 -22.98
C TYR C 132 15.36 -35.67 -22.13
N LYS C 133 14.81 -36.89 -22.14
CA LYS C 133 13.60 -37.22 -21.39
C LYS C 133 13.72 -36.78 -19.94
N LYS C 134 14.94 -36.80 -19.43
CA LYS C 134 15.17 -36.40 -18.05
C LYS C 134 14.97 -34.90 -17.93
N LEU C 135 15.57 -34.16 -18.87
CA LEU C 135 15.49 -32.69 -18.87
C LEU C 135 14.05 -32.23 -19.05
N LEU C 136 13.33 -32.91 -19.93
CA LEU C 136 11.97 -32.54 -20.21
C LEU C 136 11.11 -32.47 -18.95
N LEU C 137 11.26 -33.46 -18.07
CA LEU C 137 10.49 -33.50 -16.83
C LEU C 137 10.87 -32.35 -15.89
N ILE C 138 12.15 -31.97 -15.94
CA ILE C 138 12.67 -30.90 -15.10
C ILE C 138 12.14 -29.55 -15.58
N ILE C 139 12.23 -29.33 -16.90
CA ILE C 139 11.74 -28.09 -17.48
C ILE C 139 10.23 -27.98 -17.32
N GLU C 140 9.54 -29.10 -17.60
CA GLU C 140 8.09 -29.15 -17.48
C GLU C 140 7.66 -28.73 -16.07
N ALA C 141 8.28 -29.33 -15.07
CA ALA C 141 7.95 -29.03 -13.69
C ALA C 141 8.24 -27.58 -13.31
N LEU C 142 9.30 -27.04 -13.90
CA LEU C 142 9.71 -25.66 -13.63
C LEU C 142 8.66 -24.68 -14.09
N ARG C 143 8.28 -24.78 -15.37
CA ARG C 143 7.27 -23.89 -15.93
C ARG C 143 5.96 -23.98 -15.15
N LYS C 144 5.51 -25.21 -14.86
CA LYS C 144 4.28 -25.41 -14.13
C LYS C 144 4.35 -24.88 -12.71
N GLU C 145 5.34 -25.36 -11.96
CA GLU C 145 5.52 -24.96 -10.58
C GLU C 145 5.68 -23.46 -10.39
N LEU C 146 6.49 -22.86 -11.25
CA LEU C 146 6.76 -21.41 -11.18
C LEU C 146 5.82 -20.56 -12.05
N ASN C 147 4.83 -21.21 -12.66
CA ASN C 147 3.86 -20.53 -13.51
C ASN C 147 4.48 -19.62 -14.56
N VAL C 148 5.38 -20.17 -15.36
CA VAL C 148 6.06 -19.42 -16.41
C VAL C 148 6.15 -20.31 -17.65
N PRO C 149 4.99 -20.58 -18.29
CA PRO C 149 4.84 -21.42 -19.48
C PRO C 149 5.51 -20.96 -20.76
N ASP C 150 5.89 -19.70 -20.84
CA ASP C 150 6.52 -19.20 -22.06
C ASP C 150 7.75 -18.31 -21.92
N ILE C 151 8.26 -18.15 -20.70
CA ILE C 151 9.47 -17.34 -20.51
C ILE C 151 10.59 -18.11 -21.18
N PRO C 152 11.49 -17.40 -21.86
CA PRO C 152 12.59 -18.08 -22.53
C PRO C 152 13.61 -18.73 -21.58
N ILE C 153 13.86 -20.00 -21.82
CA ILE C 153 14.83 -20.76 -21.04
C ILE C 153 16.03 -20.98 -21.97
N ILE C 154 17.20 -20.44 -21.62
CA ILE C 154 18.38 -20.56 -22.48
C ILE C 154 19.33 -21.66 -21.99
N ILE C 155 19.79 -22.51 -22.91
CA ILE C 155 20.68 -23.59 -22.53
C ILE C 155 21.99 -23.58 -23.32
N GLY C 156 23.12 -23.63 -22.61
CA GLY C 156 24.41 -23.62 -23.27
C GLY C 156 25.04 -25.00 -23.48
N GLY C 157 25.93 -25.09 -24.47
CA GLY C 157 26.60 -26.35 -24.74
C GLY C 157 27.80 -26.55 -23.84
N LEU C 158 28.48 -27.68 -24.03
CA LEU C 158 29.65 -28.00 -23.21
C LEU C 158 30.92 -27.69 -23.98
N GLY C 159 31.96 -27.28 -23.25
CA GLY C 159 33.22 -26.95 -23.88
C GLY C 159 33.85 -28.09 -24.66
N ASP C 160 34.49 -27.76 -25.77
CA ASP C 160 35.14 -28.75 -26.59
C ASP C 160 36.45 -29.24 -25.98
N PHE C 161 36.83 -28.66 -24.84
CA PHE C 161 38.07 -29.09 -24.20
C PHE C 161 37.82 -30.34 -23.35
N LEU C 162 36.55 -30.64 -23.10
CA LEU C 162 36.18 -31.80 -22.30
C LEU C 162 36.69 -33.12 -22.86
N GLY C 163 36.77 -34.12 -21.99
CA GLY C 163 37.23 -35.45 -22.36
C GLY C 163 38.64 -35.49 -22.89
N LYS C 164 39.54 -34.67 -22.34
CA LYS C 164 40.91 -34.66 -22.84
C LYS C 164 41.97 -34.49 -21.74
N GLU C 165 41.76 -33.53 -20.85
CA GLU C 165 42.73 -33.28 -19.79
C GLU C 165 42.16 -33.49 -18.37
N ARG C 166 43.04 -33.94 -17.48
CA ARG C 166 42.73 -34.20 -16.09
C ARG C 166 41.27 -34.30 -15.64
N PHE C 167 40.82 -33.35 -14.81
CA PHE C 167 39.45 -33.38 -14.30
C PHE C 167 38.35 -33.47 -15.35
N GLY C 168 38.69 -33.20 -16.60
CA GLY C 168 37.68 -33.27 -17.63
C GLY C 168 37.84 -34.46 -18.56
N LYS C 169 38.92 -35.21 -18.37
CA LYS C 169 39.23 -36.38 -19.21
C LYS C 169 38.16 -37.47 -19.19
N GLY C 170 37.38 -37.51 -18.12
CA GLY C 170 36.35 -38.51 -18.04
C GLY C 170 35.10 -38.17 -18.83
N CYS C 171 35.02 -36.94 -19.33
CA CYS C 171 33.86 -36.48 -20.11
C CYS C 171 34.09 -36.67 -21.60
N THR C 172 34.16 -37.93 -22.03
CA THR C 172 34.41 -38.22 -23.43
C THR C 172 33.14 -38.25 -24.26
N GLU C 173 31.99 -38.16 -23.60
CA GLU C 173 30.72 -38.19 -24.31
C GLU C 173 30.04 -36.81 -24.31
N TYR C 174 30.83 -35.77 -24.06
CA TYR C 174 30.29 -34.42 -24.00
C TYR C 174 29.56 -34.05 -25.30
N ASN C 175 30.15 -34.40 -26.42
CA ASN C 175 29.54 -34.08 -27.70
C ASN C 175 28.20 -34.77 -27.92
N PHE C 176 27.98 -35.90 -27.25
CA PHE C 176 26.71 -36.59 -27.39
C PHE C 176 25.67 -35.85 -26.58
N ILE C 177 26.13 -35.18 -25.52
CA ILE C 177 25.23 -34.42 -24.69
C ILE C 177 24.84 -33.15 -25.42
N ASN C 178 25.81 -32.56 -26.11
CA ASN C 178 25.57 -31.34 -26.88
C ASN C 178 24.46 -31.57 -27.88
N LYS C 179 24.48 -32.73 -28.54
CA LYS C 179 23.44 -33.05 -29.52
C LYS C 179 22.08 -33.09 -28.83
N GLU C 180 22.02 -33.68 -27.65
CA GLU C 180 20.77 -33.75 -26.94
C GLU C 180 20.31 -32.37 -26.51
N LEU C 181 21.26 -31.53 -26.14
CA LEU C 181 20.96 -30.17 -25.70
C LEU C 181 20.40 -29.37 -26.88
N GLN C 182 21.08 -29.44 -28.01
CA GLN C 182 20.63 -28.77 -29.22
C GLN C 182 19.24 -29.27 -29.60
N LYS C 183 19.09 -30.58 -29.82
CA LYS C 183 17.80 -31.15 -30.19
C LYS C 183 16.70 -30.63 -29.27
N PHE C 184 16.91 -30.75 -27.96
CA PHE C 184 15.92 -30.31 -26.99
C PHE C 184 15.49 -28.87 -27.24
N ALA C 185 16.46 -28.01 -27.50
CA ALA C 185 16.17 -26.61 -27.75
C ALA C 185 15.29 -26.39 -28.98
N PHE C 186 15.65 -27.00 -30.11
CA PHE C 186 14.86 -26.84 -31.33
C PHE C 186 13.45 -27.36 -31.20
N GLU C 187 13.33 -28.59 -30.70
CA GLU C 187 12.03 -29.23 -30.52
C GLU C 187 11.17 -28.59 -29.45
N GLN C 188 11.75 -28.26 -28.31
CA GLN C 188 10.96 -27.66 -27.24
C GLN C 188 10.68 -26.18 -27.42
N ASP C 189 9.49 -25.78 -27.02
CA ASP C 189 9.05 -24.40 -27.13
C ASP C 189 9.75 -23.45 -26.18
N ASN C 190 10.11 -22.29 -26.69
CA ASN C 190 10.77 -21.26 -25.90
C ASN C 190 12.09 -21.68 -25.26
N CYS C 191 12.85 -22.48 -26.00
CA CYS C 191 14.15 -22.95 -25.52
C CYS C 191 15.17 -22.63 -26.59
N TYR C 192 16.27 -22.02 -26.19
CA TYR C 192 17.29 -21.67 -27.16
C TYR C 192 18.68 -22.18 -26.77
N PHE C 193 19.40 -22.69 -27.76
CA PHE C 193 20.72 -23.26 -27.56
C PHE C 193 21.80 -22.20 -27.74
N VAL C 194 22.91 -22.34 -27.04
CA VAL C 194 24.00 -21.38 -27.13
C VAL C 194 25.32 -22.12 -27.26
N THR C 195 25.91 -22.10 -28.45
CA THR C 195 27.18 -22.78 -28.66
C THR C 195 28.28 -22.34 -27.70
N ALA C 196 29.22 -23.25 -27.43
CA ALA C 196 30.33 -22.97 -26.53
C ALA C 196 31.64 -23.02 -27.30
N SER C 197 31.53 -22.95 -28.64
CA SER C 197 32.73 -22.97 -29.46
C SER C 197 33.68 -21.87 -29.04
N GLY C 198 34.95 -22.11 -29.29
CA GLY C 198 35.97 -21.15 -28.95
C GLY C 198 36.25 -21.02 -27.47
N LEU C 199 35.27 -21.33 -26.63
CA LEU C 199 35.49 -21.21 -25.20
C LEU C 199 36.64 -22.11 -24.70
N THR C 200 37.49 -21.54 -23.86
CA THR C 200 38.61 -22.28 -23.29
C THR C 200 38.39 -22.56 -21.79
N CYS C 201 39.25 -23.41 -21.22
CA CYS C 201 39.10 -23.78 -19.82
C CYS C 201 40.30 -23.50 -18.93
N ASN C 202 40.05 -23.54 -17.63
CA ASN C 202 41.11 -23.36 -16.65
C ASN C 202 42.02 -24.59 -16.70
N PRO C 203 43.10 -24.58 -15.89
CA PRO C 203 44.04 -25.71 -15.85
C PRO C 203 43.39 -27.08 -15.53
N ASP C 204 42.36 -27.08 -14.69
CA ASP C 204 41.74 -28.35 -14.36
C ASP C 204 41.16 -29.11 -15.54
N GLY C 205 41.12 -28.50 -16.72
CA GLY C 205 40.58 -29.19 -17.89
C GLY C 205 39.07 -29.44 -17.91
N ILE C 206 38.33 -28.84 -17.00
CA ILE C 206 36.89 -29.08 -17.01
C ILE C 206 36.04 -27.79 -16.88
N HIS C 207 36.59 -26.76 -16.26
CA HIS C 207 35.89 -25.51 -16.04
C HIS C 207 36.26 -24.37 -17.01
N ILE C 208 35.23 -23.75 -17.60
CA ILE C 208 35.39 -22.65 -18.55
C ILE C 208 36.07 -21.50 -17.81
N ASP C 209 37.07 -20.89 -18.43
CA ASP C 209 37.79 -19.78 -17.76
C ASP C 209 37.02 -18.45 -17.77
N ALA C 210 37.49 -17.49 -16.97
CA ALA C 210 36.85 -16.17 -16.84
C ALA C 210 36.59 -15.48 -18.17
N ILE C 211 37.63 -15.32 -18.98
CA ILE C 211 37.50 -14.68 -20.28
C ILE C 211 36.38 -15.33 -21.07
N SER C 212 36.43 -16.65 -21.17
CA SER C 212 35.44 -17.39 -21.93
C SER C 212 34.05 -17.34 -21.31
N GLN C 213 34.02 -17.24 -19.99
CA GLN C 213 32.77 -17.21 -19.26
C GLN C 213 32.09 -15.85 -19.52
N ARG C 214 32.91 -14.83 -19.81
CA ARG C 214 32.39 -13.49 -20.10
C ARG C 214 31.78 -13.48 -21.50
N LYS C 215 32.45 -14.10 -22.47
CA LYS C 215 31.92 -14.17 -23.82
C LYS C 215 30.65 -15.01 -23.81
N PHE C 216 30.70 -16.10 -23.07
CA PHE C 216 29.58 -17.03 -22.96
C PHE C 216 28.32 -16.30 -22.48
N GLY C 217 28.49 -15.34 -21.58
CA GLY C 217 27.34 -14.60 -21.08
C GLY C 217 26.67 -13.79 -22.16
N LEU C 218 27.48 -13.21 -23.05
CA LEU C 218 26.93 -12.40 -24.14
C LEU C 218 26.08 -13.24 -25.07
N ARG C 219 26.56 -14.43 -25.41
CA ARG C 219 25.82 -15.33 -26.30
C ARG C 219 24.50 -15.72 -25.66
N TYR C 220 24.49 -15.82 -24.33
CA TYR C 220 23.26 -16.19 -23.63
C TYR C 220 22.24 -15.08 -23.82
N PHE C 221 22.68 -13.84 -23.65
CA PHE C 221 21.80 -12.69 -23.81
C PHE C 221 21.39 -12.54 -25.26
N GLU C 222 22.32 -12.81 -26.15
CA GLU C 222 22.07 -12.72 -27.57
C GLU C 222 20.91 -13.65 -27.90
N ALA C 223 20.88 -14.82 -27.28
CA ALA C 223 19.81 -15.78 -27.55
C ALA C 223 18.52 -15.36 -26.85
N PHE C 224 18.64 -14.86 -25.64
CA PHE C 224 17.46 -14.45 -24.88
C PHE C 224 16.76 -13.22 -25.49
N PHE C 225 17.54 -12.18 -25.71
CA PHE C 225 17.01 -10.94 -26.24
C PHE C 225 16.34 -11.10 -27.60
N ASN C 226 16.94 -11.90 -28.47
CA ASN C 226 16.39 -12.10 -29.81
C ASN C 226 15.61 -13.40 -29.97
N ARG C 227 15.49 -14.16 -28.89
CA ARG C 227 14.80 -15.45 -28.93
C ARG C 227 15.25 -16.30 -30.10
N LYS C 228 16.56 -16.52 -30.21
CA LYS C 228 17.12 -17.33 -31.30
C LYS C 228 18.24 -18.26 -30.80
N HIS C 229 18.69 -19.17 -31.68
CA HIS C 229 19.76 -20.10 -31.34
C HIS C 229 21.08 -19.51 -31.77
N VAL C 230 22.04 -19.44 -30.85
CA VAL C 230 23.36 -18.91 -31.17
C VAL C 230 24.30 -20.08 -31.51
N LEU C 231 24.33 -20.46 -32.77
CA LEU C 231 25.15 -21.56 -33.23
C LEU C 231 26.59 -21.18 -33.53
N GLU C 232 26.86 -19.87 -33.54
CA GLU C 232 28.20 -19.38 -33.80
C GLU C 232 28.52 -18.25 -32.82
N PRO C 233 29.81 -18.06 -32.54
CA PRO C 233 30.14 -16.97 -31.62
C PRO C 233 29.86 -15.61 -32.26
N LEU C 234 29.45 -14.65 -31.44
CA LEU C 234 29.17 -13.29 -31.89
C LEU C 234 30.48 -12.73 -32.43
N ILE C 235 30.40 -11.94 -33.47
CA ILE C 235 31.61 -11.38 -34.07
C ILE C 235 32.34 -10.34 -33.23
N ASN C 236 31.59 -9.38 -32.71
CA ASN C 236 32.20 -8.30 -31.92
C ASN C 236 32.28 -8.71 -30.45
N GLU C 237 32.40 -10.01 -30.21
CA GLU C 237 32.47 -10.54 -28.85
C GLU C 237 33.44 -9.80 -27.94
N ASN C 238 34.69 -9.66 -28.36
CA ASN C 238 35.66 -8.96 -27.55
C ASN C 238 35.31 -7.50 -27.34
N GLU C 239 35.10 -6.78 -28.44
CA GLU C 239 34.79 -5.35 -28.34
C GLU C 239 33.50 -5.04 -27.63
N LEU C 240 32.54 -5.95 -27.79
CA LEU C 240 31.23 -5.81 -27.18
C LEU C 240 31.44 -5.79 -25.66
N LEU C 241 32.36 -6.61 -25.18
CA LEU C 241 32.66 -6.66 -23.75
C LEU C 241 33.36 -5.41 -23.27
N ASN C 242 34.38 -4.97 -24.00
CA ASN C 242 35.12 -3.76 -23.64
C ASN C 242 34.19 -2.56 -23.59
N LEU C 243 33.16 -2.60 -24.42
CA LEU C 243 32.20 -1.51 -24.47
C LEU C 243 31.48 -1.43 -23.13
N ASN C 244 31.21 -2.57 -22.52
CA ASN C 244 30.52 -2.57 -21.23
C ASN C 244 31.49 -2.26 -20.10
N TYR C 245 32.76 -2.57 -20.30
CA TYR C 245 33.79 -2.32 -19.29
C TYR C 245 34.13 -0.84 -19.22
N ALA C 246 34.07 -0.17 -20.37
CA ALA C 246 34.39 1.25 -20.46
C ALA C 246 33.32 2.14 -19.83
N ARG C 247 32.08 1.65 -19.76
CA ARG C 247 30.98 2.40 -19.18
C ARG C 247 31.41 3.14 -17.92
N THR C 248 31.00 4.41 -17.80
CA THR C 248 31.35 5.23 -16.65
C THR C 248 30.47 4.84 -15.47
N HIS C 249 31.07 4.74 -14.28
CA HIS C 249 30.29 4.35 -13.09
C HIS C 249 29.54 5.48 -12.41
N THR C 250 28.42 5.13 -11.80
CA THR C 250 27.58 6.06 -11.09
C THR C 250 28.27 6.45 -9.80
N LYS C 251 27.78 7.50 -9.16
CA LYS C 251 28.37 7.96 -7.91
C LYS C 251 28.19 6.86 -6.86
N ALA C 252 26.99 6.28 -6.80
CA ALA C 252 26.68 5.22 -5.85
C ALA C 252 27.57 4.00 -6.05
N GLU C 253 27.89 3.70 -7.30
CA GLU C 253 28.74 2.56 -7.62
C GLU C 253 30.17 2.79 -7.15
N LYS C 254 30.78 3.90 -7.54
CA LYS C 254 32.16 4.14 -7.12
C LYS C 254 32.30 4.34 -5.62
N ILE C 255 31.18 4.61 -4.94
CA ILE C 255 31.18 4.78 -3.49
C ILE C 255 31.11 3.37 -2.91
N TYR C 256 30.56 2.46 -3.68
CA TYR C 256 30.42 1.08 -3.24
C TYR C 256 31.77 0.37 -3.28
N ILE C 257 32.53 0.55 -4.35
CA ILE C 257 33.82 -0.11 -4.44
C ILE C 257 34.72 0.40 -3.34
N LYS C 258 34.50 1.63 -2.93
CA LYS C 258 35.30 2.22 -1.87
C LYS C 258 34.83 1.73 -0.48
N SER C 259 33.53 1.54 -0.34
CA SER C 259 32.98 1.08 0.92
C SER C 259 33.45 -0.33 1.18
N MSE C 260 33.64 -1.05 0.09
CA MSE C 260 34.08 -2.44 0.16
C MSE C 260 35.58 -2.50 0.46
O MSE C 260 36.02 -3.28 1.31
CB MSE C 260 33.77 -3.13 -1.15
CG MSE C 260 33.35 -4.56 -0.97
SE MSE C 260 32.80 -5.28 -2.65
CE MSE C 260 34.50 -5.64 -3.41
N ASP C 261 36.36 -1.68 -0.23
CA ASP C 261 37.79 -1.64 -0.01
C ASP C 261 38.07 -1.45 1.47
N PHE C 262 37.30 -0.56 2.09
CA PHE C 262 37.49 -0.30 3.52
C PHE C 262 36.97 -1.49 4.32
N ALA C 263 35.76 -1.95 3.99
CA ALA C 263 35.14 -3.07 4.68
C ALA C 263 36.05 -4.29 4.73
N LEU C 264 36.87 -4.47 3.70
CA LEU C 264 37.76 -5.61 3.66
C LEU C 264 39.12 -5.30 4.26
N GLY C 265 39.28 -4.07 4.73
CA GLY C 265 40.56 -3.70 5.33
C GLY C 265 41.65 -3.35 4.34
N LYS C 266 41.30 -3.14 3.07
CA LYS C 266 42.30 -2.80 2.07
C LYS C 266 42.78 -1.34 2.17
N ILE C 267 42.06 -0.51 2.93
CA ILE C 267 42.46 0.88 3.08
C ILE C 267 42.10 1.40 4.46
N SER C 268 42.72 2.52 4.81
CA SER C 268 42.51 3.16 6.10
C SER C 268 41.16 3.88 6.14
N TYR C 269 40.69 4.21 7.34
CA TYR C 269 39.43 4.91 7.44
C TYR C 269 39.56 6.33 6.89
N ASP C 270 40.71 6.98 7.16
CA ASP C 270 40.92 8.33 6.67
C ASP C 270 41.09 8.29 5.17
N GLU C 271 41.69 7.22 4.68
CA GLU C 271 41.90 7.06 3.26
C GLU C 271 40.53 6.84 2.61
N PHE C 272 39.66 6.15 3.33
CA PHE C 272 38.29 5.86 2.88
C PHE C 272 37.48 7.15 2.85
N THR C 273 37.65 7.98 3.88
CA THR C 273 36.96 9.26 3.98
C THR C 273 37.39 10.18 2.84
N SER C 274 38.71 10.36 2.70
CA SER C 274 39.25 11.22 1.65
C SER C 274 38.76 10.77 0.28
N GLU C 275 38.68 9.47 0.07
CA GLU C 275 38.21 8.93 -1.20
C GLU C 275 36.72 9.20 -1.41
N LEU C 276 35.97 9.24 -0.32
CA LEU C 276 34.53 9.48 -0.41
C LEU C 276 34.23 10.93 -0.76
N MSE C 277 35.04 11.83 -0.21
CA MSE C 277 34.86 13.25 -0.49
C MSE C 277 35.17 13.53 -1.95
O MSE C 277 34.42 14.23 -2.62
CB MSE C 277 35.79 14.07 0.42
CG MSE C 277 35.48 13.96 1.89
SE MSE C 277 33.59 14.28 2.21
CE MSE C 277 33.58 16.23 2.04
N LYS C 278 36.28 12.97 -2.45
CA LYS C 278 36.68 13.17 -3.84
C LYS C 278 35.51 12.85 -4.75
N ILE C 279 34.76 11.80 -4.41
CA ILE C 279 33.61 11.37 -5.19
C ILE C 279 32.48 12.38 -5.06
N ASN C 280 32.37 12.97 -3.89
CA ASN C 280 31.32 13.95 -3.65
C ASN C 280 31.63 15.32 -4.27
N ASN C 281 32.89 15.76 -4.16
CA ASN C 281 33.29 17.04 -4.72
C ASN C 281 33.40 17.00 -6.24
N ASP C 282 33.75 15.83 -6.77
CA ASP C 282 33.92 15.65 -8.22
C ASP C 282 32.80 16.29 -9.03
N LEU C 283 33.18 16.91 -10.15
CA LEU C 283 32.25 17.59 -11.06
C LEU C 283 31.39 16.63 -11.89
N GLU C 284 31.81 16.38 -13.13
CA GLU C 284 31.06 15.47 -13.99
C GLU C 284 31.98 14.45 -14.69
N MSE D 1 24.84 -39.37 13.33
CA MSE D 1 24.03 -38.51 12.42
C MSE D 1 24.70 -37.15 12.28
O MSE D 1 25.88 -36.97 12.60
CB MSE D 1 22.60 -38.32 12.98
CG MSE D 1 22.48 -37.52 14.29
SE MSE D 1 20.63 -36.99 14.84
CE MSE D 1 20.26 -38.37 16.17
N VAL D 2 23.94 -36.18 11.77
CA VAL D 2 24.43 -34.82 11.56
C VAL D 2 23.67 -33.88 12.49
N LYS D 3 24.39 -33.18 13.36
CA LYS D 3 23.78 -32.25 14.29
C LYS D 3 23.88 -30.86 13.67
N SER D 4 22.74 -30.31 13.27
CA SER D 4 22.73 -29.00 12.63
C SER D 4 22.50 -27.86 13.62
N PHE D 5 23.10 -26.71 13.32
CA PHE D 5 22.96 -25.52 14.14
C PHE D 5 22.60 -24.32 13.24
N LEU D 6 21.43 -23.73 13.49
CA LEU D 6 20.94 -22.57 12.75
C LEU D 6 21.60 -21.28 13.23
N MSE D 7 22.15 -20.51 12.28
CA MSE D 7 22.83 -19.24 12.59
C MSE D 7 21.94 -18.04 12.24
O MSE D 7 21.58 -17.83 11.08
CB MSE D 7 24.14 -19.14 11.82
CG MSE D 7 25.08 -20.29 12.03
SE MSE D 7 26.68 -20.13 10.98
CE MSE D 7 26.21 -21.17 9.45
N LEU D 8 21.61 -17.23 13.25
CA LEU D 8 20.76 -16.07 13.02
C LEU D 8 21.37 -14.81 13.62
N GLY D 9 21.01 -13.66 13.05
CA GLY D 9 21.51 -12.41 13.55
C GLY D 9 22.00 -11.45 12.50
N GLN D 10 22.83 -10.52 12.96
CA GLN D 10 23.44 -9.48 12.13
C GLN D 10 24.78 -9.91 11.55
N SER D 11 25.56 -8.93 11.10
CA SER D 11 26.84 -9.21 10.48
C SER D 11 27.87 -9.82 11.43
N ASN D 12 27.74 -9.53 12.73
CA ASN D 12 28.68 -10.07 13.70
C ASN D 12 28.44 -11.56 13.96
N MSE D 13 27.35 -12.10 13.43
CA MSE D 13 27.07 -13.54 13.56
C MSE D 13 27.53 -14.17 12.25
O MSE D 13 28.08 -15.28 12.26
CB MSE D 13 25.58 -13.84 13.73
CG MSE D 13 25.18 -15.32 13.47
SE MSE D 13 26.15 -16.74 14.52
CE MSE D 13 25.45 -16.35 16.32
N ALA D 14 27.30 -13.49 11.14
CA ALA D 14 27.71 -14.00 9.83
C ALA D 14 29.23 -14.00 9.75
N GLY D 15 29.85 -13.14 10.56
CA GLY D 15 31.29 -13.05 10.59
C GLY D 15 31.89 -12.08 9.59
N ARG D 16 32.71 -11.16 10.11
CA ARG D 16 33.37 -10.17 9.28
C ARG D 16 34.88 -10.13 9.58
N GLY D 17 35.36 -11.13 10.33
CA GLY D 17 36.77 -11.18 10.68
C GLY D 17 37.60 -11.44 9.44
N PHE D 18 38.78 -10.84 9.37
CA PHE D 18 39.64 -11.04 8.19
C PHE D 18 40.19 -12.47 8.23
N ILE D 19 39.88 -13.27 7.22
CA ILE D 19 40.34 -14.65 7.22
C ILE D 19 41.88 -14.86 7.18
N ASN D 20 42.63 -13.81 6.87
CA ASN D 20 44.09 -13.94 6.80
C ASN D 20 44.76 -13.64 8.14
N GLU D 21 43.96 -13.38 9.17
CA GLU D 21 44.50 -13.05 10.48
C GLU D 21 44.39 -14.18 11.49
N VAL D 22 43.74 -15.26 11.09
CA VAL D 22 43.51 -16.37 11.96
C VAL D 22 43.73 -17.66 11.16
N PRO D 23 44.25 -18.72 11.81
CA PRO D 23 44.49 -19.99 11.10
C PRO D 23 43.22 -20.62 10.55
N MSE D 24 43.37 -21.24 9.39
CA MSE D 24 42.26 -21.91 8.71
C MSE D 24 41.84 -23.17 9.47
O MSE D 24 42.67 -23.88 10.05
CB MSE D 24 42.66 -22.28 7.27
CG MSE D 24 41.51 -22.81 6.41
SE MSE D 24 42.05 -23.75 4.77
CE MSE D 24 40.50 -24.88 4.49
N ILE D 25 40.53 -23.42 9.49
CA ILE D 25 39.96 -24.58 10.16
C ILE D 25 39.44 -25.53 9.09
N TYR D 26 40.14 -26.66 8.93
CA TYR D 26 39.77 -27.68 7.95
C TYR D 26 39.39 -28.94 8.71
N ASN D 27 38.09 -29.11 8.93
CA ASN D 27 37.59 -30.25 9.67
C ASN D 27 36.55 -30.96 8.84
N GLU D 28 36.87 -32.14 8.34
CA GLU D 28 35.94 -32.89 7.50
C GLU D 28 34.66 -33.29 8.22
N ARG D 29 34.66 -33.11 9.53
CA ARG D 29 33.51 -33.45 10.36
C ARG D 29 32.65 -32.21 10.63
N ILE D 30 33.07 -31.08 10.08
CA ILE D 30 32.33 -29.83 10.21
C ILE D 30 31.81 -29.48 8.81
N GLN D 31 30.51 -29.27 8.69
CA GLN D 31 29.91 -28.96 7.40
C GLN D 31 28.97 -27.76 7.38
N MSE D 32 28.75 -27.22 6.19
CA MSE D 32 27.89 -26.06 6.01
C MSE D 32 26.82 -26.38 4.98
O MSE D 32 27.02 -27.22 4.12
CB MSE D 32 28.71 -24.86 5.55
CG MSE D 32 29.55 -25.16 4.34
SE MSE D 32 30.67 -23.71 3.82
CE MSE D 32 31.10 -22.95 5.52
N LEU D 33 25.70 -25.68 5.07
CA LEU D 33 24.59 -25.91 4.13
C LEU D 33 24.72 -25.05 2.87
N ARG D 34 24.91 -25.71 1.72
CA ARG D 34 25.01 -25.02 0.41
C ARG D 34 23.79 -25.41 -0.43
N ASN D 35 22.95 -24.43 -0.71
CA ASN D 35 21.72 -24.60 -1.45
C ASN D 35 21.01 -25.92 -1.13
N GLY D 36 20.57 -26.01 0.11
CA GLY D 36 19.84 -27.17 0.61
C GLY D 36 20.56 -28.38 1.17
N ARG D 37 21.79 -28.65 0.74
CA ARG D 37 22.49 -29.81 1.25
C ARG D 37 23.83 -29.53 1.94
N TRP D 38 24.41 -30.57 2.54
CA TRP D 38 25.68 -30.40 3.26
C TRP D 38 26.92 -30.46 2.41
N GLN D 39 27.87 -29.59 2.72
CA GLN D 39 29.12 -29.53 2.02
C GLN D 39 30.17 -29.29 3.10
N MSE D 40 31.42 -29.63 2.83
CA MSE D 40 32.46 -29.42 3.82
C MSE D 40 32.65 -27.93 4.15
O MSE D 40 32.87 -27.11 3.26
CB MSE D 40 33.78 -30.00 3.35
CG MSE D 40 34.40 -30.91 4.40
SE MSE D 40 36.30 -30.92 4.39
CE MSE D 40 36.60 -29.61 5.77
N MSE D 41 32.59 -27.61 5.43
CA MSE D 41 32.73 -26.23 5.87
C MSE D 41 34.07 -25.59 5.51
O MSE D 41 35.15 -26.16 5.71
CB MSE D 41 32.49 -26.16 7.37
CG MSE D 41 32.54 -24.76 7.95
SE MSE D 41 34.33 -24.04 8.05
CE MSE D 41 34.54 -24.04 9.97
N THR D 42 33.99 -24.38 4.96
CA THR D 42 35.14 -23.58 4.55
C THR D 42 34.71 -22.12 4.66
N GLU D 43 35.34 -21.36 5.55
CA GLU D 43 35.00 -19.97 5.73
C GLU D 43 35.32 -19.20 4.44
N PRO D 44 34.50 -18.20 4.07
CA PRO D 44 33.28 -17.69 4.72
C PRO D 44 32.14 -18.69 4.79
N ILE D 45 31.59 -18.88 5.99
CA ILE D 45 30.49 -19.80 6.15
C ILE D 45 29.16 -19.14 5.77
N ASN D 46 28.95 -17.94 6.29
CA ASN D 46 27.74 -17.16 6.05
C ASN D 46 28.04 -16.09 4.99
N TYR D 47 28.09 -16.48 3.72
CA TYR D 47 28.41 -15.52 2.66
C TYR D 47 27.22 -14.60 2.24
N ASP D 48 26.82 -13.69 3.12
CA ASP D 48 25.69 -12.81 2.82
C ASP D 48 26.13 -11.55 2.08
N ARG D 49 27.44 -11.30 2.14
CA ARG D 49 28.04 -10.14 1.50
C ARG D 49 29.41 -10.54 0.98
N PRO D 50 29.87 -9.88 -0.08
CA PRO D 50 31.18 -10.24 -0.62
C PRO D 50 32.29 -9.99 0.42
N VAL D 51 31.94 -9.38 1.55
CA VAL D 51 32.93 -9.11 2.57
C VAL D 51 32.88 -10.07 3.75
N SER D 52 31.99 -11.07 3.68
CA SER D 52 31.90 -12.05 4.77
C SER D 52 33.25 -12.73 5.04
N GLY D 53 33.60 -12.91 6.30
CA GLY D 53 34.86 -13.54 6.65
C GLY D 53 34.77 -14.53 7.81
N ILE D 54 35.64 -14.37 8.79
CA ILE D 54 35.64 -15.27 9.94
C ILE D 54 34.41 -15.12 10.82
N SER D 55 33.76 -16.25 11.08
CA SER D 55 32.58 -16.29 11.92
C SER D 55 32.89 -16.98 13.25
N LEU D 56 32.02 -16.79 14.24
CA LEU D 56 32.22 -17.42 15.55
C LEU D 56 31.77 -18.88 15.50
N ALA D 57 31.02 -19.22 14.47
CA ALA D 57 30.54 -20.58 14.31
C ALA D 57 31.68 -21.51 13.92
N GLY D 58 32.81 -20.94 13.49
CA GLY D 58 33.93 -21.77 13.08
C GLY D 58 34.56 -22.45 14.28
N SER D 59 34.98 -21.65 15.26
CA SER D 59 35.61 -22.25 16.42
C SER D 59 34.55 -23.02 17.20
N PHE D 60 33.30 -22.60 17.14
CA PHE D 60 32.22 -23.28 17.85
C PHE D 60 32.12 -24.74 17.40
N ALA D 61 32.17 -24.93 16.08
CA ALA D 61 32.08 -26.26 15.50
C ALA D 61 33.36 -27.07 15.75
N ASP D 62 34.51 -26.41 15.65
CA ASP D 62 35.79 -27.08 15.87
C ASP D 62 35.81 -27.63 17.31
N ALA D 63 35.36 -26.84 18.27
CA ALA D 63 35.32 -27.24 19.66
C ALA D 63 34.26 -28.32 19.87
N TRP D 64 33.20 -28.25 19.08
CA TRP D 64 32.13 -29.21 19.20
C TRP D 64 32.60 -30.56 18.68
N SER D 65 33.38 -30.56 17.61
CA SER D 65 33.87 -31.81 17.03
C SER D 65 34.86 -32.55 17.95
N GLN D 66 35.48 -31.82 18.86
CA GLN D 66 36.45 -32.40 19.77
C GLN D 66 35.77 -33.10 20.94
N LYS D 67 34.54 -32.71 21.23
CA LYS D 67 33.76 -33.30 22.31
C LYS D 67 32.80 -34.35 21.76
N ASN D 68 32.84 -34.54 20.44
CA ASN D 68 31.98 -35.53 19.80
C ASN D 68 32.73 -36.08 18.59
N GLN D 69 33.71 -36.93 18.84
CA GLN D 69 34.51 -37.51 17.75
C GLN D 69 33.69 -38.37 16.82
N GLU D 70 32.45 -38.68 17.19
CA GLU D 70 31.64 -39.56 16.37
C GLU D 70 30.80 -38.89 15.29
N ASP D 71 30.02 -37.88 15.69
CA ASP D 71 29.13 -37.21 14.75
C ASP D 71 29.71 -36.04 13.99
N ILE D 72 28.92 -35.49 13.09
CA ILE D 72 29.35 -34.35 12.29
C ILE D 72 28.41 -33.17 12.57
N ILE D 73 28.98 -31.97 12.70
CA ILE D 73 28.19 -30.77 12.98
C ILE D 73 27.90 -29.99 11.70
N GLY D 74 26.63 -29.69 11.49
CA GLY D 74 26.23 -28.96 10.29
C GLY D 74 25.82 -27.54 10.62
N LEU D 75 26.38 -26.59 9.87
CA LEU D 75 26.06 -25.18 10.08
C LEU D 75 25.08 -24.69 9.03
N ILE D 76 24.08 -23.93 9.47
CA ILE D 76 23.05 -23.36 8.59
C ILE D 76 23.18 -21.85 8.67
N PRO D 77 23.85 -21.23 7.68
CA PRO D 77 24.08 -19.77 7.60
C PRO D 77 22.83 -18.98 7.18
N CYS D 78 22.29 -18.20 8.11
CA CYS D 78 21.11 -17.41 7.80
C CYS D 78 21.16 -16.03 8.43
N ALA D 79 22.38 -15.51 8.63
CA ALA D 79 22.55 -14.19 9.22
C ALA D 79 22.58 -13.14 8.11
N GLU D 80 21.97 -11.98 8.34
CA GLU D 80 21.94 -10.90 7.36
C GLU D 80 22.56 -9.66 7.94
N GLY D 81 23.57 -9.12 7.26
CA GLY D 81 24.22 -7.92 7.76
C GLY D 81 23.29 -6.70 7.76
N GLY D 82 23.44 -5.86 8.77
CA GLY D 82 22.63 -4.66 8.84
C GLY D 82 21.17 -4.91 9.22
N SER D 83 20.78 -6.17 9.34
CA SER D 83 19.40 -6.48 9.69
C SER D 83 19.13 -6.05 11.13
N SER D 84 17.91 -5.59 11.39
CA SER D 84 17.53 -5.16 12.72
C SER D 84 16.48 -6.13 13.23
N ILE D 85 16.18 -6.04 14.52
CA ILE D 85 15.20 -6.92 15.11
C ILE D 85 13.87 -6.87 14.32
N ASP D 86 13.52 -5.68 13.82
CA ASP D 86 12.28 -5.53 13.04
C ASP D 86 12.33 -6.28 11.72
N GLU D 87 13.51 -6.31 11.11
CA GLU D 87 13.67 -7.02 9.85
C GLU D 87 13.55 -8.52 10.08
N TRP D 88 13.70 -8.94 11.34
CA TRP D 88 13.59 -10.36 11.67
C TRP D 88 12.21 -10.80 12.10
N ALA D 89 11.21 -9.96 11.85
CA ALA D 89 9.82 -10.25 12.20
C ALA D 89 9.35 -11.54 11.55
N LEU D 90 8.44 -12.25 12.21
CA LEU D 90 7.94 -13.52 11.66
C LEU D 90 7.53 -13.45 10.19
N ASP D 91 6.81 -12.40 9.82
CA ASP D 91 6.35 -12.24 8.44
C ASP D 91 7.49 -11.85 7.51
N GLY D 92 8.59 -11.39 8.11
CA GLY D 92 9.76 -10.99 7.35
C GLY D 92 10.24 -12.00 6.33
N VAL D 93 11.09 -11.55 5.41
CA VAL D 93 11.61 -12.44 4.38
C VAL D 93 12.84 -13.18 4.87
N LEU D 94 13.68 -12.50 5.64
CA LEU D 94 14.88 -13.17 6.10
C LEU D 94 14.60 -14.10 7.28
N PHE D 95 13.38 -14.09 7.77
CA PHE D 95 12.98 -14.99 8.85
C PHE D 95 12.34 -16.20 8.20
N ARG D 96 11.52 -15.96 7.19
CA ARG D 96 10.86 -17.06 6.49
C ARG D 96 11.88 -17.81 5.65
N HIS D 97 12.97 -17.13 5.31
CA HIS D 97 14.02 -17.76 4.51
C HIS D 97 14.86 -18.64 5.44
N ALA D 98 15.02 -18.18 6.68
CA ALA D 98 15.76 -18.95 7.67
C ALA D 98 14.98 -20.25 7.93
N LEU D 99 13.67 -20.15 8.07
CA LEU D 99 12.85 -21.33 8.31
C LEU D 99 13.02 -22.34 7.20
N THR D 100 12.89 -21.90 5.95
CA THR D 100 13.02 -22.83 4.83
C THR D 100 14.41 -23.46 4.81
N GLU D 101 15.43 -22.68 5.16
CA GLU D 101 16.80 -23.21 5.21
C GLU D 101 16.90 -24.28 6.30
N ALA D 102 16.37 -23.97 7.48
CA ALA D 102 16.41 -24.92 8.58
C ALA D 102 15.70 -26.21 8.18
N LYS D 103 14.49 -26.10 7.63
CA LYS D 103 13.76 -27.29 7.24
C LYS D 103 14.51 -28.12 6.21
N PHE D 104 15.17 -27.46 5.25
CA PHE D 104 15.91 -28.22 4.26
C PHE D 104 17.04 -28.99 4.94
N ALA D 105 17.61 -28.36 5.96
CA ALA D 105 18.70 -28.91 6.71
C ALA D 105 18.26 -30.10 7.55
N MSE D 106 17.11 -29.97 8.21
CA MSE D 106 16.63 -31.03 9.08
C MSE D 106 16.02 -32.24 8.40
O MSE D 106 15.63 -33.22 9.06
CB MSE D 106 15.69 -30.48 10.16
CG MSE D 106 14.76 -29.40 9.73
SE MSE D 106 14.15 -28.44 11.30
CE MSE D 106 15.73 -27.44 11.66
N GLU D 107 15.93 -32.21 7.08
CA GLU D 107 15.42 -33.38 6.42
C GLU D 107 16.62 -34.26 6.07
N SER D 108 17.76 -33.93 6.69
CA SER D 108 19.02 -34.67 6.51
C SER D 108 19.93 -34.43 7.72
N SER D 109 19.32 -33.95 8.81
CA SER D 109 20.07 -33.68 10.03
C SER D 109 19.11 -33.38 11.18
N GLU D 110 19.64 -33.26 12.39
CA GLU D 110 18.81 -33.00 13.54
C GLU D 110 19.18 -31.65 14.17
N LEU D 111 18.25 -30.71 14.13
CA LEU D 111 18.49 -29.39 14.69
C LEU D 111 18.77 -29.54 16.18
N THR D 112 20.00 -29.25 16.58
CA THR D 112 20.44 -29.38 17.96
C THR D 112 20.51 -28.06 18.71
N GLY D 113 20.79 -26.97 17.99
CA GLY D 113 20.88 -25.68 18.62
C GLY D 113 20.72 -24.51 17.69
N ILE D 114 20.49 -23.33 18.28
CA ILE D 114 20.31 -22.12 17.50
C ILE D 114 21.24 -21.03 18.04
N LEU D 115 22.07 -20.50 17.14
CA LEU D 115 23.03 -19.46 17.50
C LEU D 115 22.51 -18.09 17.04
N TRP D 116 22.37 -17.18 17.98
CA TRP D 116 21.85 -15.86 17.67
C TRP D 116 22.76 -14.74 18.15
N HIS D 117 22.97 -13.75 17.28
CA HIS D 117 23.78 -12.60 17.65
C HIS D 117 23.33 -11.45 16.78
N GLN D 118 22.71 -10.45 17.41
CA GLN D 118 22.20 -9.28 16.70
C GLN D 118 21.91 -8.20 17.69
N GLY D 119 21.95 -6.94 17.24
CA GLY D 119 21.67 -5.85 18.15
C GLY D 119 22.38 -4.54 17.88
N GLU D 120 23.35 -4.55 16.97
CA GLU D 120 24.06 -3.33 16.67
C GLU D 120 23.05 -2.36 16.02
N SER D 121 22.22 -2.88 15.12
CA SER D 121 21.22 -2.08 14.44
C SER D 121 20.04 -1.70 15.34
N ASP D 122 20.16 -1.93 16.64
CA ASP D 122 19.08 -1.57 17.56
C ASP D 122 19.70 -0.81 18.73
N SER D 123 20.98 -0.51 18.62
CA SER D 123 21.70 0.18 19.69
C SER D 123 21.65 1.70 19.56
N LEU D 124 20.51 2.19 19.08
CA LEU D 124 20.31 3.64 18.90
C LEU D 124 18.88 4.08 19.13
N ASN D 125 18.73 5.37 19.36
CA ASN D 125 17.44 6.03 19.62
C ASN D 125 16.33 5.14 20.17
N GLY D 126 16.58 4.59 21.37
CA GLY D 126 15.61 3.73 22.02
C GLY D 126 15.44 2.39 21.35
N ASN D 127 14.19 2.05 21.06
CA ASN D 127 13.82 0.77 20.42
C ASN D 127 14.47 -0.44 21.08
N TYR D 128 15.08 -0.22 22.24
CA TYR D 128 15.68 -1.29 23.02
C TYR D 128 14.63 -1.55 24.07
N LYS D 129 13.64 -0.64 24.13
CA LYS D 129 12.54 -0.74 25.08
C LYS D 129 11.51 -1.70 24.52
N VAL D 130 11.73 -2.13 23.29
CA VAL D 130 10.82 -3.05 22.64
C VAL D 130 11.56 -4.26 22.07
N TYR D 131 12.88 -4.29 22.27
CA TYR D 131 13.72 -5.38 21.78
C TYR D 131 13.32 -6.74 22.35
N TYR D 132 13.17 -6.79 23.67
CA TYR D 132 12.80 -8.02 24.35
C TYR D 132 11.54 -8.64 23.75
N LYS D 133 10.41 -7.94 23.91
CA LYS D 133 9.11 -8.40 23.41
C LYS D 133 9.20 -8.77 21.94
N LYS D 134 10.07 -8.07 21.23
CA LYS D 134 10.25 -8.34 19.81
C LYS D 134 10.92 -9.72 19.64
N LEU D 135 12.00 -9.93 20.41
CA LEU D 135 12.76 -11.18 20.36
C LEU D 135 11.90 -12.36 20.77
N LEU D 136 11.10 -12.16 21.81
CA LEU D 136 10.25 -13.24 22.29
C LEU D 136 9.39 -13.85 21.20
N LEU D 137 8.78 -13.00 20.36
CA LEU D 137 7.91 -13.47 19.28
C LEU D 137 8.71 -14.24 18.23
N ILE D 138 9.96 -13.82 18.03
CA ILE D 138 10.85 -14.45 17.05
C ILE D 138 11.28 -15.83 17.53
N ILE D 139 11.70 -15.90 18.79
CA ILE D 139 12.11 -17.17 19.38
C ILE D 139 10.92 -18.13 19.49
N GLU D 140 9.80 -17.59 19.95
CA GLU D 140 8.58 -18.39 20.10
C GLU D 140 8.21 -19.05 18.77
N ALA D 141 8.19 -18.25 17.71
CA ALA D 141 7.84 -18.75 16.38
C ALA D 141 8.84 -19.79 15.88
N LEU D 142 10.11 -19.60 16.25
CA LEU D 142 11.18 -20.53 15.85
C LEU D 142 10.99 -21.93 16.44
N ARG D 143 10.81 -21.97 17.75
CA ARG D 143 10.62 -23.24 18.41
C ARG D 143 9.39 -23.95 17.87
N LYS D 144 8.28 -23.22 17.76
CA LYS D 144 7.03 -23.79 17.27
C LYS D 144 7.14 -24.27 15.83
N GLU D 145 7.53 -23.35 14.95
CA GLU D 145 7.67 -23.65 13.53
C GLU D 145 8.60 -24.81 13.25
N LEU D 146 9.76 -24.80 13.91
CA LEU D 146 10.77 -25.83 13.69
C LEU D 146 10.65 -27.02 14.66
N ASN D 147 9.61 -27.00 15.48
CA ASN D 147 9.36 -28.08 16.44
C ASN D 147 10.58 -28.41 17.31
N VAL D 148 11.12 -27.39 17.96
CA VAL D 148 12.29 -27.55 18.83
C VAL D 148 12.07 -26.71 20.09
N PRO D 149 11.11 -27.12 20.93
CA PRO D 149 10.72 -26.45 22.19
C PRO D 149 11.74 -26.38 23.31
N ASP D 150 12.79 -27.19 23.24
CA ASP D 150 13.78 -27.17 24.30
C ASP D 150 15.25 -27.21 23.91
N ILE D 151 15.54 -27.14 22.60
CA ILE D 151 16.94 -27.12 22.15
C ILE D 151 17.52 -25.81 22.67
N PRO D 152 18.79 -25.84 23.11
CA PRO D 152 19.40 -24.62 23.62
C PRO D 152 19.66 -23.56 22.56
N ILE D 153 19.19 -22.35 22.84
CA ILE D 153 19.39 -21.22 21.94
C ILE D 153 20.40 -20.30 22.64
N ILE D 154 21.59 -20.12 22.04
CA ILE D 154 22.62 -19.28 22.67
C ILE D 154 22.65 -17.87 22.07
N ILE D 155 22.71 -16.86 22.94
CA ILE D 155 22.74 -15.49 22.48
C ILE D 155 23.94 -14.71 23.02
N GLY D 156 24.70 -14.07 22.13
CA GLY D 156 25.88 -13.30 22.56
C GLY D 156 25.64 -11.81 22.75
N GLY D 157 26.49 -11.17 23.54
CA GLY D 157 26.35 -9.75 23.78
C GLY D 157 27.04 -8.94 22.70
N LEU D 158 26.97 -7.62 22.84
CA LEU D 158 27.57 -6.74 21.85
C LEU D 158 28.92 -6.21 22.36
N GLY D 159 29.85 -6.01 21.42
CA GLY D 159 31.16 -5.54 21.80
C GLY D 159 31.14 -4.22 22.53
N ASP D 160 32.08 -4.04 23.45
CA ASP D 160 32.16 -2.81 24.22
C ASP D 160 32.81 -1.70 23.42
N PHE D 161 33.27 -2.01 22.21
CA PHE D 161 33.90 -1.00 21.37
C PHE D 161 32.82 -0.16 20.66
N LEU D 162 31.59 -0.67 20.66
CA LEU D 162 30.49 0.03 20.00
C LEU D 162 30.27 1.44 20.55
N GLY D 163 29.58 2.26 19.73
CA GLY D 163 29.28 3.63 20.10
C GLY D 163 30.48 4.51 20.37
N LYS D 164 31.55 4.33 19.61
CA LYS D 164 32.76 5.12 19.84
C LYS D 164 33.50 5.52 18.57
N GLU D 165 33.74 4.56 17.68
CA GLU D 165 34.46 4.83 16.44
C GLU D 165 33.65 4.61 15.18
N ARG D 166 33.93 5.44 14.17
CA ARG D 166 33.28 5.40 12.87
C ARG D 166 31.98 4.63 12.70
N PHE D 167 32.01 3.56 11.92
CA PHE D 167 30.80 2.77 11.65
C PHE D 167 30.07 2.28 12.88
N GLY D 168 30.72 2.31 14.04
CA GLY D 168 30.05 1.85 15.24
C GLY D 168 29.66 2.97 16.18
N LYS D 169 30.09 4.19 15.87
CA LYS D 169 29.80 5.38 16.68
C LYS D 169 28.31 5.64 16.91
N GLY D 170 27.47 5.18 16.00
CA GLY D 170 26.04 5.41 16.16
C GLY D 170 25.37 4.48 17.14
N CYS D 171 26.09 3.45 17.60
CA CYS D 171 25.57 2.45 18.54
C CYS D 171 25.91 2.83 19.96
N THR D 172 25.31 3.92 20.44
CA THR D 172 25.61 4.37 21.79
C THR D 172 24.71 3.73 22.83
N GLU D 173 23.73 2.96 22.39
CA GLU D 173 22.83 2.29 23.32
C GLU D 173 23.07 0.78 23.35
N TYR D 174 24.26 0.37 22.92
CA TYR D 174 24.57 -1.05 22.89
C TYR D 174 24.42 -1.71 24.26
N ASN D 175 24.90 -1.01 25.29
CA ASN D 175 24.82 -1.56 26.62
C ASN D 175 23.39 -1.75 27.09
N PHE D 176 22.46 -0.96 26.57
CA PHE D 176 21.04 -1.12 26.96
C PHE D 176 20.49 -2.36 26.31
N ILE D 177 21.04 -2.71 25.15
CA ILE D 177 20.59 -3.90 24.43
C ILE D 177 21.16 -5.12 25.15
N ASN D 178 22.40 -5.00 25.63
CA ASN D 178 23.03 -6.11 26.35
C ASN D 178 22.16 -6.49 27.55
N LYS D 179 21.65 -5.49 28.27
CA LYS D 179 20.82 -5.77 29.42
C LYS D 179 19.57 -6.53 29.01
N GLU D 180 18.99 -6.16 27.88
CA GLU D 180 17.82 -6.85 27.41
C GLU D 180 18.17 -8.27 26.98
N LEU D 181 19.35 -8.43 26.39
CA LEU D 181 19.79 -9.76 25.94
C LEU D 181 19.99 -10.66 27.16
N GLN D 182 20.71 -10.14 28.16
CA GLN D 182 20.94 -10.89 29.39
C GLN D 182 19.61 -11.26 30.03
N LYS D 183 18.79 -10.25 30.34
CA LYS D 183 17.48 -10.49 30.95
C LYS D 183 16.71 -11.59 30.22
N PHE D 184 16.62 -11.46 28.91
CA PHE D 184 15.90 -12.43 28.09
C PHE D 184 16.42 -13.84 28.34
N ALA D 185 17.74 -13.98 28.41
CA ALA D 185 18.35 -15.29 28.62
C ALA D 185 17.96 -15.91 29.97
N PHE D 186 18.11 -15.16 31.05
CA PHE D 186 17.79 -15.66 32.38
C PHE D 186 16.33 -16.05 32.52
N GLU D 187 15.44 -15.13 32.15
CA GLU D 187 14.01 -15.36 32.24
C GLU D 187 13.49 -16.44 31.29
N GLN D 188 13.94 -16.43 30.04
CA GLN D 188 13.46 -17.43 29.09
C GLN D 188 14.11 -18.79 29.24
N ASP D 189 13.31 -19.82 29.03
CA ASP D 189 13.77 -21.20 29.14
C ASP D 189 14.69 -21.63 28.01
N ASN D 190 15.75 -22.33 28.38
CA ASN D 190 16.72 -22.85 27.43
C ASN D 190 17.41 -21.80 26.58
N CYS D 191 17.71 -20.66 27.20
CA CYS D 191 18.40 -19.56 26.54
C CYS D 191 19.58 -19.20 27.40
N TYR D 192 20.75 -19.05 26.79
CA TYR D 192 21.93 -18.73 27.55
C TYR D 192 22.68 -17.54 26.96
N PHE D 193 23.14 -16.65 27.84
CA PHE D 193 23.86 -15.46 27.43
C PHE D 193 25.38 -15.73 27.35
N VAL D 194 26.08 -15.02 26.47
CA VAL D 194 27.50 -15.20 26.32
C VAL D 194 28.17 -13.82 26.24
N THR D 195 28.87 -13.42 27.30
CA THR D 195 29.53 -12.12 27.31
C THR D 195 30.49 -11.92 26.13
N ALA D 196 30.70 -10.65 25.76
CA ALA D 196 31.59 -10.30 24.67
C ALA D 196 32.74 -9.47 25.19
N SER D 197 32.93 -9.51 26.51
CA SER D 197 34.02 -8.76 27.13
C SER D 197 35.33 -9.17 26.48
N GLY D 198 36.26 -8.23 26.50
CA GLY D 198 37.57 -8.46 25.94
C GLY D 198 37.61 -8.49 24.43
N LEU D 199 36.49 -8.85 23.79
CA LEU D 199 36.49 -8.90 22.34
C LEU D 199 36.80 -7.55 21.70
N THR D 200 37.65 -7.56 20.69
CA THR D 200 38.03 -6.34 19.99
C THR D 200 37.42 -6.31 18.60
N CYS D 201 37.56 -5.17 17.91
CA CYS D 201 36.96 -5.02 16.59
C CYS D 201 37.91 -4.61 15.48
N ASN D 202 37.47 -4.78 14.24
CA ASN D 202 38.25 -4.38 13.08
C ASN D 202 38.28 -2.86 13.04
N PRO D 203 39.00 -2.29 12.06
CA PRO D 203 39.10 -0.83 11.92
C PRO D 203 37.76 -0.11 11.80
N ASP D 204 36.77 -0.73 11.16
CA ASP D 204 35.49 -0.06 11.02
C ASP D 204 34.80 0.30 12.33
N GLY D 205 35.33 -0.18 13.46
CA GLY D 205 34.73 0.16 14.74
C GLY D 205 33.38 -0.48 15.04
N ILE D 206 32.96 -1.45 14.24
CA ILE D 206 31.68 -2.07 14.50
C ILE D 206 31.68 -3.61 14.44
N HIS D 207 32.61 -4.16 13.67
CA HIS D 207 32.72 -5.62 13.52
C HIS D 207 33.81 -6.29 14.35
N ILE D 208 33.44 -7.37 15.04
CA ILE D 208 34.37 -8.13 15.89
C ILE D 208 35.44 -8.74 14.99
N ASP D 209 36.71 -8.63 15.37
CA ASP D 209 37.79 -9.15 14.55
C ASP D 209 37.94 -10.68 14.62
N ALA D 210 38.72 -11.23 13.68
CA ALA D 210 38.94 -12.68 13.60
C ALA D 210 39.37 -13.34 14.92
N ILE D 211 40.44 -12.82 15.52
CA ILE D 211 40.93 -13.36 16.78
C ILE D 211 39.78 -13.41 17.79
N SER D 212 39.11 -12.28 17.99
CA SER D 212 38.01 -12.20 18.94
C SER D 212 36.83 -13.06 18.57
N GLN D 213 36.63 -13.24 17.27
CA GLN D 213 35.52 -14.04 16.77
C GLN D 213 35.79 -15.52 17.07
N ARG D 214 37.07 -15.88 17.16
CA ARG D 214 37.45 -17.25 17.47
C ARG D 214 37.21 -17.54 18.95
N LYS D 215 37.58 -16.60 19.81
CA LYS D 215 37.36 -16.76 21.23
C LYS D 215 35.86 -16.80 21.49
N PHE D 216 35.14 -15.90 20.83
CA PHE D 216 33.69 -15.79 20.97
C PHE D 216 33.01 -17.12 20.67
N GLY D 217 33.53 -17.86 19.71
CA GLY D 217 32.95 -19.15 19.37
C GLY D 217 33.06 -20.15 20.51
N LEU D 218 34.19 -20.14 21.20
CA LEU D 218 34.41 -21.06 22.32
C LEU D 218 33.40 -20.79 23.42
N ARG D 219 33.20 -19.52 23.75
CA ARG D 219 32.25 -19.16 24.80
C ARG D 219 30.84 -19.61 24.42
N TYR D 220 30.53 -19.60 23.12
CA TYR D 220 29.20 -20.04 22.69
C TYR D 220 29.05 -21.52 23.00
N PHE D 221 30.08 -22.29 22.69
CA PHE D 221 30.07 -23.74 22.93
C PHE D 221 30.11 -24.02 24.44
N GLU D 222 30.86 -23.20 25.14
CA GLU D 222 30.94 -23.34 26.58
C GLU D 222 29.54 -23.22 27.17
N ALA D 223 28.73 -22.32 26.63
CA ALA D 223 27.39 -22.13 27.13
C ALA D 223 26.45 -23.24 26.68
N PHE D 224 26.60 -23.64 25.43
CA PHE D 224 25.77 -24.69 24.86
C PHE D 224 26.01 -26.05 25.51
N PHE D 225 27.28 -26.46 25.53
CA PHE D 225 27.65 -27.75 26.07
C PHE D 225 27.28 -27.94 27.54
N ASN D 226 27.44 -26.89 28.33
CA ASN D 226 27.14 -26.95 29.75
C ASN D 226 25.80 -26.33 30.12
N ARG D 227 25.09 -25.83 29.12
CA ARG D 227 23.80 -25.17 29.36
C ARG D 227 23.89 -24.15 30.49
N LYS D 228 24.82 -23.20 30.36
CA LYS D 228 25.01 -22.16 31.38
C LYS D 228 25.29 -20.80 30.75
N HIS D 229 25.28 -19.75 31.58
CA HIS D 229 25.56 -18.39 31.12
C HIS D 229 27.05 -18.09 31.26
N VAL D 230 27.69 -17.65 30.18
CA VAL D 230 29.11 -17.34 30.24
C VAL D 230 29.27 -15.83 30.48
N LEU D 231 29.30 -15.44 31.74
CA LEU D 231 29.40 -14.03 32.10
C LEU D 231 30.83 -13.51 32.11
N GLU D 232 31.78 -14.44 32.02
CA GLU D 232 33.20 -14.07 31.99
C GLU D 232 33.91 -14.86 30.92
N PRO D 233 35.02 -14.31 30.41
CA PRO D 233 35.75 -15.04 29.38
C PRO D 233 36.43 -16.30 29.95
N LEU D 234 36.47 -17.36 29.16
CA LEU D 234 37.12 -18.60 29.57
C LEU D 234 38.57 -18.29 29.83
N ILE D 235 39.15 -18.92 30.84
CA ILE D 235 40.53 -18.65 31.20
C ILE D 235 41.57 -19.15 30.18
N ASN D 236 41.41 -20.39 29.74
CA ASN D 236 42.35 -20.98 28.79
C ASN D 236 41.94 -20.68 27.35
N GLU D 237 41.25 -19.55 27.17
CA GLU D 237 40.76 -19.13 25.85
C GLU D 237 41.80 -19.26 24.74
N ASN D 238 42.95 -18.64 24.93
CA ASN D 238 44.00 -18.71 23.92
C ASN D 238 44.53 -20.12 23.71
N GLU D 239 44.96 -20.77 24.78
CA GLU D 239 45.51 -22.12 24.66
C GLU D 239 44.50 -23.13 24.18
N LEU D 240 43.25 -22.92 24.56
CA LEU D 240 42.16 -23.80 24.17
C LEU D 240 42.06 -23.80 22.65
N LEU D 241 42.26 -22.63 22.04
CA LEU D 241 42.21 -22.50 20.60
C LEU D 241 43.41 -23.17 19.93
N ASN D 242 44.61 -22.90 20.44
CA ASN D 242 45.82 -23.49 19.89
C ASN D 242 45.75 -25.00 19.94
N LEU D 243 45.06 -25.53 20.94
CA LEU D 243 44.91 -26.97 21.08
C LEU D 243 44.12 -27.51 19.90
N ASN D 244 43.16 -26.75 19.41
CA ASN D 244 42.38 -27.22 18.27
C ASN D 244 43.13 -26.99 16.97
N TYR D 245 44.01 -25.99 16.96
CA TYR D 245 44.79 -25.67 15.76
C TYR D 245 45.89 -26.69 15.55
N ALA D 246 46.42 -27.22 16.65
CA ALA D 246 47.49 -28.21 16.61
C ALA D 246 47.03 -29.59 16.14
N ARG D 247 45.74 -29.87 16.30
CA ARG D 247 45.18 -31.15 15.89
C ARG D 247 45.75 -31.59 14.53
N THR D 248 46.09 -32.86 14.42
CA THR D 248 46.64 -33.39 13.17
C THR D 248 45.51 -33.64 12.19
N HIS D 249 45.71 -33.29 10.93
CA HIS D 249 44.65 -33.46 9.93
C HIS D 249 44.58 -34.86 9.33
N THR D 250 43.37 -35.23 8.92
CA THR D 250 43.12 -36.51 8.31
C THR D 250 43.69 -36.52 6.90
N LYS D 251 43.76 -37.69 6.30
CA LYS D 251 44.28 -37.80 4.94
C LYS D 251 43.32 -37.06 4.01
N ALA D 252 42.02 -37.29 4.20
CA ALA D 252 40.99 -36.64 3.38
C ALA D 252 41.04 -35.12 3.50
N GLU D 253 41.34 -34.63 4.69
CA GLU D 253 41.43 -33.20 4.93
C GLU D 253 42.61 -32.59 4.20
N LYS D 254 43.80 -33.12 4.40
CA LYS D 254 44.97 -32.56 3.73
C LYS D 254 44.94 -32.73 2.20
N ILE D 255 44.10 -33.64 1.74
CA ILE D 255 43.93 -33.84 0.30
C ILE D 255 42.97 -32.74 -0.18
N TYR D 256 42.14 -32.27 0.73
CA TYR D 256 41.17 -31.24 0.42
C TYR D 256 41.85 -29.90 0.25
N ILE D 257 42.74 -29.54 1.17
CA ILE D 257 43.42 -28.27 1.04
C ILE D 257 44.25 -28.24 -0.23
N LYS D 258 44.69 -29.40 -0.67
CA LYS D 258 45.48 -29.48 -1.89
C LYS D 258 44.58 -29.42 -3.12
N SER D 259 43.40 -30.03 -3.02
CA SER D 259 42.48 -30.03 -4.13
C SER D 259 42.00 -28.61 -4.37
N MSE D 260 41.93 -27.84 -3.30
CA MSE D 260 41.49 -26.48 -3.38
C MSE D 260 42.60 -25.59 -3.95
O MSE D 260 42.34 -24.75 -4.82
CB MSE D 260 41.06 -26.00 -2.01
CG MSE D 260 39.86 -25.09 -2.07
SE MSE D 260 39.22 -24.73 -0.32
CE MSE D 260 40.58 -23.44 0.23
N ASP D 261 43.81 -25.76 -3.45
CA ASP D 261 44.95 -24.99 -3.93
C ASP D 261 45.01 -25.07 -5.45
N PHE D 262 44.80 -26.27 -5.97
CA PHE D 262 44.84 -26.46 -7.41
C PHE D 262 43.60 -25.82 -8.04
N ALA D 263 42.43 -26.12 -7.48
CA ALA D 263 41.16 -25.59 -7.98
C ALA D 263 41.17 -24.08 -8.12
N LEU D 264 41.92 -23.40 -7.25
CA LEU D 264 42.00 -21.95 -7.30
C LEU D 264 43.16 -21.47 -8.14
N GLY D 265 43.90 -22.40 -8.73
CA GLY D 265 45.03 -22.01 -9.55
C GLY D 265 46.28 -21.61 -8.79
N LYS D 266 46.36 -21.92 -7.49
CA LYS D 266 47.55 -21.58 -6.72
C LYS D 266 48.74 -22.51 -6.99
N ILE D 267 48.50 -23.65 -7.63
CA ILE D 267 49.58 -24.57 -7.95
C ILE D 267 49.33 -25.27 -9.26
N SER D 268 50.40 -25.87 -9.80
CA SER D 268 50.37 -26.58 -11.05
C SER D 268 49.68 -27.93 -10.90
N TYR D 269 49.30 -28.54 -12.02
CA TYR D 269 48.66 -29.84 -11.93
C TYR D 269 49.67 -30.90 -11.50
N ASP D 270 50.90 -30.80 -12.00
CA ASP D 270 51.94 -31.76 -11.64
C ASP D 270 52.31 -31.55 -10.18
N GLU D 271 52.29 -30.31 -9.75
CA GLU D 271 52.63 -29.98 -8.38
C GLU D 271 51.51 -30.51 -7.48
N PHE D 272 50.29 -30.52 -8.02
CA PHE D 272 49.12 -31.01 -7.31
C PHE D 272 49.22 -32.54 -7.19
N THR D 273 49.64 -33.17 -8.29
CA THR D 273 49.82 -34.61 -8.35
C THR D 273 50.87 -35.06 -7.34
N SER D 274 52.04 -34.46 -7.44
CA SER D 274 53.16 -34.76 -6.57
C SER D 274 52.76 -34.63 -5.10
N GLU D 275 51.98 -33.60 -4.80
CA GLU D 275 51.52 -33.37 -3.43
C GLU D 275 50.51 -34.42 -2.99
N LEU D 276 49.73 -34.94 -3.92
CA LEU D 276 48.72 -35.94 -3.58
C LEU D 276 49.40 -37.28 -3.26
N MSE D 277 50.45 -37.60 -4.00
CA MSE D 277 51.18 -38.84 -3.79
C MSE D 277 51.86 -38.84 -2.43
O MSE D 277 51.81 -39.81 -1.70
CB MSE D 277 52.22 -39.05 -4.90
CG MSE D 277 51.62 -39.24 -6.28
SE MSE D 277 50.26 -40.59 -6.33
CE MSE D 277 51.37 -42.18 -6.25
N LYS D 278 52.49 -37.71 -2.08
CA LYS D 278 53.17 -37.58 -0.81
C LYS D 278 52.21 -37.92 0.31
N ILE D 279 50.96 -37.51 0.16
CA ILE D 279 49.94 -37.77 1.17
C ILE D 279 49.60 -39.26 1.19
N ASN D 280 49.61 -39.87 0.01
CA ASN D 280 49.28 -41.27 -0.12
C ASN D 280 50.41 -42.18 0.38
N ASN D 281 51.65 -41.83 0.02
CA ASN D 281 52.81 -42.60 0.43
C ASN D 281 53.16 -42.43 1.89
N ASP D 282 52.83 -41.26 2.44
CA ASP D 282 53.14 -40.95 3.83
C ASP D 282 52.75 -42.08 4.78
N LEU D 283 53.61 -42.32 5.77
CA LEU D 283 53.40 -43.35 6.77
C LEU D 283 52.32 -42.95 7.80
N GLU D 284 52.76 -42.35 8.89
CA GLU D 284 51.89 -41.91 9.97
C GLU D 284 51.98 -40.36 10.07
N MSE E 1 4.16 44.12 32.50
CA MSE E 1 5.14 43.29 31.73
C MSE E 1 4.52 41.94 31.37
O MSE E 1 3.30 41.75 31.43
CB MSE E 1 6.43 43.09 32.55
CG MSE E 1 6.29 42.21 33.81
SE MSE E 1 8.00 41.68 34.67
CE MSE E 1 8.07 42.93 36.17
N VAL E 2 5.38 41.00 30.96
CA VAL E 2 4.95 39.66 30.58
C VAL E 2 5.50 38.67 31.60
N LYS E 3 4.62 37.93 32.26
CA LYS E 3 5.03 36.93 33.24
C LYS E 3 5.07 35.60 32.53
N SER E 4 6.26 35.05 32.34
CA SER E 4 6.40 33.78 31.65
C SER E 4 6.44 32.59 32.60
N PHE E 5 5.91 31.46 32.13
CA PHE E 5 5.88 30.22 32.88
C PHE E 5 6.42 29.08 32.03
N LEU E 6 7.51 28.46 32.48
CA LEU E 6 8.14 27.35 31.77
C LEU E 6 7.41 26.03 32.03
N MSE E 7 7.04 25.33 30.95
CA MSE E 7 6.33 24.04 31.03
C MSE E 7 7.27 22.87 30.80
O MSE E 7 7.86 22.75 29.73
CB MSE E 7 5.21 23.99 30.00
CG MSE E 7 4.19 25.11 30.09
SE MSE E 7 2.85 24.94 28.71
CE MSE E 7 3.62 26.16 27.40
N LEU E 8 7.40 21.99 31.79
CA LEU E 8 8.28 20.83 31.67
C LEU E 8 7.56 19.56 32.04
N GLY E 9 8.03 18.44 31.48
CA GLY E 9 7.43 17.16 31.80
C GLY E 9 7.17 16.24 30.64
N GLN E 10 6.25 15.33 30.88
CA GLN E 10 5.85 14.33 29.91
C GLN E 10 4.64 14.80 29.08
N SER E 11 3.98 13.86 28.42
CA SER E 11 2.85 14.19 27.58
C SER E 11 1.65 14.75 28.34
N ASN E 12 1.51 14.40 29.61
CA ASN E 12 0.40 14.89 30.41
C ASN E 12 0.57 16.36 30.79
N MSE E 13 1.75 16.92 30.52
CA MSE E 13 1.99 18.34 30.78
C MSE E 13 1.79 19.06 29.46
O MSE E 13 1.24 20.15 29.43
CB MSE E 13 3.41 18.61 31.29
CG MSE E 13 3.87 20.10 31.20
SE MSE E 13 2.70 21.44 32.08
CE MSE E 13 3.00 21.00 33.96
N ALA E 14 2.25 18.45 28.38
CA ALA E 14 2.13 19.01 27.05
C ALA E 14 0.65 19.02 26.65
N GLY E 15 -0.11 18.13 27.27
CA GLY E 15 -1.52 18.06 27.00
C GLY E 15 -1.92 17.15 25.86
N ARG E 16 -2.83 16.22 26.13
CA ARG E 16 -3.30 15.28 25.13
C ARG E 16 -4.84 15.25 25.11
N GLY E 17 -5.47 16.18 25.83
CA GLY E 17 -6.91 16.23 25.85
C GLY E 17 -7.48 16.59 24.50
N PHE E 18 -8.61 15.98 24.13
CA PHE E 18 -9.23 16.26 22.84
C PHE E 18 -9.78 17.69 22.85
N ILE E 19 -9.28 18.55 21.95
CA ILE E 19 -9.72 19.93 21.94
C ILE E 19 -11.20 20.16 21.60
N ASN E 20 -11.88 19.14 21.11
CA ASN E 20 -13.29 19.29 20.75
C ASN E 20 -14.22 18.91 21.90
N GLU E 21 -13.65 18.62 23.05
CA GLU E 21 -14.45 18.21 24.20
C GLU E 21 -14.54 19.27 25.27
N VAL E 22 -13.82 20.36 25.06
CA VAL E 22 -13.78 21.43 26.03
C VAL E 22 -13.84 22.76 25.28
N PRO E 23 -14.48 23.78 25.86
CA PRO E 23 -14.57 25.08 25.20
C PRO E 23 -13.23 25.75 24.95
N MSE E 24 -13.12 26.41 23.81
CA MSE E 24 -11.90 27.11 23.42
C MSE E 24 -11.65 28.32 24.33
O MSE E 24 -12.58 29.00 24.77
CB MSE E 24 -12.00 27.57 21.96
CG MSE E 24 -10.70 28.14 21.39
SE MSE E 24 -10.88 29.07 19.68
CE MSE E 24 -9.33 30.29 19.82
N ILE E 25 -10.38 28.56 24.63
CA ILE E 25 -9.98 29.68 25.47
C ILE E 25 -9.26 30.68 24.58
N TYR E 26 -9.89 31.83 24.36
CA TYR E 26 -9.33 32.89 23.53
C TYR E 26 -9.11 34.10 24.43
N ASN E 27 -7.88 34.25 24.91
CA ASN E 27 -7.56 35.35 25.79
C ASN E 27 -6.37 36.08 25.22
N GLU E 28 -6.57 37.31 24.76
CA GLU E 28 -5.50 38.10 24.16
C GLU E 28 -4.40 38.44 25.15
N ARG E 29 -4.68 38.18 26.42
CA ARG E 29 -3.72 38.46 27.49
C ARG E 29 -2.93 37.20 27.86
N ILE E 30 -3.22 36.10 27.16
CA ILE E 30 -2.50 34.85 27.37
C ILE E 30 -1.71 34.59 26.09
N GLN E 31 -0.40 34.37 26.23
CA GLN E 31 0.45 34.12 25.07
C GLN E 31 1.37 32.90 25.18
N MSE E 32 1.83 32.43 24.03
CA MSE E 32 2.71 31.26 23.97
C MSE E 32 3.97 31.63 23.19
O MSE E 32 3.95 32.54 22.38
CB MSE E 32 2.00 30.11 23.25
CG MSE E 32 1.43 30.48 21.92
SE MSE E 32 0.41 29.06 21.09
CE MSE E 32 -0.35 28.23 22.63
N LEU E 33 5.04 30.90 23.46
CA LEU E 33 6.31 31.16 22.79
C LEU E 33 6.44 30.40 21.47
N ARG E 34 6.52 31.13 20.35
CA ARG E 34 6.68 30.51 19.02
C ARG E 34 8.03 30.94 18.47
N ASN E 35 8.93 29.97 18.31
CA ASN E 35 10.29 30.17 17.85
C ASN E 35 10.92 31.46 18.37
N GLY E 36 11.06 31.50 19.70
CA GLY E 36 11.69 32.62 20.38
C GLY E 36 10.87 33.81 20.85
N ARG E 37 9.73 34.09 20.21
CA ARG E 37 8.95 35.23 20.62
C ARG E 37 7.50 34.93 21.00
N TRP E 38 6.81 35.94 21.52
CA TRP E 38 5.42 35.75 21.97
C TRP E 38 4.38 35.88 20.89
N GLN E 39 3.40 34.99 20.94
CA GLN E 39 2.31 34.96 19.99
C GLN E 39 1.06 34.68 20.82
N MSE E 40 -0.12 35.04 20.32
CA MSE E 40 -1.33 34.79 21.07
C MSE E 40 -1.57 33.30 21.27
O MSE E 40 -1.58 32.53 20.32
CB MSE E 40 -2.54 35.40 20.38
CG MSE E 40 -3.35 36.27 21.32
SE MSE E 40 -5.22 36.30 20.92
CE MSE E 40 -5.78 34.93 22.16
N MSE E 41 -1.79 32.91 22.52
CA MSE E 41 -2.00 31.51 22.85
C MSE E 41 -3.25 30.89 22.17
O MSE E 41 -4.34 31.47 22.20
CB MSE E 41 -2.09 31.35 24.36
CG MSE E 41 -2.22 29.93 24.85
SE MSE E 41 -3.93 29.15 24.52
CE MSE E 41 -4.61 29.10 26.34
N THR E 42 -3.04 29.72 21.59
CA THR E 42 -4.09 28.95 20.92
C THR E 42 -3.66 27.49 21.03
N GLU E 43 -4.47 26.68 21.70
CA GLU E 43 -4.18 25.27 21.89
C GLU E 43 -4.23 24.57 20.52
N PRO E 44 -3.36 23.58 20.28
CA PRO E 44 -2.28 23.02 21.12
C PRO E 44 -1.19 24.00 21.47
N ILE E 45 -0.92 24.15 22.75
CA ILE E 45 0.14 25.04 23.20
C ILE E 45 1.52 24.38 23.05
N ASN E 46 1.62 23.14 23.53
CA ASN E 46 2.86 22.38 23.50
C ASN E 46 2.77 21.36 22.35
N TYR E 47 3.01 21.82 21.13
CA TYR E 47 2.91 20.93 19.98
C TYR E 47 4.13 20.03 19.75
N ASP E 48 4.37 19.07 20.64
CA ASP E 48 5.54 18.19 20.52
C ASP E 48 5.24 16.99 19.63
N ARG E 49 3.95 16.74 19.44
CA ARG E 49 3.50 15.62 18.61
C ARG E 49 2.27 16.08 17.86
N PRO E 50 2.02 15.49 16.68
CA PRO E 50 0.85 15.90 15.92
C PRO E 50 -0.45 15.60 16.67
N VAL E 51 -0.34 14.94 17.82
CA VAL E 51 -1.51 14.59 18.61
C VAL E 51 -1.70 15.50 19.83
N SER E 52 -0.83 16.49 20.00
CA SER E 52 -0.95 17.40 21.14
C SER E 52 -2.34 18.07 21.15
N GLY E 53 -2.93 18.19 22.33
CA GLY E 53 -4.23 18.80 22.46
C GLY E 53 -4.37 19.71 23.67
N ILE E 54 -5.43 19.52 24.43
CA ILE E 54 -5.66 20.35 25.60
C ILE E 54 -4.64 20.14 26.70
N SER E 55 -4.06 21.23 27.16
CA SER E 55 -3.07 21.22 28.22
C SER E 55 -3.65 21.85 29.50
N LEU E 56 -3.01 21.60 30.63
CA LEU E 56 -3.47 22.16 31.91
C LEU E 56 -3.03 23.60 32.02
N ALA E 57 -2.10 23.99 31.16
CA ALA E 57 -1.58 25.36 31.20
C ALA E 57 -2.62 26.31 30.63
N GLY E 58 -3.63 25.77 29.96
CA GLY E 58 -4.65 26.62 29.40
C GLY E 58 -5.51 27.26 30.47
N SER E 59 -6.14 26.43 31.29
CA SER E 59 -6.97 26.98 32.35
C SER E 59 -6.08 27.70 33.37
N PHE E 60 -4.86 27.24 33.53
CA PHE E 60 -3.95 27.88 34.48
C PHE E 60 -3.75 29.35 34.14
N ALA E 61 -3.54 29.62 32.86
CA ALA E 61 -3.34 30.98 32.37
C ALA E 61 -4.65 31.78 32.41
N ASP E 62 -5.76 31.16 32.05
CA ASP E 62 -7.05 31.82 32.05
C ASP E 62 -7.37 32.28 33.47
N ALA E 63 -7.09 31.44 34.45
CA ALA E 63 -7.35 31.76 35.85
C ALA E 63 -6.37 32.82 36.33
N TRP E 64 -5.18 32.77 35.76
CA TRP E 64 -4.15 33.72 36.15
C TRP E 64 -4.51 35.10 35.64
N SER E 65 -5.06 35.16 34.42
CA SER E 65 -5.42 36.45 33.83
C SER E 65 -6.57 37.13 34.56
N GLN E 66 -7.37 36.36 35.28
CA GLN E 66 -8.50 36.91 36.03
C GLN E 66 -8.08 37.54 37.35
N LYS E 67 -6.92 37.13 37.86
CA LYS E 67 -6.40 37.65 39.11
C LYS E 67 -5.36 38.72 38.83
N ASN E 68 -5.11 38.98 37.55
CA ASN E 68 -4.14 39.99 37.14
C ASN E 68 -4.62 40.59 35.84
N GLN E 69 -5.64 41.45 35.92
CA GLN E 69 -6.19 42.10 34.74
C GLN E 69 -5.19 43.01 34.04
N GLU E 70 -4.07 43.29 34.69
CA GLU E 70 -3.10 44.19 34.09
C GLU E 70 -2.05 43.58 33.18
N ASP E 71 -1.39 42.55 33.67
CA ASP E 71 -0.32 41.91 32.90
C ASP E 71 -0.74 40.79 31.95
N ILE E 72 0.24 40.30 31.20
CA ILE E 72 -0.03 39.21 30.28
C ILE E 72 0.83 38.01 30.69
N ILE E 73 0.25 36.81 30.61
CA ILE E 73 0.97 35.59 30.97
C ILE E 73 1.52 34.88 29.73
N GLY E 74 2.81 34.58 29.77
CA GLY E 74 3.44 33.91 28.64
C GLY E 74 3.78 32.46 28.97
N LEU E 75 3.40 31.56 28.08
CA LEU E 75 3.66 30.14 28.26
C LEU E 75 4.84 29.71 27.40
N ILE E 76 5.73 28.90 27.99
CA ILE E 76 6.93 28.38 27.31
C ILE E 76 6.79 26.86 27.28
N PRO E 77 6.32 26.30 26.13
CA PRO E 77 6.11 24.86 25.92
C PRO E 77 7.41 24.07 25.73
N CYS E 78 7.77 23.25 26.71
CA CYS E 78 9.00 22.47 26.59
C CYS E 78 8.82 21.05 27.10
N ALA E 79 7.58 20.54 27.02
CA ALA E 79 7.29 19.19 27.47
C ALA E 79 7.48 18.19 26.34
N GLU E 80 8.06 17.03 26.64
CA GLU E 80 8.29 16.00 25.62
C GLU E 80 7.55 14.73 25.99
N GLY E 81 6.72 14.23 25.07
CA GLY E 81 5.97 13.01 25.37
C GLY E 81 6.87 11.81 25.50
N GLY E 82 6.53 10.90 26.41
CA GLY E 82 7.31 9.70 26.59
C GLY E 82 8.67 9.89 27.26
N SER E 83 9.03 11.14 27.53
CA SER E 83 10.31 11.41 28.16
C SER E 83 10.28 10.92 29.60
N SER E 84 11.41 10.42 30.08
CA SER E 84 11.51 9.92 31.45
C SER E 84 12.44 10.85 32.21
N ILE E 85 12.46 10.71 33.52
CA ILE E 85 13.30 11.55 34.35
C ILE E 85 14.76 11.52 33.84
N ASP E 86 15.22 10.36 33.36
CA ASP E 86 16.59 10.24 32.85
C ASP E 86 16.81 11.07 31.59
N GLU E 87 15.78 11.12 30.75
CA GLU E 87 15.87 11.89 29.53
C GLU E 87 15.93 13.39 29.85
N TRP E 88 15.53 13.74 31.07
CA TRP E 88 15.57 15.14 31.50
C TRP E 88 16.84 15.54 32.23
N ALA E 89 17.87 14.70 32.16
CA ALA E 89 19.14 14.97 32.81
C ALA E 89 19.72 16.31 32.34
N LEU E 90 20.48 16.97 33.20
CA LEU E 90 21.07 18.26 32.83
C LEU E 90 21.79 18.25 31.50
N ASP E 91 22.56 17.20 31.22
CA ASP E 91 23.32 17.13 29.97
C ASP E 91 22.40 16.83 28.79
N GLY E 92 21.20 16.33 29.10
CA GLY E 92 20.23 15.97 28.07
C GLY E 92 19.95 17.06 27.05
N VAL E 93 19.33 16.65 25.95
CA VAL E 93 19.00 17.59 24.89
C VAL E 93 17.70 18.31 25.18
N LEU E 94 16.71 17.59 25.71
CA LEU E 94 15.46 18.26 25.96
C LEU E 94 15.48 19.13 27.21
N PHE E 95 16.59 19.08 27.95
CA PHE E 95 16.74 19.91 29.14
C PHE E 95 17.51 21.16 28.69
N ARG E 96 18.50 20.95 27.84
CA ARG E 96 19.30 22.07 27.36
C ARG E 96 18.46 22.90 26.40
N HIS E 97 17.47 22.25 25.80
CA HIS E 97 16.60 22.94 24.85
C HIS E 97 15.60 23.77 25.64
N ALA E 98 15.18 23.25 26.80
CA ALA E 98 14.25 23.97 27.64
C ALA E 98 14.94 25.23 28.15
N LEU E 99 16.22 25.11 28.52
CA LEU E 99 16.96 26.26 29.00
C LEU E 99 17.04 27.35 27.95
N THR E 100 17.41 26.98 26.72
CA THR E 100 17.51 27.97 25.65
C THR E 100 16.15 28.61 25.39
N GLU E 101 15.08 27.83 25.47
CA GLU E 101 13.73 28.36 25.26
C GLU E 101 13.40 29.35 26.38
N ALA E 102 13.67 28.98 27.62
CA ALA E 102 13.40 29.87 28.74
C ALA E 102 14.18 31.16 28.57
N LYS E 103 15.48 31.07 28.29
CA LYS E 103 16.28 32.27 28.12
C LYS E 103 15.74 33.16 27.00
N PHE E 104 15.30 32.57 25.90
CA PHE E 104 14.78 33.38 24.82
C PHE E 104 13.53 34.13 25.29
N ALA E 105 12.77 33.47 26.14
CA ALA E 105 11.55 34.01 26.68
C ALA E 105 11.81 35.14 27.67
N MSE E 106 12.79 34.95 28.54
CA MSE E 106 13.07 35.96 29.54
C MSE E 106 13.80 37.20 29.07
O MSE E 106 14.05 38.12 29.85
CB MSE E 106 13.77 35.34 30.76
CG MSE E 106 14.80 34.28 30.48
SE MSE E 106 15.09 33.25 32.12
CE MSE E 106 13.46 32.22 32.05
N GLU E 107 14.17 37.23 27.81
CA GLU E 107 14.81 38.44 27.32
C GLU E 107 13.70 39.34 26.79
N SER E 108 12.47 39.00 27.15
CA SER E 108 11.28 39.76 26.75
C SER E 108 10.14 39.44 27.73
N SER E 109 10.50 38.90 28.89
CA SER E 109 9.53 38.57 29.91
C SER E 109 10.24 38.21 31.22
N GLU E 110 9.47 38.01 32.28
CA GLU E 110 10.05 37.68 33.57
C GLU E 110 9.57 36.32 34.04
N LEU E 111 10.49 35.36 34.10
CA LEU E 111 10.14 34.02 34.55
C LEU E 111 9.56 34.08 35.97
N THR E 112 8.27 33.79 36.09
CA THR E 112 7.55 33.84 37.35
C THR E 112 7.32 32.47 38.00
N GLY E 113 7.23 31.44 37.17
CA GLY E 113 6.99 30.11 37.70
C GLY E 113 7.33 28.97 36.76
N ILE E 114 7.46 27.78 37.32
CA ILE E 114 7.79 26.61 36.51
C ILE E 114 6.77 25.51 36.79
N LEU E 115 6.13 25.02 35.72
CA LEU E 115 5.12 23.98 35.82
C LEU E 115 5.72 22.66 35.39
N TRP E 116 5.67 21.69 36.29
CA TRP E 116 6.24 20.38 36.01
C TRP E 116 5.26 19.24 36.23
N HIS E 117 5.23 18.31 35.29
CA HIS E 117 4.38 17.13 35.42
C HIS E 117 4.98 16.02 34.58
N GLN E 118 5.48 14.99 35.26
CA GLN E 118 6.12 13.87 34.60
C GLN E 118 6.20 12.72 35.58
N GLY E 119 6.27 11.50 35.07
CA GLY E 119 6.36 10.35 35.95
C GLY E 119 5.72 9.06 35.46
N GLU E 120 4.96 9.14 34.38
CA GLU E 120 4.33 7.94 33.86
C GLU E 120 5.42 6.99 33.36
N SER E 121 6.44 7.55 32.70
CA SER E 121 7.55 6.76 32.18
C SER E 121 8.51 6.31 33.27
N ASP E 122 8.14 6.49 34.54
CA ASP E 122 9.01 6.08 35.64
C ASP E 122 8.16 5.28 36.62
N SER E 123 6.92 4.98 36.24
CA SER E 123 6.02 4.25 37.11
C SER E 123 6.11 2.73 36.90
N LEU E 124 7.31 2.26 36.62
CA LEU E 124 7.53 0.84 36.40
C LEU E 124 8.90 0.36 36.90
N ASN E 125 9.00 -0.96 37.09
CA ASN E 125 10.21 -1.63 37.56
C ASN E 125 11.17 -0.77 38.36
N GLY E 126 10.69 -0.31 39.51
CA GLY E 126 11.51 0.50 40.40
C GLY E 126 11.80 1.89 39.87
N ASN E 127 13.09 2.23 39.85
CA ASN E 127 13.58 3.53 39.38
C ASN E 127 12.80 4.71 39.96
N TYR E 128 11.97 4.42 40.95
CA TYR E 128 11.21 5.45 41.65
C TYR E 128 12.03 5.65 42.92
N LYS E 129 12.99 4.74 43.12
CA LYS E 129 13.88 4.77 44.28
C LYS E 129 14.98 5.75 43.99
N VAL E 130 15.03 6.24 42.77
CA VAL E 130 16.05 7.18 42.37
C VAL E 130 15.46 8.44 41.73
N TYR E 131 14.12 8.48 41.66
CA TYR E 131 13.40 9.61 41.08
C TYR E 131 13.67 10.91 41.79
N TYR E 132 13.54 10.90 43.11
CA TYR E 132 13.76 12.09 43.93
C TYR E 132 15.12 12.71 43.64
N LYS E 133 16.18 12.00 43.99
CA LYS E 133 17.56 12.47 43.79
C LYS E 133 17.77 12.93 42.35
N LYS E 134 17.08 12.28 41.43
CA LYS E 134 17.19 12.64 40.04
C LYS E 134 16.55 14.03 39.81
N LEU E 135 15.36 14.20 40.36
CA LEU E 135 14.62 15.45 40.22
C LEU E 135 15.37 16.61 40.87
N LEU E 136 15.95 16.34 42.03
CA LEU E 136 16.66 17.37 42.75
C LEU E 136 17.73 18.03 41.88
N LEU E 137 18.49 17.22 41.14
CA LEU E 137 19.56 17.75 40.27
C LEU E 137 19.00 18.58 39.13
N ILE E 138 17.83 18.19 38.66
CA ILE E 138 17.16 18.88 37.57
C ILE E 138 16.65 20.24 38.04
N ILE E 139 15.97 20.25 39.18
CA ILE E 139 15.44 21.49 39.74
C ILE E 139 16.57 22.42 40.14
N GLU E 140 17.59 21.86 40.78
CA GLU E 140 18.75 22.63 41.23
C GLU E 140 19.37 23.36 40.04
N ALA E 141 19.63 22.61 38.97
CA ALA E 141 20.24 23.18 37.77
C ALA E 141 19.35 24.27 37.13
N LEU E 142 18.03 24.07 37.21
CA LEU E 142 17.07 25.03 36.66
C LEU E 142 17.16 26.37 37.35
N ARG E 143 17.03 26.34 38.68
CA ARG E 143 17.09 27.57 39.44
C ARG E 143 18.40 28.30 39.22
N LYS E 144 19.50 27.56 39.26
CA LYS E 144 20.83 28.16 39.09
C LYS E 144 21.02 28.72 37.68
N GLU E 145 20.82 27.86 36.69
CA GLU E 145 20.97 28.24 35.29
C GLU E 145 20.10 29.42 34.89
N LEU E 146 18.84 29.38 35.30
CA LEU E 146 17.89 30.44 34.94
C LEU E 146 17.80 31.56 35.99
N ASN E 147 18.67 31.49 37.00
CA ASN E 147 18.71 32.51 38.05
C ASN E 147 17.34 32.81 38.67
N VAL E 148 16.67 31.76 39.13
CA VAL E 148 15.36 31.89 39.77
C VAL E 148 15.32 30.97 40.98
N PRO E 149 16.08 31.33 42.04
CA PRO E 149 16.21 30.58 43.29
C PRO E 149 14.97 30.46 44.18
N ASP E 150 13.95 31.28 43.94
CA ASP E 150 12.78 31.22 44.78
C ASP E 150 11.42 31.30 44.08
N ILE E 151 11.40 31.28 42.75
CA ILE E 151 10.14 31.31 42.03
C ILE E 151 9.45 29.98 42.31
N PRO E 152 8.13 30.00 42.51
CA PRO E 152 7.42 28.75 42.80
C PRO E 152 7.39 27.76 41.65
N ILE E 153 7.80 26.54 41.94
CA ILE E 153 7.79 25.47 40.96
C ILE E 153 6.66 24.53 41.41
N ILE E 154 5.61 24.39 40.57
CA ILE E 154 4.47 23.53 40.93
C ILE E 154 4.56 22.15 40.27
N ILE E 155 4.34 21.10 41.05
CA ILE E 155 4.39 19.74 40.51
C ILE E 155 3.11 18.93 40.75
N GLY E 156 2.55 18.35 39.70
CA GLY E 156 1.33 17.59 39.84
C GLY E 156 1.51 16.08 39.96
N GLY E 157 0.52 15.41 40.53
CA GLY E 157 0.60 13.98 40.70
C GLY E 157 0.16 13.23 39.47
N LEU E 158 0.20 11.91 39.54
CA LEU E 158 -0.18 11.09 38.39
C LEU E 158 -1.59 10.56 38.59
N GLY E 159 -2.32 10.42 37.49
CA GLY E 159 -3.69 9.94 37.56
C GLY E 159 -3.82 8.57 38.19
N ASP E 160 -4.90 8.35 38.91
CA ASP E 160 -5.15 7.07 39.55
C ASP E 160 -5.61 6.02 38.58
N PHE E 161 -5.81 6.40 37.32
CA PHE E 161 -6.26 5.45 36.31
C PHE E 161 -5.07 4.64 35.78
N LEU E 162 -3.87 5.13 36.05
CA LEU E 162 -2.65 4.46 35.60
C LEU E 162 -2.52 3.01 36.09
N GLY E 163 -1.70 2.24 35.39
CA GLY E 163 -1.47 0.84 35.74
C GLY E 163 -2.71 -0.03 35.72
N LYS E 164 -3.62 0.21 34.77
CA LYS E 164 -4.84 -0.59 34.70
C LYS E 164 -5.31 -0.90 33.28
N GLU E 165 -5.34 0.11 32.42
CA GLU E 165 -5.79 -0.09 31.05
C GLU E 165 -4.74 0.19 29.99
N ARG E 166 -4.81 -0.58 28.91
CA ARG E 166 -3.92 -0.48 27.77
C ARG E 166 -2.59 0.28 27.91
N PHE E 167 -2.47 1.41 27.21
CA PHE E 167 -1.23 2.19 27.24
C PHE E 167 -0.78 2.62 28.61
N GLY E 168 -1.65 2.51 29.60
CA GLY E 168 -1.26 2.91 30.94
C GLY E 168 -1.05 1.73 31.89
N LYS E 169 -1.40 0.53 31.42
CA LYS E 169 -1.28 -0.69 32.22
C LYS E 169 0.14 -0.99 32.73
N GLY E 170 1.14 -0.48 32.04
CA GLY E 170 2.50 -0.73 32.47
C GLY E 170 2.95 0.14 33.63
N CYS E 171 2.15 1.15 33.96
CA CYS E 171 2.47 2.09 35.05
C CYS E 171 1.85 1.64 36.36
N THR E 172 2.32 0.51 36.88
CA THR E 172 1.78 -0.03 38.12
C THR E 172 2.43 0.56 39.35
N GLU E 173 3.48 1.34 39.17
CA GLU E 173 4.17 1.94 40.30
C GLU E 173 3.93 3.44 40.35
N TYR E 174 2.85 3.89 39.72
CA TYR E 174 2.56 5.32 39.70
C TYR E 174 2.42 5.89 41.10
N ASN E 175 1.75 5.14 41.97
CA ASN E 175 1.56 5.61 43.33
C ASN E 175 2.85 5.77 44.11
N PHE E 176 3.87 5.02 43.73
CA PHE E 176 5.16 5.13 44.41
C PHE E 176 5.83 6.42 43.96
N ILE E 177 5.55 6.81 42.72
CA ILE E 177 6.11 8.04 42.17
C ILE E 177 5.41 9.22 42.84
N ASN E 178 4.10 9.09 43.05
CA ASN E 178 3.34 10.15 43.69
C ASN E 178 3.93 10.47 45.05
N LYS E 179 4.29 9.42 45.79
CA LYS E 179 4.87 9.64 47.12
C LYS E 179 6.16 10.43 46.98
N GLU E 180 6.98 10.09 46.01
CA GLU E 180 8.23 10.79 45.83
C GLU E 180 7.97 12.24 45.43
N LEU E 181 6.93 12.44 44.62
CA LEU E 181 6.58 13.80 44.17
C LEU E 181 6.15 14.64 45.36
N GLN E 182 5.23 14.09 46.15
CA GLN E 182 4.76 14.75 47.35
C GLN E 182 5.92 15.08 48.27
N LYS E 183 6.66 14.06 48.69
CA LYS E 183 7.82 14.24 49.57
C LYS E 183 8.71 15.37 49.08
N PHE E 184 9.10 15.29 47.81
CA PHE E 184 9.96 16.30 47.22
C PHE E 184 9.40 17.71 47.44
N ALA E 185 8.09 17.86 47.23
CA ALA E 185 7.44 19.16 47.39
C ALA E 185 7.54 19.70 48.81
N PHE E 186 7.18 18.87 49.79
CA PHE E 186 7.22 19.30 51.20
C PHE E 186 8.63 19.66 51.66
N GLU E 187 9.57 18.76 51.39
CA GLU E 187 10.95 18.97 51.79
C GLU E 187 11.64 20.10 51.04
N GLN E 188 11.47 20.15 49.72
CA GLN E 188 12.14 21.21 48.96
C GLN E 188 11.46 22.57 49.04
N ASP E 189 12.28 23.60 49.07
CA ASP E 189 11.80 24.98 49.17
C ASP E 189 11.13 25.47 47.90
N ASN E 190 10.01 26.18 48.10
CA ASN E 190 9.26 26.75 47.00
C ASN E 190 8.77 25.75 45.97
N CYS E 191 8.34 24.59 46.45
CA CYS E 191 7.81 23.54 45.59
C CYS E 191 6.47 23.15 46.16
N TYR E 192 5.45 23.06 45.32
CA TYR E 192 4.12 22.70 45.81
C TYR E 192 3.52 21.57 45.00
N PHE E 193 2.88 20.63 45.71
CA PHE E 193 2.28 19.47 45.09
C PHE E 193 0.81 19.74 44.73
N VAL E 194 0.33 19.07 43.68
CA VAL E 194 -1.04 19.26 43.25
C VAL E 194 -1.66 17.90 42.97
N THR E 195 -2.59 17.48 43.83
CA THR E 195 -3.24 16.18 43.63
C THR E 195 -3.93 16.05 42.28
N ALA E 196 -4.05 14.81 41.82
CA ALA E 196 -4.69 14.51 40.54
C ALA E 196 -5.92 13.67 40.78
N SER E 197 -6.39 13.67 42.02
CA SER E 197 -7.58 12.88 42.35
C SER E 197 -8.73 13.33 41.49
N GLY E 198 -9.64 12.41 41.26
CA GLY E 198 -10.81 12.69 40.47
C GLY E 198 -10.53 12.78 38.98
N LEU E 199 -9.31 13.16 38.59
CA LEU E 199 -9.02 13.30 37.18
C LEU E 199 -9.18 11.99 36.41
N THR E 200 -9.83 12.06 35.26
CA THR E 200 -10.05 10.89 34.41
C THR E 200 -9.17 10.94 33.18
N CYS E 201 -9.17 9.86 32.40
CA CYS E 201 -8.30 9.78 31.23
C CYS E 201 -9.00 9.42 29.94
N ASN E 202 -8.31 9.65 28.83
CA ASN E 202 -8.84 9.33 27.52
C ASN E 202 -8.86 7.81 27.38
N PRO E 203 -9.36 7.31 26.23
CA PRO E 203 -9.43 5.86 26.00
C PRO E 203 -8.08 5.13 26.08
N ASP E 204 -6.98 5.79 25.74
CA ASP E 204 -5.70 5.11 25.81
C ASP E 204 -5.29 4.69 27.20
N GLY E 205 -6.06 5.09 28.22
CA GLY E 205 -5.74 4.70 29.59
C GLY E 205 -4.47 5.29 30.19
N ILE E 206 -3.89 6.28 29.55
CA ILE E 206 -2.68 6.88 30.12
C ILE E 206 -2.69 8.41 30.14
N HIS E 207 -3.46 9.03 29.25
CA HIS E 207 -3.52 10.49 29.17
C HIS E 207 -4.77 11.12 29.79
N ILE E 208 -4.55 12.14 30.61
CA ILE E 208 -5.64 12.86 31.28
C ILE E 208 -6.49 13.55 30.21
N ASP E 209 -7.81 13.42 30.31
CA ASP E 209 -8.70 14.01 29.32
C ASP E 209 -8.87 15.53 29.44
N ALA E 210 -9.43 16.15 28.40
CA ALA E 210 -9.63 17.61 28.36
C ALA E 210 -10.32 18.19 29.60
N ILE E 211 -11.50 17.66 29.93
CA ILE E 211 -12.23 18.12 31.10
C ILE E 211 -11.32 18.12 32.32
N SER E 212 -10.69 16.97 32.57
CA SER E 212 -9.81 16.80 33.73
C SER E 212 -8.57 17.68 33.66
N GLN E 213 -8.09 17.91 32.44
CA GLN E 213 -6.92 18.72 32.23
C GLN E 213 -7.25 20.20 32.55
N ARG E 214 -8.52 20.56 32.38
CA ARG E 214 -8.97 21.92 32.68
C ARG E 214 -9.04 22.13 34.20
N LYS E 215 -9.58 21.13 34.92
CA LYS E 215 -9.65 21.23 36.38
C LYS E 215 -8.25 21.22 36.95
N PHE E 216 -7.40 20.38 36.37
CA PHE E 216 -6.02 20.23 36.81
C PHE E 216 -5.29 21.57 36.73
N GLY E 217 -5.62 22.38 35.73
CA GLY E 217 -4.97 23.67 35.61
C GLY E 217 -5.33 24.60 36.75
N LEU E 218 -6.58 24.56 37.19
CA LEU E 218 -7.01 25.43 38.28
C LEU E 218 -6.25 25.10 39.56
N ARG E 219 -6.11 23.80 39.85
CA ARG E 219 -5.40 23.37 41.05
C ARG E 219 -3.94 23.82 40.99
N TYR E 220 -3.37 23.87 39.78
CA TYR E 220 -1.99 24.33 39.65
C TYR E 220 -1.90 25.79 40.07
N PHE E 221 -2.86 26.58 39.60
CA PHE E 221 -2.90 28.01 39.92
C PHE E 221 -3.23 28.21 41.38
N GLU E 222 -4.11 27.35 41.89
CA GLU E 222 -4.48 27.42 43.28
C GLU E 222 -3.23 27.26 44.14
N ALA E 223 -2.33 26.37 43.72
CA ALA E 223 -1.11 26.15 44.46
C ALA E 223 -0.12 27.29 44.28
N PHE E 224 0.01 27.75 43.05
CA PHE E 224 0.93 28.83 42.74
C PHE E 224 0.56 30.15 43.39
N PHE E 225 -0.68 30.56 43.18
CA PHE E 225 -1.16 31.82 43.72
C PHE E 225 -1.10 31.93 45.24
N ASN E 226 -1.42 30.84 45.92
CA ASN E 226 -1.42 30.83 47.37
C ASN E 226 -0.18 30.17 47.96
N ARG E 227 0.73 29.70 47.10
CA ARG E 227 1.93 29.03 47.55
C ARG E 227 1.59 27.96 48.60
N LYS E 228 0.73 27.01 48.22
CA LYS E 228 0.34 25.93 49.12
C LYS E 228 0.19 24.60 48.38
N HIS E 229 0.03 23.52 49.12
CA HIS E 229 -0.14 22.18 48.53
C HIS E 229 -1.62 21.89 48.35
N VAL E 230 -2.02 21.50 47.14
CA VAL E 230 -3.43 21.20 46.88
C VAL E 230 -3.61 19.69 46.99
N LEU E 231 -3.93 19.23 48.18
CA LEU E 231 -4.10 17.80 48.44
C LEU E 231 -5.49 17.30 48.13
N GLU E 232 -6.40 18.24 47.92
CA GLU E 232 -7.79 17.89 47.59
C GLU E 232 -8.27 18.75 46.44
N PRO E 233 -9.23 18.25 45.68
CA PRO E 233 -9.73 19.03 44.56
C PRO E 233 -10.51 20.26 45.05
N LEU E 234 -10.42 21.36 44.32
CA LEU E 234 -11.13 22.58 44.66
C LEU E 234 -12.61 22.26 44.61
N ILE E 235 -13.38 22.84 45.51
CA ILE E 235 -14.81 22.58 45.56
C ILE E 235 -15.61 23.14 44.39
N ASN E 236 -15.39 24.41 44.07
CA ASN E 236 -16.11 25.06 42.98
C ASN E 236 -15.39 24.83 41.65
N GLU E 237 -14.71 23.70 41.54
CA GLU E 237 -13.95 23.36 40.34
C GLU E 237 -14.71 23.56 39.04
N ASN E 238 -15.89 22.94 38.95
CA ASN E 238 -16.71 23.08 37.75
C ASN E 238 -17.18 24.51 37.51
N GLU E 239 -17.82 25.11 38.51
CA GLU E 239 -18.35 26.46 38.36
C GLU E 239 -17.27 27.50 38.15
N LEU E 240 -16.11 27.26 38.75
CA LEU E 240 -14.98 28.16 38.66
C LEU E 240 -14.58 28.22 37.19
N LEU E 241 -14.64 27.08 36.51
CA LEU E 241 -14.29 27.02 35.09
C LEU E 241 -15.33 27.76 34.23
N ASN E 242 -16.61 27.45 34.47
CA ASN E 242 -17.68 28.10 33.72
C ASN E 242 -17.61 29.62 33.86
N LEU E 243 -17.16 30.08 35.02
CA LEU E 243 -17.05 31.50 35.26
C LEU E 243 -16.04 32.11 34.29
N ASN E 244 -14.99 31.36 33.97
CA ASN E 244 -13.98 31.89 33.04
C ASN E 244 -14.45 31.73 31.60
N TYR E 245 -15.32 30.76 31.36
CA TYR E 245 -15.84 30.51 30.03
C TYR E 245 -16.88 31.55 29.64
N ALA E 246 -17.62 32.02 30.63
CA ALA E 246 -18.67 33.01 30.44
C ALA E 246 -18.11 34.41 30.15
N ARG E 247 -16.88 34.67 30.59
CA ARG E 247 -16.25 35.97 30.37
C ARG E 247 -16.54 36.48 28.97
N THR E 248 -16.84 37.78 28.86
CA THR E 248 -17.13 38.39 27.56
C THR E 248 -15.82 38.67 26.84
N HIS E 249 -15.75 38.38 25.54
CA HIS E 249 -14.52 38.61 24.79
C HIS E 249 -14.32 40.04 24.30
N THR E 250 -13.07 40.42 24.18
CA THR E 250 -12.70 41.73 23.72
C THR E 250 -12.97 41.82 22.21
N LYS E 251 -12.92 43.03 21.67
CA LYS E 251 -13.13 43.21 20.25
C LYS E 251 -12.00 42.52 19.49
N ALA E 252 -10.77 42.72 19.94
CA ALA E 252 -9.60 42.13 19.32
C ALA E 252 -9.68 40.59 19.33
N GLU E 253 -10.23 40.04 20.41
CA GLU E 253 -10.35 38.61 20.54
C GLU E 253 -11.36 38.03 19.55
N LYS E 254 -12.57 38.58 19.54
CA LYS E 254 -13.57 38.07 18.60
C LYS E 254 -13.22 38.32 17.15
N ILE E 255 -12.30 39.24 16.91
CA ILE E 255 -11.84 39.52 15.56
C ILE E 255 -10.81 38.46 15.22
N TYR E 256 -10.17 37.92 16.26
CA TYR E 256 -9.17 36.90 16.09
C TYR E 256 -9.79 35.56 15.71
N ILE E 257 -10.86 35.18 16.40
CA ILE E 257 -11.49 33.91 16.07
C ILE E 257 -12.03 33.95 14.65
N LYS E 258 -12.39 35.14 14.18
CA LYS E 258 -12.91 35.31 12.84
C LYS E 258 -11.78 35.31 11.83
N SER E 259 -10.65 35.90 12.20
CA SER E 259 -9.51 35.95 11.30
C SER E 259 -9.00 34.54 11.07
N MSE E 260 -9.14 33.72 12.09
CA MSE E 260 -8.69 32.36 12.02
C MSE E 260 -9.65 31.50 11.21
O MSE E 260 -9.22 30.69 10.39
CB MSE E 260 -8.54 31.80 13.42
CG MSE E 260 -7.36 30.87 13.56
SE MSE E 260 -7.14 30.44 15.38
CE MSE E 260 -8.56 29.11 15.55
N ASP E 261 -10.95 31.67 11.47
CA ASP E 261 -11.97 30.94 10.70
C ASP E 261 -11.72 31.11 9.22
N PHE E 262 -11.40 32.32 8.81
CA PHE E 262 -11.14 32.60 7.40
C PHE E 262 -9.81 31.99 7.01
N ALA E 263 -8.77 32.25 7.81
CA ALA E 263 -7.42 31.74 7.53
C ALA E 263 -7.40 30.23 7.32
N LEU E 264 -8.31 29.53 7.98
CA LEU E 264 -8.38 28.08 7.83
C LEU E 264 -9.35 27.66 6.74
N GLY E 265 -9.95 28.63 6.08
CA GLY E 265 -10.89 28.30 5.02
C GLY E 265 -12.27 27.87 5.49
N LYS E 266 -12.61 28.14 6.74
CA LYS E 266 -13.92 27.75 7.25
C LYS E 266 -15.04 28.68 6.79
N ILE E 267 -14.68 29.84 6.28
CA ILE E 267 -15.68 30.80 5.80
C ILE E 267 -15.17 31.55 4.60
N SER E 268 -16.11 32.20 3.92
CA SER E 268 -15.81 33.00 2.73
C SER E 268 -15.17 34.34 3.10
N TYR E 269 -14.57 35.00 2.12
CA TYR E 269 -13.96 36.28 2.39
C TYR E 269 -15.05 37.32 2.67
N ASP E 270 -16.16 37.25 1.92
CA ASP E 270 -17.25 38.18 2.12
C ASP E 270 -17.91 37.91 3.46
N GLU E 271 -17.97 36.63 3.81
CA GLU E 271 -18.58 36.24 5.07
C GLU E 271 -17.68 36.72 6.21
N PHE E 272 -16.37 36.73 5.95
CA PHE E 272 -15.37 37.19 6.90
C PHE E 272 -15.50 38.71 7.08
N THR E 273 -15.68 39.40 5.95
CA THR E 273 -15.83 40.85 5.96
C THR E 273 -17.08 41.26 6.73
N SER E 274 -18.19 40.64 6.38
CA SER E 274 -19.47 40.94 7.02
C SER E 274 -19.36 40.71 8.52
N GLU E 275 -18.68 39.64 8.91
CA GLU E 275 -18.51 39.33 10.33
C GLU E 275 -17.62 40.35 11.04
N LEU E 276 -16.65 40.91 10.32
CA LEU E 276 -15.75 41.90 10.91
C LEU E 276 -16.46 43.23 11.14
N MSE E 277 -17.36 43.59 10.23
CA MSE E 277 -18.10 44.83 10.35
C MSE E 277 -19.05 44.74 11.55
O MSE E 277 -19.13 45.67 12.36
CB MSE E 277 -18.90 45.12 9.08
CG MSE E 277 -18.04 45.38 7.85
SE MSE E 277 -16.69 46.75 8.13
CE MSE E 277 -17.79 48.32 8.12
N LYS E 278 -19.75 43.61 11.67
CA LYS E 278 -20.68 43.42 12.79
C LYS E 278 -19.96 43.67 14.11
N ILE E 279 -18.70 43.26 14.18
CA ILE E 279 -17.92 43.46 15.40
C ILE E 279 -17.58 44.94 15.57
N ASN E 280 -17.36 45.62 14.45
CA ASN E 280 -17.01 47.02 14.47
C ASN E 280 -18.23 47.91 14.77
N ASN E 281 -19.37 47.58 14.16
CA ASN E 281 -20.58 48.36 14.36
C ASN E 281 -21.23 48.10 15.72
N ASP E 282 -21.03 46.90 16.24
CA ASP E 282 -21.62 46.52 17.52
C ASP E 282 -21.43 47.60 18.59
N LEU E 283 -22.46 47.78 19.41
CA LEU E 283 -22.44 48.78 20.49
C LEU E 283 -21.62 48.30 21.70
N GLU E 284 -22.31 47.67 22.65
CA GLU E 284 -21.73 47.13 23.87
C GLU E 284 -22.22 45.68 24.13
N MSE F 1 23.41 8.25 7.88
CA MSE F 1 23.20 9.30 8.91
C MSE F 1 21.91 10.07 8.64
O MSE F 1 21.05 9.61 7.87
CB MSE F 1 24.39 10.28 8.93
CG MSE F 1 24.54 11.17 7.68
SE MSE F 1 25.88 12.67 7.79
CE MSE F 1 27.41 11.85 6.87
N VAL F 2 21.77 11.22 9.28
CA VAL F 2 20.60 12.07 9.13
C VAL F 2 21.03 13.36 8.45
N LYS F 3 20.44 13.65 7.29
CA LYS F 3 20.75 14.87 6.57
C LYS F 3 19.69 15.89 6.96
N SER F 4 20.11 16.95 7.64
CA SER F 4 19.17 17.97 8.08
C SER F 4 19.12 19.16 7.15
N PHE F 5 17.93 19.77 7.08
CA PHE F 5 17.69 20.94 6.24
C PHE F 5 17.00 22.05 7.04
N LEU F 6 17.68 23.18 7.19
CA LEU F 6 17.14 24.32 7.92
C LEU F 6 16.14 25.10 7.09
N MSE F 7 14.95 25.33 7.65
CA MSE F 7 13.88 26.07 6.98
C MSE F 7 13.78 27.51 7.51
O MSE F 7 13.53 27.72 8.69
CB MSE F 7 12.54 25.36 7.22
CG MSE F 7 12.48 23.92 6.78
SE MSE F 7 10.75 23.09 7.17
CE MSE F 7 11.12 22.31 8.85
N LEU F 8 13.98 28.47 6.63
CA LEU F 8 13.90 29.88 7.01
C LEU F 8 12.97 30.67 6.11
N GLY F 9 12.43 31.76 6.63
CA GLY F 9 11.56 32.60 5.82
C GLY F 9 10.26 33.04 6.48
N GLN F 10 9.33 33.40 5.63
CA GLN F 10 8.01 33.87 6.03
C GLN F 10 7.00 32.73 6.10
N SER F 11 5.72 33.08 6.13
CA SER F 11 4.67 32.09 6.23
C SER F 11 4.57 31.15 5.05
N ASN F 12 5.03 31.60 3.88
CA ASN F 12 4.98 30.76 2.69
C ASN F 12 6.04 29.66 2.71
N MSE F 13 6.97 29.74 3.67
CA MSE F 13 7.98 28.69 3.84
C MSE F 13 7.45 27.75 4.92
O MSE F 13 7.56 26.54 4.78
CB MSE F 13 9.33 29.26 4.29
CG MSE F 13 10.32 28.19 4.86
SE MSE F 13 10.76 26.63 3.73
CE MSE F 13 11.74 27.48 2.27
N ALA F 14 6.89 28.32 5.98
CA ALA F 14 6.33 27.54 7.08
C ALA F 14 5.15 26.72 6.57
N GLY F 15 4.54 27.20 5.49
CA GLY F 15 3.41 26.49 4.90
C GLY F 15 2.07 26.86 5.46
N ARG F 16 1.15 27.24 4.58
CA ARG F 16 -0.19 27.63 4.96
C ARG F 16 -1.25 26.90 4.14
N GLY F 17 -0.81 25.92 3.36
CA GLY F 17 -1.75 25.18 2.54
C GLY F 17 -2.69 24.37 3.41
N PHE F 18 -3.93 24.20 2.96
CA PHE F 18 -4.90 23.44 3.74
C PHE F 18 -4.54 21.97 3.67
N ILE F 19 -4.27 21.34 4.82
CA ILE F 19 -3.86 19.95 4.79
C ILE F 19 -4.90 18.96 4.26
N ASN F 20 -6.15 19.38 4.14
CA ASN F 20 -7.20 18.48 3.67
C ASN F 20 -7.36 18.51 2.14
N GLU F 21 -6.53 19.28 1.47
CA GLU F 21 -6.62 19.41 0.03
C GLU F 21 -5.55 18.63 -0.72
N VAL F 22 -4.63 18.06 0.03
CA VAL F 22 -3.53 17.33 -0.57
C VAL F 22 -3.32 16.05 0.24
N PRO F 23 -2.90 14.97 -0.43
CA PRO F 23 -2.67 13.69 0.27
C PRO F 23 -1.59 13.75 1.33
N MSE F 24 -1.80 13.04 2.42
CA MSE F 24 -0.86 13.01 3.54
C MSE F 24 0.42 12.28 3.14
O MSE F 24 0.39 11.30 2.39
CB MSE F 24 -1.51 12.32 4.75
CG MSE F 24 -2.50 13.20 5.54
SE MSE F 24 -1.68 14.59 6.76
CE MSE F 24 -3.04 14.62 8.15
N ILE F 25 1.55 12.78 3.63
CA ILE F 25 2.84 12.17 3.36
C ILE F 25 3.33 11.51 4.65
N TYR F 26 3.36 10.18 4.66
CA TYR F 26 3.82 9.42 5.82
C TYR F 26 5.07 8.67 5.41
N ASN F 27 6.22 9.25 5.72
CA ASN F 27 7.49 8.63 5.36
C ASN F 27 8.33 8.52 6.60
N GLU F 28 8.55 7.28 7.08
CA GLU F 28 9.34 7.05 8.29
C GLU F 28 10.78 7.49 8.14
N ARG F 29 11.17 7.80 6.91
CA ARG F 29 12.53 8.22 6.61
C ARG F 29 12.63 9.74 6.53
N ILE F 30 11.50 10.40 6.78
CA ILE F 30 11.47 11.87 6.81
C ILE F 30 11.17 12.25 8.25
N GLN F 31 11.97 13.13 8.82
CA GLN F 31 11.75 13.57 10.20
C GLN F 31 11.79 15.06 10.42
N MSE F 32 11.23 15.50 11.54
CA MSE F 32 11.20 16.92 11.89
C MSE F 32 11.79 17.10 13.27
O MSE F 32 11.78 16.18 14.08
CB MSE F 32 9.76 17.44 11.88
CG MSE F 32 8.81 16.59 12.71
SE MSE F 32 6.93 17.17 12.59
CE MSE F 32 6.92 17.69 10.76
N LEU F 33 12.28 18.30 13.55
CA LEU F 33 12.88 18.59 14.85
C LEU F 33 11.86 19.08 15.87
N ARG F 34 11.64 18.30 16.93
CA ARG F 34 10.73 18.67 18.02
C ARG F 34 11.54 18.91 19.28
N ASN F 35 11.53 20.15 19.74
CA ASN F 35 12.28 20.57 20.91
C ASN F 35 13.64 19.88 21.03
N GLY F 36 14.48 20.17 20.04
CA GLY F 36 15.84 19.65 20.03
C GLY F 36 16.17 18.31 19.39
N ARG F 37 15.21 17.40 19.34
CA ARG F 37 15.50 16.10 18.75
C ARG F 37 14.60 15.71 17.60
N TRP F 38 14.92 14.60 16.93
CA TRP F 38 14.16 14.15 15.78
C TRP F 38 12.93 13.34 16.10
N GLN F 39 11.87 13.60 15.37
CA GLN F 39 10.61 12.90 15.54
C GLN F 39 10.11 12.66 14.12
N MSE F 40 9.25 11.66 13.92
CA MSE F 40 8.73 11.40 12.58
C MSE F 40 7.93 12.58 12.05
O MSE F 40 7.00 13.06 12.70
CB MSE F 40 7.84 10.17 12.57
CG MSE F 40 8.23 9.18 11.48
SE MSE F 40 6.78 8.10 10.75
CE MSE F 40 6.41 9.23 9.23
N MSE F 41 8.27 13.04 10.85
CA MSE F 41 7.60 14.17 10.24
C MSE F 41 6.11 13.93 10.00
O MSE F 41 5.69 12.89 9.47
CB MSE F 41 8.31 14.52 8.92
CG MSE F 41 7.77 15.76 8.20
SE MSE F 41 6.03 15.53 7.37
CE MSE F 41 6.58 15.43 5.54
N THR F 42 5.31 14.93 10.38
CA THR F 42 3.85 14.93 10.21
C THR F 42 3.45 16.40 10.11
N GLU F 43 2.87 16.79 8.98
CA GLU F 43 2.46 18.17 8.77
C GLU F 43 1.30 18.51 9.72
N PRO F 44 1.27 19.74 10.25
CA PRO F 44 2.16 20.89 10.09
C PRO F 44 3.58 20.68 10.57
N ILE F 45 4.55 20.94 9.72
CA ILE F 45 5.95 20.78 10.09
C ILE F 45 6.44 22.00 10.86
N ASN F 46 6.14 23.18 10.34
CA ASN F 46 6.56 24.45 10.92
C ASN F 46 5.36 25.07 11.63
N TYR F 47 5.05 24.60 12.83
CA TYR F 47 3.89 25.09 13.57
C TYR F 47 4.15 26.41 14.28
N ASP F 48 4.31 27.51 13.52
CA ASP F 48 4.57 28.82 14.12
C ASP F 48 3.30 29.53 14.50
N ARG F 49 2.20 29.04 13.93
CA ARG F 49 0.88 29.62 14.17
C ARG F 49 -0.12 28.50 14.17
N PRO F 50 -1.25 28.69 14.86
CA PRO F 50 -2.26 27.64 14.91
C PRO F 50 -2.85 27.38 13.53
N VAL F 51 -2.44 28.19 12.57
CA VAL F 51 -2.95 28.01 11.21
C VAL F 51 -1.96 27.36 10.26
N SER F 52 -0.78 27.00 10.75
CA SER F 52 0.22 26.35 9.89
C SER F 52 -0.34 25.09 9.23
N GLY F 53 -0.03 24.91 7.95
CA GLY F 53 -0.52 23.74 7.23
C GLY F 53 0.50 23.12 6.32
N ILE F 54 0.14 22.86 5.07
CA ILE F 54 1.05 22.25 4.12
C ILE F 54 2.23 23.12 3.75
N SER F 55 3.42 22.56 3.88
CA SER F 55 4.67 23.26 3.57
C SER F 55 5.31 22.66 2.31
N LEU F 56 6.23 23.39 1.70
CA LEU F 56 6.91 22.92 0.50
C LEU F 56 8.00 21.91 0.89
N ALA F 57 8.36 21.91 2.16
CA ALA F 57 9.40 21.02 2.65
C ALA F 57 8.90 19.58 2.69
N GLY F 58 7.59 19.40 2.58
CA GLY F 58 7.05 18.05 2.63
C GLY F 58 7.35 17.29 1.36
N SER F 59 6.99 17.85 0.21
CA SER F 59 7.27 17.16 -1.02
C SER F 59 8.78 17.17 -1.25
N PHE F 60 9.46 18.21 -0.78
CA PHE F 60 10.91 18.29 -0.94
C PHE F 60 11.59 17.09 -0.30
N ALA F 61 11.15 16.75 0.91
CA ALA F 61 11.70 15.61 1.64
C ALA F 61 11.26 14.28 1.01
N ASP F 62 10.02 14.19 0.58
CA ASP F 62 9.51 12.97 -0.03
C ASP F 62 10.32 12.65 -1.28
N ALA F 63 10.61 13.68 -2.07
CA ALA F 63 11.38 13.51 -3.29
C ALA F 63 12.84 13.19 -2.97
N TRP F 64 13.30 13.74 -1.87
CA TRP F 64 14.66 13.50 -1.45
C TRP F 64 14.84 12.04 -1.00
N SER F 65 13.85 11.52 -0.31
CA SER F 65 13.92 10.14 0.18
C SER F 65 13.89 9.12 -0.94
N GLN F 66 13.40 9.52 -2.11
CA GLN F 66 13.32 8.61 -3.24
C GLN F 66 14.63 8.52 -3.99
N LYS F 67 15.48 9.53 -3.82
CA LYS F 67 16.77 9.56 -4.47
C LYS F 67 17.84 9.11 -3.48
N ASN F 68 17.44 8.82 -2.25
CA ASN F 68 18.35 8.38 -1.21
C ASN F 68 17.62 7.39 -0.32
N GLN F 69 17.44 6.16 -0.81
CA GLN F 69 16.74 5.13 -0.05
C GLN F 69 17.48 4.73 1.22
N GLU F 70 18.73 5.18 1.37
CA GLU F 70 19.50 4.79 2.55
C GLU F 70 19.38 5.71 3.76
N ASP F 71 19.58 7.00 3.56
CA ASP F 71 19.53 7.92 4.68
C ASP F 71 18.17 8.50 5.03
N ILE F 72 18.14 9.29 6.10
CA ILE F 72 16.91 9.90 6.54
C ILE F 72 17.08 11.42 6.48
N ILE F 73 16.04 12.12 6.04
CA ILE F 73 16.10 13.58 5.95
C ILE F 73 15.42 14.26 7.15
N GLY F 74 16.16 15.16 7.79
CA GLY F 74 15.61 15.86 8.94
C GLY F 74 15.29 17.30 8.62
N LEU F 75 14.07 17.72 8.98
CA LEU F 75 13.64 19.09 8.74
C LEU F 75 13.72 19.92 10.03
N ILE F 76 14.26 21.14 9.91
CA ILE F 76 14.40 22.05 11.04
C ILE F 76 13.52 23.27 10.76
N PRO F 77 12.29 23.30 11.32
CA PRO F 77 11.32 24.39 11.16
C PRO F 77 11.67 25.67 11.91
N CYS F 78 12.03 26.72 11.17
CA CYS F 78 12.38 27.97 11.81
C CYS F 78 11.82 29.17 11.06
N ALA F 79 10.72 28.97 10.36
CA ALA F 79 10.09 30.04 9.61
C ALA F 79 9.07 30.78 10.49
N GLU F 80 9.05 32.12 10.39
CA GLU F 80 8.11 32.94 11.17
C GLU F 80 7.18 33.72 10.27
N GLY F 81 5.88 33.54 10.45
CA GLY F 81 4.92 34.25 9.62
C GLY F 81 4.97 35.76 9.82
N GLY F 82 4.81 36.51 8.73
CA GLY F 82 4.82 37.96 8.82
C GLY F 82 6.19 38.58 9.05
N SER F 83 7.19 37.75 9.25
CA SER F 83 8.54 38.26 9.46
C SER F 83 9.07 38.92 8.20
N SER F 84 9.83 40.00 8.36
CA SER F 84 10.41 40.71 7.24
C SER F 84 11.90 40.50 7.29
N ILE F 85 12.58 40.87 6.20
CA ILE F 85 14.02 40.73 6.14
C ILE F 85 14.69 41.39 7.34
N ASP F 86 14.14 42.53 7.79
CA ASP F 86 14.70 43.23 8.95
C ASP F 86 14.57 42.43 10.24
N GLU F 87 13.46 41.71 10.36
CA GLU F 87 13.22 40.90 11.54
C GLU F 87 14.20 39.73 11.54
N TRP F 88 14.79 39.45 10.39
CA TRP F 88 15.75 38.34 10.29
C TRP F 88 17.20 38.77 10.45
N ALA F 89 17.41 39.98 10.97
CA ALA F 89 18.75 40.51 11.19
C ALA F 89 19.56 39.60 12.12
N LEU F 90 20.88 39.56 11.94
CA LEU F 90 21.72 38.71 12.78
C LEU F 90 21.45 38.85 14.27
N ASP F 91 21.27 40.08 14.75
CA ASP F 91 21.03 40.28 16.18
C ASP F 91 19.61 39.88 16.55
N GLY F 92 18.76 39.75 15.55
CA GLY F 92 17.36 39.37 15.77
C GLY F 92 17.15 38.15 16.64
N VAL F 93 15.93 37.99 17.13
CA VAL F 93 15.62 36.85 17.98
C VAL F 93 15.27 35.63 17.14
N LEU F 94 14.55 35.82 16.04
CA LEU F 94 14.20 34.66 15.24
C LEU F 94 15.35 34.17 14.38
N PHE F 95 16.47 34.90 14.39
CA PHE F 95 17.63 34.46 13.64
C PHE F 95 18.53 33.72 14.64
N ARG F 96 18.62 34.25 15.85
CA ARG F 96 19.43 33.62 16.87
C ARG F 96 18.74 32.36 17.33
N HIS F 97 17.43 32.30 17.16
CA HIS F 97 16.68 31.11 17.55
C HIS F 97 16.87 30.04 16.48
N ALA F 98 16.98 30.47 15.23
CA ALA F 98 17.21 29.52 14.14
C ALA F 98 18.59 28.89 14.34
N LEU F 99 19.58 29.71 14.70
CA LEU F 99 20.93 29.19 14.91
C LEU F 99 20.91 28.11 15.99
N THR F 100 20.32 28.41 17.13
CA THR F 100 20.28 27.45 18.23
C THR F 100 19.55 26.17 17.79
N GLU F 101 18.51 26.31 16.98
CA GLU F 101 17.78 25.14 16.51
C GLU F 101 18.68 24.33 15.58
N ALA F 102 19.36 25.01 14.65
CA ALA F 102 20.25 24.31 13.74
C ALA F 102 21.32 23.57 14.53
N LYS F 103 21.97 24.25 15.45
CA LYS F 103 23.02 23.61 16.24
C LYS F 103 22.50 22.38 17.01
N PHE F 104 21.30 22.47 17.55
CA PHE F 104 20.74 21.33 18.27
C PHE F 104 20.56 20.17 17.33
N ALA F 105 20.20 20.50 16.10
CA ALA F 105 19.95 19.51 15.05
C ALA F 105 21.24 18.84 14.56
N MSE F 106 22.29 19.63 14.38
CA MSE F 106 23.54 19.10 13.88
C MSE F 106 24.39 18.34 14.87
O MSE F 106 25.45 17.81 14.52
CB MSE F 106 24.36 20.20 13.19
CG MSE F 106 24.31 21.56 13.82
SE MSE F 106 24.87 22.87 12.50
CE MSE F 106 23.26 22.92 11.47
N GLU F 107 23.95 18.27 16.12
CA GLU F 107 24.71 17.50 17.08
C GLU F 107 24.12 16.09 17.04
N SER F 108 23.34 15.81 16.00
CA SER F 108 22.71 14.51 15.78
C SER F 108 22.35 14.37 14.31
N SER F 109 22.96 15.20 13.47
CA SER F 109 22.72 15.17 12.03
C SER F 109 23.72 16.06 11.31
N GLU F 110 23.71 16.01 9.99
CA GLU F 110 24.65 16.82 9.20
C GLU F 110 23.89 17.82 8.33
N LEU F 111 24.05 19.11 8.62
CA LEU F 111 23.38 20.15 7.86
C LEU F 111 23.80 20.06 6.39
N THR F 112 22.86 19.65 5.55
CA THR F 112 23.11 19.48 4.12
C THR F 112 22.63 20.64 3.24
N GLY F 113 21.59 21.33 3.69
CA GLY F 113 21.08 22.43 2.92
C GLY F 113 20.22 23.40 3.71
N ILE F 114 19.99 24.58 3.12
CA ILE F 114 19.17 25.60 3.76
C ILE F 114 18.08 26.05 2.79
N LEU F 115 16.83 25.95 3.23
CA LEU F 115 15.68 26.34 2.41
C LEU F 115 15.16 27.70 2.86
N TRP F 116 15.16 28.65 1.93
CA TRP F 116 14.72 30.00 2.26
C TRP F 116 13.60 30.49 1.36
N HIS F 117 12.59 31.12 1.97
CA HIS F 117 11.50 31.70 1.21
C HIS F 117 10.88 32.80 2.03
N GLN F 118 11.09 34.04 1.60
CA GLN F 118 10.56 35.20 2.30
C GLN F 118 10.58 36.39 1.36
N GLY F 119 9.70 37.36 1.61
CA GLY F 119 9.68 38.52 0.75
C GLY F 119 8.35 39.20 0.59
N GLU F 120 7.27 38.57 1.06
CA GLU F 120 5.96 39.19 0.95
C GLU F 120 5.94 40.47 1.79
N SER F 121 6.52 40.39 3.00
CA SER F 121 6.58 41.54 3.90
C SER F 121 7.62 42.58 3.49
N ASP F 122 8.15 42.46 2.28
CA ASP F 122 9.13 43.44 1.79
C ASP F 122 8.70 43.86 0.40
N SER F 123 7.52 43.41 -0.02
CA SER F 123 7.01 43.73 -1.35
C SER F 123 6.18 45.02 -1.39
N LEU F 124 6.59 46.00 -0.59
CA LEU F 124 5.90 47.28 -0.52
C LEU F 124 6.86 48.45 -0.25
N ASN F 125 6.36 49.65 -0.53
CA ASN F 125 7.07 50.90 -0.36
C ASN F 125 8.59 50.80 -0.35
N GLY F 126 9.15 50.36 -1.47
CA GLY F 126 10.59 50.25 -1.60
C GLY F 126 11.20 49.13 -0.78
N ASN F 127 12.20 49.49 0.00
CA ASN F 127 12.93 48.55 0.86
C ASN F 127 13.34 47.26 0.15
N TYR F 128 13.17 47.25 -1.17
CA TYR F 128 13.58 46.13 -1.99
C TYR F 128 14.93 46.59 -2.52
N LYS F 129 15.21 47.87 -2.32
CA LYS F 129 16.45 48.49 -2.76
C LYS F 129 17.53 48.18 -1.75
N VAL F 130 17.13 47.58 -0.64
CA VAL F 130 18.07 47.21 0.40
C VAL F 130 17.93 45.74 0.79
N TYR F 131 17.04 45.02 0.10
CA TYR F 131 16.80 43.60 0.37
C TYR F 131 18.06 42.75 0.16
N TYR F 132 18.69 42.90 -1.00
CA TYR F 132 19.89 42.15 -1.34
C TYR F 132 20.94 42.27 -0.24
N LYS F 133 21.47 43.48 -0.07
CA LYS F 133 22.51 43.73 0.94
C LYS F 133 22.09 43.21 2.30
N LYS F 134 20.78 43.22 2.55
CA LYS F 134 20.26 42.75 3.82
C LYS F 134 20.42 41.23 3.89
N LEU F 135 20.03 40.56 2.81
CA LEU F 135 20.10 39.10 2.71
C LEU F 135 21.54 38.60 2.78
N LEU F 136 22.43 39.33 2.13
CA LEU F 136 23.82 38.95 2.10
C LEU F 136 24.41 38.78 3.50
N LEU F 137 24.09 39.71 4.41
CA LEU F 137 24.59 39.64 5.78
C LEU F 137 24.00 38.46 6.54
N ILE F 138 22.74 38.13 6.21
CA ILE F 138 22.05 37.03 6.85
C ILE F 138 22.66 35.70 6.38
N ILE F 139 22.85 35.55 5.08
CA ILE F 139 23.43 34.34 4.53
C ILE F 139 24.87 34.18 4.98
N GLU F 140 25.62 35.29 4.94
CA GLU F 140 27.03 35.28 5.35
C GLU F 140 27.14 34.77 6.79
N ALA F 141 26.35 35.34 7.68
CA ALA F 141 26.38 34.94 9.09
C ALA F 141 25.98 33.48 9.29
N LEU F 142 25.06 33.00 8.46
CA LEU F 142 24.59 31.62 8.53
C LEU F 142 25.71 30.64 8.24
N ARG F 143 26.33 30.82 7.08
CA ARG F 143 27.41 29.95 6.68
C ARG F 143 28.53 29.96 7.72
N LYS F 144 28.93 31.15 8.16
CA LYS F 144 30.00 31.27 9.15
C LYS F 144 29.63 30.66 10.49
N GLU F 145 28.52 31.11 11.06
CA GLU F 145 28.04 30.62 12.35
C GLU F 145 27.85 29.11 12.39
N LEU F 146 27.23 28.57 11.34
CA LEU F 146 26.94 27.14 11.27
C LEU F 146 28.01 26.32 10.56
N ASN F 147 29.11 26.99 10.21
CA ASN F 147 30.23 26.33 9.53
C ASN F 147 29.82 25.51 8.32
N VAL F 148 29.09 26.13 7.40
CA VAL F 148 28.65 25.47 6.17
C VAL F 148 28.82 26.45 5.01
N PRO F 149 30.08 26.72 4.63
CA PRO F 149 30.50 27.62 3.56
C PRO F 149 30.11 27.26 2.13
N ASP F 150 29.73 26.02 1.89
CA ASP F 150 29.38 25.62 0.53
C ASP F 150 28.12 24.75 0.35
N ILE F 151 27.37 24.53 1.42
CA ILE F 151 26.15 23.74 1.30
C ILE F 151 25.20 24.58 0.47
N PRO F 152 24.44 23.93 -0.42
CA PRO F 152 23.50 24.68 -1.24
C PRO F 152 22.34 25.30 -0.48
N ILE F 153 22.15 26.60 -0.69
CA ILE F 153 21.06 27.32 -0.06
C ILE F 153 20.07 27.63 -1.21
N ILE F 154 18.85 27.10 -1.14
CA ILE F 154 17.86 27.31 -2.20
C ILE F 154 16.86 28.41 -1.85
N ILE F 155 16.60 29.32 -2.79
CA ILE F 155 15.66 30.40 -2.52
C ILE F 155 14.54 30.46 -3.57
N GLY F 156 13.30 30.50 -3.12
CA GLY F 156 12.16 30.55 -4.03
C GLY F 156 11.60 31.94 -4.26
N GLY F 157 10.93 32.12 -5.39
CA GLY F 157 10.35 33.42 -5.71
C GLY F 157 9.00 33.61 -5.07
N LEU F 158 8.39 34.78 -5.30
CA LEU F 158 7.09 35.07 -4.73
C LEU F 158 6.00 34.82 -5.76
N GLY F 159 4.83 34.42 -5.29
CA GLY F 159 3.72 34.14 -6.19
C GLY F 159 3.30 35.35 -7.00
N ASP F 160 2.86 35.10 -8.24
CA ASP F 160 2.42 36.17 -9.12
C ASP F 160 1.02 36.66 -8.75
N PHE F 161 0.40 36.02 -7.77
CA PHE F 161 -0.93 36.43 -7.35
C PHE F 161 -0.86 37.62 -6.39
N LEU F 162 0.35 37.87 -5.88
CA LEU F 162 0.55 38.97 -4.94
C LEU F 162 0.17 40.33 -5.50
N GLY F 163 -0.07 41.28 -4.58
CA GLY F 163 -0.43 42.64 -4.96
C GLY F 163 -1.70 42.76 -5.77
N LYS F 164 -2.69 41.93 -5.48
CA LYS F 164 -3.94 41.98 -6.23
C LYS F 164 -5.19 41.76 -5.38
N GLU F 165 -5.18 40.73 -4.54
CA GLU F 165 -6.34 40.45 -3.71
C GLU F 165 -6.10 40.55 -2.20
N ARG F 166 -7.13 40.98 -1.49
CA ARG F 166 -7.11 41.16 -0.05
C ARG F 166 -5.78 41.19 0.69
N PHE F 167 -5.52 40.18 1.53
CA PHE F 167 -4.29 40.13 2.32
C PHE F 167 -3.00 40.27 1.52
N GLY F 168 -3.06 40.06 0.21
CA GLY F 168 -1.86 40.18 -0.59
C GLY F 168 -1.82 41.44 -1.43
N LYS F 169 -2.92 42.19 -1.44
CA LYS F 169 -3.01 43.42 -2.24
C LYS F 169 -1.94 44.46 -1.91
N GLY F 170 -1.41 44.43 -0.70
CA GLY F 170 -0.40 45.38 -0.32
C GLY F 170 0.98 45.07 -0.89
N CYS F 171 1.16 43.87 -1.45
CA CYS F 171 2.44 43.44 -2.01
C CYS F 171 2.53 43.74 -3.50
N THR F 172 2.55 45.01 -3.84
CA THR F 172 2.60 45.41 -5.24
C THR F 172 4.02 45.45 -5.79
N GLU F 173 5.00 45.29 -4.92
CA GLU F 173 6.40 45.32 -5.35
C GLU F 173 7.03 43.94 -5.31
N TYR F 174 6.20 42.90 -5.29
CA TYR F 174 6.71 41.54 -5.22
C TYR F 174 7.69 41.24 -6.35
N ASN F 175 7.35 41.68 -7.56
CA ASN F 175 8.19 41.41 -8.70
C ASN F 175 9.56 42.07 -8.58
N PHE F 176 9.64 43.16 -7.82
CA PHE F 176 10.93 43.82 -7.63
C PHE F 176 11.77 43.00 -6.69
N ILE F 177 11.10 42.29 -5.78
CA ILE F 177 11.80 41.44 -4.83
C ILE F 177 12.30 40.21 -5.57
N ASN F 178 11.49 39.69 -6.48
CA ASN F 178 11.88 38.52 -7.25
C ASN F 178 13.17 38.80 -7.99
N LYS F 179 13.30 40.00 -8.57
CA LYS F 179 14.52 40.33 -9.28
C LYS F 179 15.71 40.29 -8.34
N GLU F 180 15.54 40.82 -7.13
CA GLU F 180 16.64 40.82 -6.18
C GLU F 180 16.97 39.39 -5.75
N LEU F 181 15.94 38.55 -5.64
CA LEU F 181 16.13 37.15 -5.25
C LEU F 181 16.92 36.43 -6.33
N GLN F 182 16.47 36.58 -7.57
CA GLN F 182 17.16 35.96 -8.70
C GLN F 182 18.61 36.45 -8.76
N LYS F 183 18.81 37.77 -8.84
CA LYS F 183 20.16 38.34 -8.90
C LYS F 183 21.04 37.72 -7.81
N PHE F 184 20.56 37.79 -6.57
CA PHE F 184 21.31 37.25 -5.45
C PHE F 184 21.77 35.83 -5.71
N ALA F 185 20.87 35.01 -6.23
CA ALA F 185 21.19 33.62 -6.50
C ALA F 185 22.31 33.47 -7.52
N PHE F 186 22.19 34.15 -8.66
CA PHE F 186 23.21 34.04 -9.71
C PHE F 186 24.57 34.51 -9.25
N GLU F 187 24.60 35.70 -8.66
CA GLU F 187 25.85 36.29 -8.18
C GLU F 187 26.47 35.55 -7.01
N GLN F 188 25.66 35.18 -6.03
CA GLN F 188 26.21 34.50 -4.86
C GLN F 188 26.50 33.02 -5.08
N ASP F 189 27.58 32.57 -4.47
CA ASP F 189 28.00 31.18 -4.59
C ASP F 189 27.11 30.21 -3.84
N ASN F 190 26.83 29.08 -4.50
CA ASN F 190 26.02 28.02 -3.93
C ASN F 190 24.61 28.45 -3.53
N CYS F 191 24.00 29.30 -4.35
CA CYS F 191 22.65 29.78 -4.13
C CYS F 191 21.89 29.53 -5.40
N TYR F 192 20.70 28.96 -5.30
CA TYR F 192 19.91 28.68 -6.50
C TYR F 192 18.49 29.20 -6.35
N PHE F 193 17.99 29.79 -7.44
CA PHE F 193 16.65 30.36 -7.48
C PHE F 193 15.63 29.35 -7.94
N VAL F 194 14.40 29.48 -7.47
CA VAL F 194 13.35 28.56 -7.86
C VAL F 194 12.10 29.35 -8.22
N THR F 195 11.74 29.37 -9.49
CA THR F 195 10.56 30.12 -9.91
C THR F 195 9.27 29.66 -9.22
N ALA F 196 8.32 30.59 -9.07
CA ALA F 196 7.04 30.28 -8.46
C ALA F 196 5.92 30.41 -9.47
N SER F 197 6.29 30.41 -10.74
CA SER F 197 5.30 30.52 -11.80
C SER F 197 4.28 29.42 -11.65
N GLY F 198 3.07 29.71 -12.12
CA GLY F 198 1.99 28.75 -12.08
C GLY F 198 1.41 28.53 -10.71
N LEU F 199 2.18 28.78 -9.67
CA LEU F 199 1.67 28.55 -8.32
C LEU F 199 0.48 29.45 -8.00
N THR F 200 -0.55 28.86 -7.41
CA THR F 200 -1.75 29.58 -7.03
C THR F 200 -1.83 29.77 -5.53
N CYS F 201 -2.78 30.58 -5.07
CA CYS F 201 -2.90 30.87 -3.63
C CYS F 201 -4.25 30.59 -3.02
N ASN F 202 -4.28 30.55 -1.70
CA ASN F 202 -5.52 30.34 -0.98
C ASN F 202 -6.41 31.58 -1.12
N PRO F 203 -7.63 31.56 -0.55
CA PRO F 203 -8.53 32.70 -0.62
C PRO F 203 -7.97 34.01 -0.09
N ASP F 204 -7.11 33.95 0.91
CA ASP F 204 -6.56 35.19 1.45
C ASP F 204 -5.72 35.99 0.47
N GLY F 205 -5.48 35.45 -0.72
CA GLY F 205 -4.69 36.17 -1.70
C GLY F 205 -3.22 36.40 -1.38
N ILE F 206 -2.68 35.73 -0.39
CA ILE F 206 -1.28 35.95 -0.08
C ILE F 206 -0.48 34.66 0.14
N HIS F 207 -1.16 33.59 0.55
CA HIS F 207 -0.53 32.29 0.82
C HIS F 207 -0.70 31.24 -0.27
N ILE F 208 0.43 30.63 -0.67
CA ILE F 208 0.44 29.58 -1.71
C ILE F 208 -0.38 28.41 -1.20
N ASP F 209 -1.25 27.86 -2.04
CA ASP F 209 -2.10 26.73 -1.63
C ASP F 209 -1.37 25.36 -1.57
N ALA F 210 -2.02 24.38 -0.95
CA ALA F 210 -1.44 23.05 -0.78
C ALA F 210 -0.91 22.43 -2.08
N ILE F 211 -1.76 22.35 -3.08
CA ILE F 211 -1.36 21.80 -4.37
C ILE F 211 -0.10 22.47 -4.88
N SER F 212 -0.11 23.80 -4.90
CA SER F 212 1.03 24.56 -5.39
C SER F 212 2.25 24.44 -4.50
N GLN F 213 2.01 24.29 -3.21
CA GLN F 213 3.07 24.16 -2.24
C GLN F 213 3.77 22.79 -2.46
N ARG F 214 3.03 21.80 -2.96
CA ARG F 214 3.59 20.48 -3.23
C ARG F 214 4.47 20.55 -4.47
N LYS F 215 4.02 21.24 -5.51
CA LYS F 215 4.82 21.37 -6.72
C LYS F 215 6.07 22.18 -6.40
N PHE F 216 5.88 23.21 -5.59
CA PHE F 216 6.97 24.10 -5.22
C PHE F 216 8.08 23.31 -4.54
N GLY F 217 7.71 22.30 -3.77
CA GLY F 217 8.72 21.50 -3.09
C GLY F 217 9.60 20.76 -4.07
N LEU F 218 8.99 20.21 -5.13
CA LEU F 218 9.73 19.48 -6.14
C LEU F 218 10.78 20.35 -6.82
N ARG F 219 10.40 21.57 -7.17
CA ARG F 219 11.31 22.50 -7.81
C ARG F 219 12.48 22.82 -6.90
N TYR F 220 12.22 22.89 -5.59
CA TYR F 220 13.28 23.17 -4.62
C TYR F 220 14.31 22.03 -4.66
N PHE F 221 13.82 20.79 -4.70
CA PHE F 221 14.69 19.63 -4.73
C PHE F 221 15.39 19.54 -6.07
N GLU F 222 14.67 19.90 -7.12
CA GLU F 222 15.21 19.89 -8.45
C GLU F 222 16.44 20.82 -8.47
N ALA F 223 16.34 21.94 -7.77
CA ALA F 223 17.44 22.88 -7.75
C ALA F 223 18.57 22.40 -6.88
N PHE F 224 18.21 21.84 -5.73
CA PHE F 224 19.18 21.33 -4.77
C PHE F 224 19.97 20.14 -5.31
N PHE F 225 19.24 19.13 -5.75
CA PHE F 225 19.86 17.92 -6.24
C PHE F 225 20.80 18.12 -7.42
N ASN F 226 20.41 18.99 -8.34
CA ASN F 226 21.22 19.25 -9.53
C ASN F 226 22.04 20.53 -9.43
N ARG F 227 21.93 21.24 -8.30
CA ARG F 227 22.63 22.50 -8.12
C ARG F 227 22.44 23.45 -9.32
N LYS F 228 21.19 23.72 -9.67
CA LYS F 228 20.88 24.60 -10.79
C LYS F 228 19.71 25.53 -10.47
N HIS F 229 19.45 26.49 -11.36
CA HIS F 229 18.35 27.44 -11.18
C HIS F 229 17.12 26.89 -11.90
N VAL F 230 15.99 26.82 -11.20
CA VAL F 230 14.77 26.33 -11.83
C VAL F 230 13.95 27.55 -12.26
N LEU F 231 14.16 27.98 -13.49
CA LEU F 231 13.47 29.14 -14.03
C LEU F 231 12.11 28.82 -14.63
N GLU F 232 11.85 27.53 -14.81
CA GLU F 232 10.58 27.07 -15.37
C GLU F 232 10.05 25.90 -14.56
N PRO F 233 8.73 25.73 -14.54
CA PRO F 233 8.19 24.61 -13.78
C PRO F 233 8.59 23.27 -14.44
N LEU F 234 8.79 22.25 -13.61
CA LEU F 234 9.14 20.92 -14.09
C LEU F 234 7.98 20.43 -14.92
N ILE F 235 8.27 19.70 -15.98
CA ILE F 235 7.19 19.21 -16.84
C ILE F 235 6.29 18.13 -16.25
N ASN F 236 6.90 17.12 -15.65
CA ASN F 236 6.14 16.02 -15.07
C ASN F 236 5.75 16.35 -13.63
N GLU F 237 5.59 17.63 -13.35
CA GLU F 237 5.27 18.08 -12.00
C GLU F 237 4.14 17.30 -11.35
N ASN F 238 2.99 17.24 -12.02
CA ASN F 238 1.86 16.50 -11.47
C ASN F 238 2.13 15.01 -11.29
N GLU F 239 2.57 14.35 -12.36
CA GLU F 239 2.82 12.91 -12.31
C GLU F 239 3.94 12.54 -11.37
N LEU F 240 4.92 13.42 -11.27
CA LEU F 240 6.06 13.21 -10.40
C LEU F 240 5.56 13.10 -8.96
N LEU F 241 4.56 13.91 -8.62
CA LEU F 241 3.98 13.88 -7.28
C LEU F 241 3.17 12.62 -7.06
N ASN F 242 2.34 12.25 -8.03
CA ASN F 242 1.52 11.05 -7.90
C ASN F 242 2.40 9.83 -7.73
N LEU F 243 3.58 9.87 -8.34
CA LEU F 243 4.51 8.76 -8.25
C LEU F 243 4.94 8.58 -6.80
N ASN F 244 5.11 9.69 -6.08
CA ASN F 244 5.50 9.59 -4.69
C ASN F 244 4.32 9.22 -3.80
N TYR F 245 3.11 9.59 -4.22
CA TYR F 245 1.90 9.31 -3.47
C TYR F 245 1.53 7.83 -3.57
N ALA F 246 1.81 7.23 -4.72
CA ALA F 246 1.50 5.82 -4.96
C ALA F 246 2.42 4.88 -4.19
N ARG F 247 3.61 5.34 -3.82
CA ARG F 247 4.57 4.53 -3.09
C ARG F 247 3.87 3.71 -2.00
N THR F 248 4.23 2.44 -1.89
CA THR F 248 3.64 1.56 -0.89
C THR F 248 4.27 1.84 0.47
N HIS F 249 3.45 1.89 1.52
CA HIS F 249 3.95 2.17 2.86
C HIS F 249 4.53 0.99 3.62
N THR F 250 5.51 1.27 4.45
CA THR F 250 6.16 0.28 5.26
C THR F 250 5.21 -0.17 6.34
N LYS F 251 5.55 -1.27 7.02
CA LYS F 251 4.70 -1.79 8.08
C LYS F 251 4.70 -0.77 9.22
N ALA F 252 5.86 -0.22 9.53
CA ALA F 252 6.00 0.76 10.60
C ALA F 252 5.18 2.03 10.31
N GLU F 253 5.14 2.41 9.04
CA GLU F 253 4.37 3.59 8.64
C GLU F 253 2.88 3.37 8.79
N LYS F 254 2.35 2.30 8.21
CA LYS F 254 0.91 2.07 8.33
C LYS F 254 0.46 1.79 9.75
N ILE F 255 1.42 1.42 10.61
CA ILE F 255 1.11 1.18 12.02
C ILE F 255 1.09 2.53 12.70
N TYR F 256 1.78 3.50 12.10
CA TYR F 256 1.85 4.84 12.64
C TYR F 256 0.55 5.60 12.39
N ILE F 257 0.02 5.49 11.19
CA ILE F 257 -1.22 6.20 10.89
C ILE F 257 -2.34 5.64 11.77
N LYS F 258 -2.23 4.37 12.12
CA LYS F 258 -3.23 3.73 12.96
C LYS F 258 -3.06 4.12 14.43
N SER F 259 -1.80 4.28 14.85
CA SER F 259 -1.52 4.64 16.22
C SER F 259 -2.00 6.05 16.46
N MSE F 260 -1.96 6.84 15.40
CA MSE F 260 -2.39 8.23 15.48
C MSE F 260 -3.90 8.32 15.47
O MSE F 260 -4.49 9.05 16.25
CB MSE F 260 -1.79 8.99 14.32
CG MSE F 260 -1.40 10.40 14.68
SE MSE F 260 -0.48 11.26 13.20
CE MSE F 260 -2.01 11.66 12.13
N ASP F 261 -4.53 7.55 14.58
CA ASP F 261 -5.99 7.53 14.51
C ASP F 261 -6.56 7.28 15.89
N PHE F 262 -5.98 6.32 16.58
CA PHE F 262 -6.44 5.97 17.92
C PHE F 262 -6.09 7.09 18.90
N ALA F 263 -4.84 7.54 18.85
CA ALA F 263 -4.35 8.59 19.74
C ALA F 263 -5.22 9.85 19.68
N LEU F 264 -5.81 10.11 18.52
CA LEU F 264 -6.67 11.28 18.37
C LEU F 264 -8.13 10.97 18.66
N GLY F 265 -8.41 9.72 19.00
CA GLY F 265 -9.77 9.34 19.30
C GLY F 265 -10.65 9.07 18.08
N LYS F 266 -10.04 8.93 16.90
CA LYS F 266 -10.81 8.67 15.70
C LYS F 266 -11.32 7.23 15.61
N ILE F 267 -10.77 6.35 16.43
CA ILE F 267 -11.22 4.95 16.41
C ILE F 267 -11.17 4.35 17.80
N SER F 268 -11.87 3.22 17.95
CA SER F 268 -11.94 2.48 19.19
C SER F 268 -10.64 1.74 19.46
N TYR F 269 -10.44 1.31 20.71
CA TYR F 269 -9.23 0.57 21.03
C TYR F 269 -9.26 -0.80 20.37
N ASP F 270 -10.44 -1.44 20.36
CA ASP F 270 -10.56 -2.75 19.74
C ASP F 270 -10.40 -2.61 18.23
N GLU F 271 -10.90 -1.50 17.71
CA GLU F 271 -10.81 -1.24 16.27
C GLU F 271 -9.33 -1.02 15.94
N PHE F 272 -8.62 -0.39 16.87
CA PHE F 272 -7.19 -0.12 16.73
C PHE F 272 -6.39 -1.42 16.78
N THR F 273 -6.80 -2.31 17.69
CA THR F 273 -6.16 -3.61 17.84
C THR F 273 -6.36 -4.45 16.58
N SER F 274 -7.60 -4.58 16.16
CA SER F 274 -7.93 -5.36 14.96
C SER F 274 -7.14 -4.84 13.76
N GLU F 275 -7.01 -3.52 13.66
CA GLU F 275 -6.28 -2.93 12.54
C GLU F 275 -4.79 -3.23 12.63
N LEU F 276 -4.27 -3.32 13.85
CA LEU F 276 -2.85 -3.61 14.02
C LEU F 276 -2.52 -5.05 13.65
N MSE F 277 -3.42 -5.97 13.97
CA MSE F 277 -3.22 -7.37 13.64
C MSE F 277 -3.23 -7.55 12.14
O MSE F 277 -2.37 -8.25 11.59
CB MSE F 277 -4.33 -8.23 14.27
CG MSE F 277 -4.33 -8.24 15.79
SE MSE F 277 -2.59 -8.64 16.53
CE MSE F 277 -2.51 -10.56 16.18
N LYS F 278 -4.19 -6.93 11.46
CA LYS F 278 -4.31 -7.03 10.00
C LYS F 278 -2.97 -6.68 9.37
N ILE F 279 -2.29 -5.68 9.93
CA ILE F 279 -1.00 -5.24 9.42
C ILE F 279 0.07 -6.28 9.71
N ASN F 280 -0.06 -6.95 10.84
CA ASN F 280 0.90 -7.97 11.24
C ASN F 280 0.71 -9.27 10.47
N ASN F 281 -0.55 -9.68 10.29
CA ASN F 281 -0.86 -10.92 9.58
C ASN F 281 -0.67 -10.78 8.07
N ASP F 282 -0.86 -9.56 7.56
CA ASP F 282 -0.74 -9.31 6.13
C ASP F 282 0.51 -9.93 5.53
N LEU F 283 0.36 -10.46 4.32
CA LEU F 283 1.46 -11.11 3.59
C LEU F 283 2.44 -10.12 2.96
N GLU F 284 2.14 -9.76 1.71
CA GLU F 284 2.95 -8.83 0.93
C GLU F 284 2.08 -7.61 0.57
#